data_4D1G
#
_entry.id   4D1G
#
_cell.length_a   96.770
_cell.length_b   96.750
_cell.length_c   153.290
_cell.angle_alpha   90.00
_cell.angle_beta   90.00
_cell.angle_gamma   90.00
#
_symmetry.space_group_name_H-M   'P 21 21 21'
#
loop_
_entity.id
_entity.type
_entity.pdbx_description
1 polymer 'FIBER PROTEIN'
2 non-polymer 3,6,9,12,15,18,21-HEPTAOXATRICOSANE-1,23-DIOL
3 non-polymer 'SULFATE ION'
4 water water
#
_entity_poly.entity_id   1
_entity_poly.type   'polypeptide(L)'
_entity_poly.pdbx_seq_one_letter_code
;GSSHHHHHHSSGLVPRGSHMASMTGGQQMGRGSPSPPSKTSLDIAEELQNDKGVSFAFQAREEELGAFTKRTLFAYSGDG
LTGPFKAPASAELSSFLTAHPKGRWLIAFPLGTGIVSVDEGILTLEISRSLPEVGSGSSFYLTEK
;
_entity_poly.pdbx_strand_id   A,B,C,D,E,F,G,H,I,J,K,L
#
loop_
_chem_comp.id
_chem_comp.type
_chem_comp.name
_chem_comp.formula
PE8 non-polymer 3,6,9,12,15,18,21-HEPTAOXATRICOSANE-1,23-DIOL 'C16 H34 O9'
SO4 non-polymer 'SULFATE ION' 'O4 S -2'
#
# COMPACT_ATOMS: atom_id res chain seq x y z
N LYS A 39 36.39 21.57 -12.18
CA LYS A 39 34.94 21.29 -12.41
C LYS A 39 34.10 21.76 -11.23
N THR A 40 34.58 21.55 -10.01
CA THR A 40 33.85 21.94 -8.80
C THR A 40 34.08 23.41 -8.40
N SER A 41 33.07 24.25 -8.64
CA SER A 41 33.14 25.68 -8.33
C SER A 41 32.64 26.07 -6.94
N LEU A 42 31.78 25.24 -6.34
CA LEU A 42 31.34 25.48 -4.98
C LEU A 42 31.19 24.14 -4.25
N ASP A 43 31.71 24.07 -3.03
CA ASP A 43 31.54 22.89 -2.20
C ASP A 43 31.50 23.31 -0.75
N ILE A 44 30.30 23.48 -0.23
CA ILE A 44 30.15 23.94 1.15
C ILE A 44 29.29 22.99 2.00
N ALA A 45 29.55 22.97 3.30
CA ALA A 45 28.80 22.16 4.25
C ALA A 45 28.50 22.97 5.48
N GLU A 46 27.35 22.70 6.09
CA GLU A 46 27.04 23.28 7.38
C GLU A 46 26.04 22.47 8.13
N GLU A 47 26.03 22.66 9.45
CA GLU A 47 25.15 21.96 10.36
C GLU A 47 24.08 22.92 10.86
N LEU A 48 22.82 22.54 10.69
CA LEU A 48 21.70 23.36 11.13
C LEU A 48 20.99 22.63 12.23
N GLN A 49 20.36 23.38 13.13
CA GLN A 49 19.65 22.83 14.27
C GLN A 49 18.40 23.64 14.55
N ASN A 50 17.27 22.97 14.79
CA ASN A 50 16.03 23.67 15.11
C ASN A 50 15.92 23.93 16.62
N ASP A 51 14.82 24.57 17.04
CA ASP A 51 14.61 24.87 18.47
C ASP A 51 14.34 23.64 19.33
N LYS A 52 14.07 22.49 18.71
CA LYS A 52 13.77 21.27 19.44
C LYS A 52 14.92 20.26 19.41
N GLY A 53 16.14 20.73 19.11
CA GLY A 53 17.33 19.89 19.19
C GLY A 53 17.69 18.98 18.00
N VAL A 54 16.77 18.84 17.03
CA VAL A 54 17.06 18.09 15.77
C VAL A 54 18.18 18.79 14.99
N SER A 55 19.20 18.04 14.57
CA SER A 55 20.24 18.61 13.74
C SER A 55 20.42 17.90 12.40
N PHE A 56 20.71 18.72 11.38
CA PHE A 56 20.96 18.26 10.00
C PHE A 56 22.28 18.81 9.56
N ALA A 57 23.02 18.01 8.81
CA ALA A 57 24.14 18.48 8.05
C ALA A 57 23.74 18.58 6.56
N PHE A 58 24.08 19.71 5.94
CA PHE A 58 23.79 19.91 4.51
C PHE A 58 25.10 20.15 3.80
N GLN A 59 25.21 19.62 2.59
CA GLN A 59 26.32 19.95 1.71
C GLN A 59 25.76 20.42 0.39
N ALA A 60 26.29 21.53 -0.10
CA ALA A 60 25.87 22.09 -1.34
C ALA A 60 27.06 22.09 -2.29
N ARG A 61 26.87 21.51 -3.47
CA ARG A 61 27.96 21.39 -4.45
C ARG A 61 27.56 21.87 -5.83
N GLU A 62 28.41 22.70 -6.44
CA GLU A 62 28.21 23.10 -7.81
C GLU A 62 29.34 22.57 -8.69
N GLU A 63 29.00 21.96 -9.80
CA GLU A 63 30.00 21.47 -10.77
C GLU A 63 29.67 21.98 -12.14
N GLU A 64 30.70 22.21 -12.97
CA GLU A 64 30.50 22.49 -14.38
C GLU A 64 31.08 21.37 -15.19
N LEU A 65 30.32 20.90 -16.17
CA LEU A 65 30.81 19.88 -17.11
C LEU A 65 30.29 20.15 -18.50
N GLY A 66 31.20 20.47 -19.41
CA GLY A 66 30.81 20.86 -20.74
C GLY A 66 29.93 22.08 -20.71
N ALA A 67 28.81 21.98 -21.39
CA ALA A 67 27.83 23.06 -21.53
C ALA A 67 26.84 23.10 -20.36
N PHE A 68 27.08 22.30 -19.33
CA PHE A 68 26.11 22.11 -18.22
C PHE A 68 26.66 22.49 -16.87
N THR A 69 25.75 22.85 -15.96
CA THR A 69 26.09 23.01 -14.55
C THR A 69 25.25 21.99 -13.79
N LYS A 70 25.81 21.43 -12.73
CA LYS A 70 25.06 20.52 -11.84
C LYS A 70 25.10 21.06 -10.43
N ARG A 71 23.92 21.17 -9.82
CA ARG A 71 23.84 21.64 -8.44
C ARG A 71 23.27 20.52 -7.60
N THR A 72 24.00 20.09 -6.57
CA THR A 72 23.56 18.98 -5.70
C THR A 72 23.51 19.41 -4.26
N LEU A 73 22.37 19.12 -3.63
CA LEU A 73 22.17 19.29 -2.20
C LEU A 73 22.18 17.90 -1.55
N PHE A 74 23.11 17.70 -0.59
CA PHE A 74 23.18 16.46 0.21
C PHE A 74 22.68 16.78 1.59
N ALA A 75 21.85 15.89 2.14
CA ALA A 75 21.31 16.10 3.47
C ALA A 75 21.44 14.85 4.31
N TYR A 76 21.84 15.04 5.56
CA TYR A 76 21.93 13.96 6.55
C TYR A 76 21.43 14.38 7.94
N SER A 77 20.62 13.51 8.56
CA SER A 77 20.33 13.57 9.99
C SER A 77 20.22 12.18 10.61
N GLY A 78 20.68 12.07 11.86
CA GLY A 78 20.50 10.85 12.67
C GLY A 78 19.17 10.82 13.38
N ASP A 79 18.52 11.97 13.44
CA ASP A 79 17.29 12.12 14.19
C ASP A 79 16.10 11.62 13.39
N GLY A 80 15.00 11.39 14.09
CA GLY A 80 13.70 11.29 13.47
C GLY A 80 13.16 12.68 13.24
N LEU A 81 12.09 12.78 12.48
CA LEU A 81 11.43 14.05 12.22
C LEU A 81 9.98 13.79 12.20
N THR A 82 9.18 14.56 12.91
N THR A 82 9.36 14.38 13.21
CA THR A 82 7.73 14.27 12.88
CA THR A 82 7.98 14.68 13.26
C THR A 82 6.80 15.37 12.32
C THR A 82 7.95 16.12 12.81
N GLY A 83 7.42 16.32 11.61
CA GLY A 83 6.88 17.62 11.18
C GLY A 83 8.06 18.42 10.62
N PRO A 84 7.79 19.62 10.04
CA PRO A 84 8.85 20.36 9.33
C PRO A 84 10.08 20.69 10.18
N PHE A 85 11.25 20.64 9.55
CA PHE A 85 12.46 21.10 10.16
C PHE A 85 12.73 22.52 9.69
N LYS A 86 12.91 23.46 10.62
CA LYS A 86 13.22 24.86 10.27
C LYS A 86 14.43 25.36 11.02
N ALA A 87 15.36 26.00 10.31
CA ALA A 87 16.59 26.53 10.92
C ALA A 87 17.25 27.56 10.02
N PRO A 88 17.98 28.52 10.63
CA PRO A 88 18.66 29.54 9.86
C PRO A 88 19.79 28.95 9.06
N ALA A 89 19.84 29.29 7.79
CA ALA A 89 20.96 28.90 6.92
C ALA A 89 21.87 30.10 6.67
N SER A 90 23.13 29.83 6.33
CA SER A 90 24.08 30.86 5.95
C SER A 90 23.63 31.58 4.67
N ALA A 91 24.20 32.75 4.42
CA ALA A 91 23.88 33.51 3.22
C ALA A 91 24.21 32.70 1.98
N GLU A 92 25.32 31.97 2.02
CA GLU A 92 25.79 31.25 0.84
C GLU A 92 24.93 30.01 0.56
N LEU A 93 24.56 29.29 1.59
CA LEU A 93 23.61 28.17 1.40
C LEU A 93 22.23 28.66 0.94
N SER A 94 21.73 29.71 1.56
CA SER A 94 20.46 30.30 1.15
C SER A 94 20.44 30.65 -0.32
N SER A 95 21.49 31.30 -0.80
CA SER A 95 21.56 31.68 -2.20
C SER A 95 21.64 30.45 -3.13
N PHE A 96 22.48 29.48 -2.76
CA PHE A 96 22.51 28.19 -3.48
C PHE A 96 21.12 27.61 -3.59
N LEU A 97 20.40 27.58 -2.47
CA LEU A 97 19.08 26.92 -2.45
C LEU A 97 18.02 27.66 -3.27
N THR A 98 18.16 28.99 -3.42
CA THR A 98 17.24 29.78 -4.24
CA THR A 98 17.19 29.72 -4.25
C THR A 98 17.32 29.43 -5.73
N ALA A 99 18.49 28.98 -6.15
CA ALA A 99 18.78 28.74 -7.56
C ALA A 99 18.42 27.33 -7.92
N HIS A 100 17.13 27.05 -7.90
CA HIS A 100 16.59 25.81 -8.40
C HIS A 100 15.43 26.20 -9.30
N PRO A 101 15.34 25.60 -10.52
CA PRO A 101 14.24 25.90 -11.45
C PRO A 101 12.83 25.68 -10.88
N LYS A 102 12.73 24.82 -9.86
CA LYS A 102 11.45 24.58 -9.21
C LYS A 102 11.26 25.47 -7.97
N GLY A 103 12.28 26.23 -7.60
CA GLY A 103 12.23 27.07 -6.38
C GLY A 103 12.31 26.26 -5.08
N ARG A 104 12.53 24.95 -5.17
CA ARG A 104 12.66 24.11 -3.98
C ARG A 104 13.30 22.77 -4.40
N TRP A 105 13.63 21.92 -3.43
CA TRP A 105 14.42 20.73 -3.72
C TRP A 105 13.69 19.47 -3.23
N LEU A 106 13.14 18.72 -4.17
CA LEU A 106 12.48 17.45 -3.86
C LEU A 106 13.59 16.45 -3.55
N ILE A 107 13.53 15.81 -2.37
CA ILE A 107 14.61 14.94 -1.92
C ILE A 107 14.10 13.62 -1.35
N ALA A 108 14.71 12.52 -1.80
CA ALA A 108 14.27 11.20 -1.34
C ALA A 108 15.16 10.79 -0.17
N PHE A 109 14.53 10.45 0.95
CA PHE A 109 15.26 9.79 2.05
C PHE A 109 14.85 8.34 2.06
N PRO A 110 15.56 7.47 2.80
CA PRO A 110 15.16 6.05 2.70
C PRO A 110 13.73 5.75 3.12
N LEU A 111 13.20 6.44 4.12
CA LEU A 111 11.86 6.16 4.64
C LEU A 111 10.79 7.19 4.28
N GLY A 112 11.11 8.20 3.48
CA GLY A 112 10.04 9.14 3.05
C GLY A 112 10.64 10.21 2.17
N THR A 113 9.82 11.17 1.74
CA THR A 113 10.22 12.17 0.74
C THR A 113 10.16 13.51 1.43
N GLY A 114 11.07 14.41 1.08
CA GLY A 114 11.09 15.74 1.65
C GLY A 114 11.13 16.81 0.56
N ILE A 115 10.83 18.06 0.95
CA ILE A 115 11.07 19.22 0.09
C ILE A 115 11.84 20.24 0.91
N VAL A 116 13.03 20.63 0.44
CA VAL A 116 13.85 21.67 1.08
C VAL A 116 13.64 22.99 0.32
N SER A 117 13.40 24.06 1.08
CA SER A 117 13.24 25.37 0.50
C SER A 117 13.85 26.39 1.45
N VAL A 118 14.02 27.63 0.98
CA VAL A 118 14.58 28.70 1.82
C VAL A 118 13.71 29.97 1.63
N ASP A 119 13.56 30.75 2.69
CA ASP A 119 12.80 32.01 2.63
C ASP A 119 13.41 32.91 3.66
N GLU A 120 13.99 34.02 3.19
CA GLU A 120 14.62 35.01 4.07
C GLU A 120 15.62 34.37 5.04
N GLY A 121 16.56 33.59 4.50
CA GLY A 121 17.61 32.95 5.29
C GLY A 121 17.19 31.80 6.20
N ILE A 122 15.92 31.38 6.15
CA ILE A 122 15.43 30.28 6.97
C ILE A 122 15.23 29.06 6.08
N LEU A 123 15.94 27.97 6.36
CA LEU A 123 15.75 26.71 5.62
C LEU A 123 14.58 25.95 6.23
N THR A 124 13.69 25.44 5.38
CA THR A 124 12.60 24.55 5.79
C THR A 124 12.69 23.23 5.01
N LEU A 125 12.61 22.12 5.73
CA LEU A 125 12.45 20.80 5.11
C LEU A 125 11.12 20.25 5.57
N GLU A 126 10.21 20.03 4.64
CA GLU A 126 8.94 19.42 4.94
C GLU A 126 8.99 17.97 4.44
N ILE A 127 8.32 17.07 5.16
CA ILE A 127 8.43 15.64 4.92
C ILE A 127 7.05 15.00 4.71
N SER A 128 7.02 13.89 3.96
CA SER A 128 5.78 13.29 3.50
C SER A 128 5.07 12.51 4.62
N ARG A 129 5.84 12.09 5.62
CA ARG A 129 5.38 11.25 6.73
C ARG A 129 6.34 11.48 7.86
N SER A 130 5.93 11.21 9.09
CA SER A 130 6.86 11.18 10.19
C SER A 130 7.98 10.12 9.96
N LEU A 131 9.22 10.51 10.24
CA LEU A 131 10.38 9.64 9.95
C LEU A 131 11.03 9.17 11.24
N PRO A 132 10.92 7.86 11.55
CA PRO A 132 11.60 7.33 12.76
C PRO A 132 13.07 7.68 12.72
N GLU A 133 13.63 7.69 11.51
CA GLU A 133 15.00 8.06 11.25
C GLU A 133 15.04 8.73 9.87
N VAL A 134 15.81 9.81 9.75
CA VAL A 134 15.90 10.54 8.46
C VAL A 134 16.91 9.87 7.54
N GLY A 135 18.12 9.65 8.03
CA GLY A 135 19.19 9.07 7.24
C GLY A 135 19.73 10.11 6.27
N SER A 136 20.09 9.67 5.05
CA SER A 136 20.75 10.55 4.10
C SER A 136 20.03 10.56 2.76
N GLY A 137 20.24 11.61 2.00
CA GLY A 137 19.64 11.70 0.66
C GLY A 137 20.27 12.86 -0.10
N SER A 138 19.97 12.93 -1.40
CA SER A 138 20.48 14.07 -2.16
C SER A 138 19.48 14.42 -3.24
N SER A 139 19.53 15.68 -3.67
CA SER A 139 18.65 16.19 -4.71
C SER A 139 19.53 17.03 -5.63
N PHE A 140 19.45 16.83 -6.93
CA PHE A 140 20.27 17.66 -7.80
C PHE A 140 19.49 18.15 -8.99
N TYR A 141 20.01 19.14 -9.68
CA TYR A 141 19.50 19.37 -11.03
C TYR A 141 20.63 19.72 -11.96
N LEU A 142 20.36 19.55 -13.24
CA LEU A 142 21.35 19.77 -14.28
C LEU A 142 20.70 20.64 -15.28
N THR A 143 21.43 21.67 -15.71
CA THR A 143 20.91 22.55 -16.72
C THR A 143 22.04 23.21 -17.52
N GLU A 144 21.72 23.70 -18.72
CA GLU A 144 22.69 24.47 -19.53
C GLU A 144 23.24 25.64 -18.73
N LYS A 145 24.58 25.74 -18.67
CA LYS A 145 25.23 26.88 -18.01
C LYS A 145 25.23 28.09 -18.95
N SER B 38 41.90 7.43 -7.40
CA SER B 38 40.59 7.41 -8.12
C SER B 38 40.51 8.49 -9.23
N LYS B 39 40.42 8.04 -10.48
CA LYS B 39 40.40 8.97 -11.63
C LYS B 39 39.11 8.89 -12.45
N THR B 40 38.59 10.06 -12.80
CA THR B 40 37.42 10.17 -13.68
C THR B 40 37.88 10.12 -15.14
N SER B 41 37.38 9.14 -15.88
CA SER B 41 37.76 9.02 -17.27
C SER B 41 36.68 9.45 -18.27
N LEU B 42 35.46 9.67 -17.80
CA LEU B 42 34.38 10.20 -18.63
C LEU B 42 33.46 11.02 -17.75
N ASP B 43 33.03 12.19 -18.20
CA ASP B 43 32.03 12.95 -17.49
C ASP B 43 31.32 13.83 -18.49
N ILE B 44 30.17 13.36 -18.98
CA ILE B 44 29.49 14.05 -20.07
C ILE B 44 28.04 14.31 -19.69
N ALA B 45 27.44 15.34 -20.29
CA ALA B 45 26.05 15.68 -19.99
C ALA B 45 25.36 16.12 -21.24
N GLU B 46 24.07 15.82 -21.34
CA GLU B 46 23.26 16.29 -22.44
C GLU B 46 21.82 16.37 -22.05
N GLU B 47 21.08 17.20 -22.78
CA GLU B 47 19.67 17.44 -22.54
C GLU B 47 18.92 16.80 -23.68
N LEU B 48 17.93 15.97 -23.37
CA LEU B 48 17.12 15.30 -24.38
C LEU B 48 15.68 15.78 -24.28
N GLN B 49 14.95 15.76 -25.40
CA GLN B 49 13.55 16.15 -25.43
C GLN B 49 12.78 15.22 -26.33
N ASN B 50 11.57 14.84 -25.89
CA ASN B 50 10.73 13.99 -26.70
C ASN B 50 9.83 14.86 -27.57
N ASP B 51 8.91 14.23 -28.29
CA ASP B 51 8.01 14.97 -29.23
C ASP B 51 6.92 15.81 -28.54
N LYS B 52 6.72 15.56 -27.25
CA LYS B 52 5.67 16.20 -26.47
C LYS B 52 6.23 17.23 -25.50
N GLY B 53 7.47 17.65 -25.74
CA GLY B 53 8.10 18.73 -24.95
C GLY B 53 8.62 18.41 -23.54
N VAL B 54 8.59 17.13 -23.14
CA VAL B 54 9.22 16.72 -21.88
C VAL B 54 10.75 16.72 -22.09
N SER B 55 11.49 17.32 -21.16
CA SER B 55 12.96 17.30 -21.26
C SER B 55 13.61 16.64 -20.06
N PHE B 56 14.67 15.88 -20.33
CA PHE B 56 15.54 15.30 -19.30
C PHE B 56 16.95 15.76 -19.54
N ALA B 57 17.68 16.01 -18.48
CA ALA B 57 19.12 16.11 -18.58
C ALA B 57 19.71 14.82 -18.04
N PHE B 58 20.75 14.35 -18.71
CA PHE B 58 21.49 13.15 -18.27
C PHE B 58 22.95 13.48 -18.12
N GLN B 59 23.60 12.84 -17.15
CA GLN B 59 25.03 12.93 -17.01
C GLN B 59 25.54 11.50 -16.88
N ALA B 60 26.56 11.18 -17.66
CA ALA B 60 27.21 9.88 -17.59
C ALA B 60 28.63 10.06 -17.07
N ARG B 61 29.00 9.32 -16.02
CA ARG B 61 30.32 9.45 -15.42
C ARG B 61 30.97 8.10 -15.30
N GLU B 62 32.24 8.01 -15.66
CA GLU B 62 33.04 6.81 -15.44
C GLU B 62 34.23 7.16 -14.57
N GLU B 63 34.45 6.37 -13.53
CA GLU B 63 35.58 6.50 -12.61
C GLU B 63 36.28 5.15 -12.51
N GLU B 64 37.60 5.17 -12.35
CA GLU B 64 38.35 3.96 -12.03
C GLU B 64 38.93 4.10 -10.65
N LEU B 65 38.73 3.10 -9.80
CA LEU B 65 39.42 3.04 -8.51
C LEU B 65 39.90 1.65 -8.13
N GLY B 66 41.15 1.56 -7.72
CA GLY B 66 41.81 0.26 -7.54
C GLY B 66 41.54 -0.63 -8.74
N ALA B 67 41.03 -1.83 -8.46
CA ALA B 67 40.74 -2.84 -9.47
C ALA B 67 39.35 -2.67 -10.11
N PHE B 68 38.68 -1.55 -9.81
CA PHE B 68 37.27 -1.40 -10.15
C PHE B 68 37.01 -0.22 -11.06
N THR B 69 35.97 -0.35 -11.90
CA THR B 69 35.38 0.79 -12.59
C THR B 69 33.96 1.04 -12.04
N LYS B 70 33.61 2.31 -11.81
CA LYS B 70 32.22 2.69 -11.46
C LYS B 70 31.61 3.54 -12.58
N ARG B 71 30.44 3.15 -13.06
CA ARG B 71 29.77 3.92 -14.11
C ARG B 71 28.46 4.39 -13.51
N THR B 72 28.19 5.69 -13.58
CA THR B 72 27.00 6.24 -12.94
C THR B 72 26.24 7.05 -13.97
N LEU B 73 24.94 6.82 -14.03
CA LEU B 73 24.06 7.65 -14.83
C LEU B 73 23.25 8.53 -13.86
N PHE B 74 23.25 9.84 -14.10
CA PHE B 74 22.39 10.78 -13.35
C PHE B 74 21.31 11.26 -14.31
N ALA B 75 20.09 11.40 -13.80
CA ALA B 75 18.97 11.86 -14.61
C ALA B 75 18.18 12.89 -13.85
N TYR B 76 17.75 13.93 -14.55
CA TYR B 76 16.95 15.01 -13.96
C TYR B 76 15.87 15.47 -14.95
N SER B 77 14.61 15.54 -14.49
CA SER B 77 13.56 16.27 -15.21
C SER B 77 12.63 17.01 -14.23
N GLY B 78 12.29 18.26 -14.56
CA GLY B 78 11.22 18.97 -13.84
C GLY B 78 9.81 18.54 -14.27
N ASP B 79 9.71 17.75 -15.35
CA ASP B 79 8.41 17.38 -15.93
C ASP B 79 7.77 16.16 -15.26
N GLY B 80 6.48 15.97 -15.52
CA GLY B 80 5.81 14.73 -15.19
C GLY B 80 5.88 13.78 -16.36
N LEU B 81 5.55 12.52 -16.13
CA LEU B 81 5.65 11.50 -17.15
C LEU B 81 4.61 10.46 -16.86
N THR B 82 3.90 10.03 -17.90
CA THR B 82 3.10 8.82 -17.79
C THR B 82 3.71 7.72 -18.65
N GLY B 83 3.50 7.79 -19.93
CA GLY B 83 4.12 6.84 -20.83
C GLY B 83 5.64 7.01 -20.84
N PRO B 84 6.32 6.14 -21.58
CA PRO B 84 7.79 6.18 -21.67
C PRO B 84 8.27 7.49 -22.26
N PHE B 85 9.44 7.92 -21.81
CA PHE B 85 10.12 9.01 -22.44
C PHE B 85 11.09 8.42 -23.48
N LYS B 86 11.02 8.88 -24.74
CA LYS B 86 11.89 8.39 -25.81
C LYS B 86 12.49 9.60 -26.54
N ALA B 87 13.81 9.60 -26.73
CA ALA B 87 14.50 10.69 -27.42
C ALA B 87 15.84 10.21 -27.97
N PRO B 88 16.31 10.83 -29.08
CA PRO B 88 17.64 10.51 -29.60
C PRO B 88 18.75 10.88 -28.61
N ALA B 89 19.70 9.97 -28.44
CA ALA B 89 20.88 10.21 -27.60
C ALA B 89 22.14 10.34 -28.47
N SER B 90 23.13 11.10 -27.98
CA SER B 90 24.43 11.19 -28.66
C SER B 90 25.08 9.81 -28.78
N ALA B 91 26.04 9.67 -29.69
CA ALA B 91 26.76 8.41 -29.89
C ALA B 91 27.51 8.03 -28.63
N GLU B 92 28.14 9.00 -27.96
CA GLU B 92 28.87 8.70 -26.74
C GLU B 92 27.94 8.30 -25.56
N LEU B 93 26.82 8.99 -25.42
CA LEU B 93 25.88 8.59 -24.36
C LEU B 93 25.30 7.22 -24.65
N SER B 94 24.93 6.98 -25.90
CA SER B 94 24.45 5.65 -26.30
C SER B 94 25.42 4.53 -25.98
N SER B 95 26.70 4.73 -26.29
CA SER B 95 27.73 3.76 -26.00
C SER B 95 27.83 3.51 -24.50
N PHE B 96 27.86 4.59 -23.73
CA PHE B 96 27.96 4.49 -22.28
C PHE B 96 26.81 3.66 -21.71
N LEU B 97 25.60 3.87 -22.28
CA LEU B 97 24.39 3.25 -21.75
C LEU B 97 24.33 1.76 -22.09
N THR B 98 24.89 1.38 -23.25
CA THR B 98 24.95 -0.06 -23.61
C THR B 98 25.83 -0.90 -22.70
N ALA B 99 26.77 -0.29 -21.96
N ALA B 99 26.74 -0.21 -22.02
CA ALA B 99 27.81 -1.07 -21.25
CA ALA B 99 27.74 -0.81 -21.16
C ALA B 99 27.35 -1.89 -20.01
C ALA B 99 27.25 -0.92 -19.74
N HIS B 100 26.14 -1.64 -19.56
CA HIS B 100 25.68 -2.09 -18.25
C HIS B 100 25.51 -3.62 -18.28
N PRO B 101 25.94 -4.31 -17.20
CA PRO B 101 25.83 -5.78 -17.18
C PRO B 101 24.39 -6.28 -17.28
N LYS B 102 23.42 -5.43 -16.94
CA LYS B 102 21.99 -5.78 -17.08
C LYS B 102 21.42 -5.32 -18.41
N GLY B 103 22.20 -4.55 -19.17
CA GLY B 103 21.74 -4.06 -20.47
C GLY B 103 20.72 -2.92 -20.32
N ARG B 104 20.57 -2.40 -19.11
CA ARG B 104 19.66 -1.27 -18.85
C ARG B 104 19.92 -0.77 -17.45
N TRP B 105 19.33 0.37 -17.09
CA TRP B 105 19.74 1.10 -15.90
C TRP B 105 18.49 1.28 -15.04
N LEU B 106 18.38 0.46 -13.99
CA LEU B 106 17.33 0.62 -12.99
C LEU B 106 17.61 1.85 -12.14
N ILE B 107 16.67 2.81 -12.07
CA ILE B 107 16.94 4.09 -11.44
C ILE B 107 15.76 4.51 -10.51
N ALA B 108 16.09 4.93 -9.31
CA ALA B 108 15.09 5.39 -8.33
C ALA B 108 14.98 6.91 -8.41
N PHE B 109 13.74 7.36 -8.59
CA PHE B 109 13.42 8.80 -8.50
C PHE B 109 12.61 8.96 -7.22
N PRO B 110 12.36 10.19 -6.76
CA PRO B 110 11.68 10.31 -5.46
C PRO B 110 10.33 9.63 -5.37
N LEU B 111 9.53 9.67 -6.46
CA LEU B 111 8.14 9.16 -6.42
C LEU B 111 7.92 7.84 -7.17
N GLY B 112 9.00 7.27 -7.73
CA GLY B 112 8.84 6.00 -8.43
C GLY B 112 10.13 5.57 -9.08
N THR B 113 10.10 4.43 -9.76
CA THR B 113 11.28 3.79 -10.32
CA THR B 113 11.33 3.89 -10.35
C THR B 113 11.22 3.80 -11.86
N GLY B 114 12.39 3.86 -12.50
CA GLY B 114 12.47 3.82 -13.94
C GLY B 114 13.52 2.84 -14.41
N ILE B 115 13.43 2.51 -15.70
CA ILE B 115 14.48 1.74 -16.39
C ILE B 115 14.90 2.56 -17.61
N VAL B 116 16.19 2.92 -17.68
CA VAL B 116 16.76 3.60 -18.85
C VAL B 116 17.46 2.57 -19.75
N SER B 117 17.21 2.63 -21.05
CA SER B 117 17.86 1.71 -22.01
C SER B 117 18.10 2.49 -23.30
N VAL B 118 18.88 1.91 -24.20
CA VAL B 118 19.16 2.54 -25.47
C VAL B 118 19.05 1.48 -26.56
N ASP B 119 18.54 1.90 -27.70
CA ASP B 119 18.45 1.03 -28.87
C ASP B 119 18.61 1.87 -30.13
N GLU B 120 19.64 1.56 -30.91
CA GLU B 120 20.00 2.33 -32.10
C GLU B 120 19.98 3.83 -31.83
N GLY B 121 20.74 4.30 -30.83
CA GLY B 121 20.85 5.74 -30.55
C GLY B 121 19.60 6.45 -30.03
N ILE B 122 18.55 5.69 -29.69
CA ILE B 122 17.34 6.24 -29.08
C ILE B 122 17.28 5.79 -27.60
N LEU B 123 17.26 6.76 -26.70
CA LEU B 123 17.11 6.50 -25.27
C LEU B 123 15.61 6.28 -24.94
N THR B 124 15.31 5.26 -24.15
CA THR B 124 13.97 5.09 -23.59
C THR B 124 14.07 5.08 -22.07
N LEU B 125 13.15 5.79 -21.41
CA LEU B 125 13.00 5.69 -19.98
C LEU B 125 11.56 5.27 -19.70
N GLU B 126 11.40 4.09 -19.11
CA GLU B 126 10.09 3.55 -18.78
C GLU B 126 9.92 3.63 -17.27
N ILE B 127 8.73 4.01 -16.80
CA ILE B 127 8.52 4.23 -15.36
C ILE B 127 7.48 3.29 -14.74
N SER B 128 7.57 3.09 -13.42
CA SER B 128 6.78 2.05 -12.74
C SER B 128 5.33 2.51 -12.52
N ARG B 129 5.18 3.81 -12.36
CA ARG B 129 3.90 4.42 -12.11
C ARG B 129 4.03 5.80 -12.72
N SER B 130 2.90 6.39 -13.09
CA SER B 130 2.92 7.77 -13.58
C SER B 130 3.50 8.70 -12.53
N LEU B 131 4.30 9.69 -12.95
CA LEU B 131 5.00 10.58 -12.01
C LEU B 131 4.59 12.00 -12.28
N PRO B 132 3.93 12.66 -11.30
CA PRO B 132 3.53 14.06 -11.56
C PRO B 132 4.76 14.96 -11.67
N GLU B 133 5.86 14.52 -11.08
CA GLU B 133 7.12 15.20 -11.22
C GLU B 133 8.20 14.14 -11.10
N VAL B 134 9.12 14.12 -12.06
CA VAL B 134 10.21 13.12 -12.04
C VAL B 134 11.27 13.44 -10.97
N GLY B 135 11.84 14.64 -11.00
CA GLY B 135 12.90 15.03 -10.07
C GLY B 135 14.22 14.40 -10.49
N SER B 136 15.06 14.07 -9.52
CA SER B 136 16.42 13.57 -9.83
C SER B 136 16.68 12.15 -9.32
N GLY B 137 17.59 11.45 -10.00
CA GLY B 137 18.01 10.18 -9.44
C GLY B 137 19.27 9.70 -10.11
N SER B 138 19.86 8.65 -9.56
CA SER B 138 21.05 8.10 -10.20
C SER B 138 21.05 6.59 -10.15
N SER B 139 21.76 5.99 -11.10
CA SER B 139 21.92 4.53 -11.15
C SER B 139 23.40 4.26 -11.47
N PHE B 140 24.05 3.38 -10.69
CA PHE B 140 25.46 3.07 -10.97
C PHE B 140 25.69 1.57 -10.90
N TYR B 141 26.81 1.14 -11.46
CA TYR B 141 27.29 -0.18 -11.13
C TYR B 141 28.81 -0.10 -10.94
N LEU B 142 29.33 -1.08 -10.21
CA LEU B 142 30.74 -1.17 -9.96
C LEU B 142 31.08 -2.56 -10.41
N THR B 143 32.18 -2.69 -11.13
CA THR B 143 32.66 -4.00 -11.49
C THR B 143 34.19 -3.99 -11.65
N GLU B 144 34.80 -5.16 -11.63
CA GLU B 144 36.24 -5.27 -11.92
C GLU B 144 36.57 -4.74 -13.31
N LYS B 145 37.58 -3.88 -13.36
CA LYS B 145 37.96 -3.20 -14.61
C LYS B 145 38.87 -4.08 -15.50
N SER C 38 38.08 20.22 -0.96
CA SER C 38 37.37 18.90 -1.03
C SER C 38 38.34 17.75 -1.35
N LYS C 39 39.16 17.37 -0.37
CA LYS C 39 40.08 16.24 -0.56
C LYS C 39 39.42 14.89 -0.23
N THR C 40 39.73 13.88 -1.03
CA THR C 40 39.34 12.49 -0.75
C THR C 40 40.48 11.82 0.02
N SER C 41 40.20 11.38 1.25
CA SER C 41 41.20 10.69 2.07
C SER C 41 41.13 9.16 1.97
N LEU C 42 40.00 8.64 1.51
CA LEU C 42 39.82 7.20 1.34
C LEU C 42 38.87 6.94 0.18
N ASP C 43 39.24 6.00 -0.69
CA ASP C 43 38.37 5.55 -1.77
C ASP C 43 38.71 4.09 -2.05
N ILE C 44 37.91 3.16 -1.50
CA ILE C 44 38.17 1.72 -1.71
C ILE C 44 36.95 0.99 -2.27
N ALA C 45 37.19 -0.09 -3.00
CA ALA C 45 36.11 -0.87 -3.57
C ALA C 45 36.43 -2.35 -3.40
N GLU C 46 35.40 -3.17 -3.22
CA GLU C 46 35.64 -4.60 -3.18
C GLU C 46 34.37 -5.33 -3.46
N GLU C 47 34.52 -6.57 -3.90
CA GLU C 47 33.40 -7.40 -4.25
C GLU C 47 33.29 -8.44 -3.14
N LEU C 48 32.10 -8.64 -2.59
CA LEU C 48 31.84 -9.67 -1.59
C LEU C 48 30.86 -10.67 -2.16
N GLN C 49 30.88 -11.92 -1.68
CA GLN C 49 29.96 -12.95 -2.15
C GLN C 49 29.51 -13.79 -0.97
N ASN C 50 28.24 -14.19 -0.95
CA ASN C 50 27.76 -15.08 0.11
C ASN C 50 27.91 -16.54 -0.31
N ASP C 51 27.40 -17.45 0.53
CA ASP C 51 27.50 -18.89 0.25
C ASP C 51 26.66 -19.34 -0.97
N LYS C 52 25.67 -18.53 -1.36
CA LYS C 52 24.79 -18.89 -2.45
C LYS C 52 25.11 -18.13 -3.74
N GLY C 53 26.34 -17.63 -3.81
CA GLY C 53 26.82 -16.94 -5.00
C GLY C 53 26.26 -15.56 -5.33
N VAL C 54 25.38 -15.00 -4.47
CA VAL C 54 24.95 -13.59 -4.61
C VAL C 54 26.20 -12.74 -4.40
N SER C 55 26.42 -11.77 -5.26
CA SER C 55 27.58 -10.89 -5.07
C SER C 55 27.20 -9.42 -5.04
N PHE C 56 27.93 -8.65 -4.23
CA PHE C 56 27.78 -7.21 -4.12
C PHE C 56 29.12 -6.59 -4.32
N ALA C 57 29.12 -5.40 -4.91
CA ALA C 57 30.29 -4.54 -4.94
C ALA C 57 30.01 -3.37 -4.01
N PHE C 58 31.00 -3.03 -3.19
CA PHE C 58 30.86 -1.91 -2.27
C PHE C 58 32.00 -0.94 -2.52
N GLN C 59 31.72 0.34 -2.39
CA GLN C 59 32.77 1.35 -2.42
C GLN C 59 32.60 2.21 -1.16
N ALA C 60 33.71 2.49 -0.49
CA ALA C 60 33.70 3.29 0.73
C ALA C 60 34.54 4.50 0.39
N ARG C 61 33.98 5.68 0.61
CA ARG C 61 34.66 6.94 0.26
C ARG C 61 34.61 7.91 1.41
N GLU C 62 35.76 8.53 1.72
CA GLU C 62 35.84 9.58 2.73
C GLU C 62 36.30 10.86 2.06
N GLU C 63 35.62 11.97 2.37
CA GLU C 63 35.92 13.29 1.79
C GLU C 63 36.02 14.34 2.91
N GLU C 64 36.98 15.25 2.80
CA GLU C 64 37.06 16.37 3.75
C GLU C 64 36.51 17.63 3.10
N LEU C 65 35.68 18.35 3.84
CA LEU C 65 35.07 19.59 3.35
C LEU C 65 35.21 20.61 4.44
N GLY C 66 36.32 21.36 4.42
CA GLY C 66 36.62 22.29 5.51
C GLY C 66 36.57 21.59 6.86
N ALA C 67 35.71 22.06 7.74
CA ALA C 67 35.56 21.46 9.08
C ALA C 67 34.79 20.13 9.08
N PHE C 68 34.13 19.81 7.96
CA PHE C 68 33.29 18.60 7.85
C PHE C 68 33.97 17.44 7.15
N THR C 69 33.59 16.22 7.54
CA THR C 69 33.99 15.01 6.84
C THR C 69 32.72 14.26 6.38
N LYS C 70 32.69 13.85 5.12
CA LYS C 70 31.59 13.02 4.60
C LYS C 70 32.11 11.63 4.29
N ARG C 71 31.41 10.61 4.79
CA ARG C 71 31.74 9.21 4.49
C ARG C 71 30.53 8.59 3.79
N THR C 72 30.78 8.03 2.63
CA THR C 72 29.73 7.45 1.78
C THR C 72 30.03 5.98 1.49
N LEU C 73 29.02 5.15 1.69
CA LEU C 73 29.05 3.75 1.27
C LEU C 73 28.17 3.62 0.02
N PHE C 74 28.73 3.08 -1.06
CA PHE C 74 27.99 2.81 -2.27
C PHE C 74 27.87 1.31 -2.37
N ALA C 75 26.73 0.82 -2.82
CA ALA C 75 26.52 -0.62 -2.93
C ALA C 75 25.79 -0.96 -4.21
N TYR C 76 26.22 -2.03 -4.86
CA TYR C 76 25.60 -2.48 -6.11
C TYR C 76 25.49 -4.02 -6.13
N SER C 77 24.33 -4.53 -6.50
CA SER C 77 24.21 -5.96 -6.89
C SER C 77 23.21 -6.13 -8.02
N GLY C 78 23.57 -6.99 -8.99
CA GLY C 78 22.63 -7.36 -10.03
C GLY C 78 21.70 -8.52 -9.61
N ASP C 79 21.94 -9.08 -8.43
CA ASP C 79 21.19 -10.25 -7.97
C ASP C 79 19.94 -9.86 -7.19
N GLY C 80 19.05 -10.84 -6.94
CA GLY C 80 17.95 -10.63 -5.98
C GLY C 80 18.34 -11.14 -4.60
N LEU C 81 17.57 -10.78 -3.59
CA LEU C 81 17.79 -11.26 -2.24
C LEU C 81 16.46 -11.67 -1.64
N THR C 82 16.37 -12.89 -1.11
CA THR C 82 15.18 -13.34 -0.38
CA THR C 82 15.19 -13.34 -0.37
C THR C 82 15.31 -12.81 1.04
N GLY C 83 16.49 -12.98 1.63
CA GLY C 83 16.81 -12.60 2.99
C GLY C 83 18.19 -11.93 3.07
N PRO C 84 18.80 -11.87 4.27
CA PRO C 84 20.01 -11.04 4.44
C PRO C 84 21.18 -11.54 3.65
N PHE C 85 22.00 -10.60 3.18
CA PHE C 85 23.25 -10.91 2.56
C PHE C 85 24.35 -10.87 3.61
N LYS C 86 25.12 -11.95 3.71
CA LYS C 86 26.20 -12.04 4.69
C LYS C 86 27.47 -12.51 4.02
N ALA C 87 28.58 -11.78 4.23
CA ALA C 87 29.87 -12.15 3.63
C ALA C 87 31.01 -11.50 4.40
N PRO C 88 32.20 -12.15 4.44
CA PRO C 88 33.33 -11.51 5.10
C PRO C 88 33.77 -10.25 4.33
N ALA C 89 34.06 -9.20 5.08
CA ALA C 89 34.54 -7.95 4.52
C ALA C 89 36.03 -7.82 4.83
N SER C 90 36.75 -7.06 4.01
CA SER C 90 38.15 -6.73 4.30
C SER C 90 38.23 -5.91 5.57
N ALA C 91 39.42 -5.88 6.20
CA ALA C 91 39.59 -5.12 7.43
C ALA C 91 39.39 -3.60 7.24
N GLU C 92 39.84 -3.07 6.10
CA GLU C 92 39.68 -1.63 5.83
C GLU C 92 38.21 -1.27 5.62
N LEU C 93 37.49 -2.11 4.88
CA LEU C 93 36.03 -1.88 4.75
C LEU C 93 35.32 -2.02 6.08
N SER C 94 35.65 -3.06 6.83
CA SER C 94 35.04 -3.23 8.14
C SER C 94 35.27 -2.06 9.06
N SER C 95 36.50 -1.49 9.05
CA SER C 95 36.77 -0.34 9.97
C SER C 95 35.96 0.92 9.59
N PHE C 96 35.85 1.14 8.29
CA PHE C 96 35.03 2.23 7.73
C PHE C 96 33.59 2.08 8.16
N LEU C 97 33.05 0.88 7.99
CA LEU C 97 31.65 0.62 8.34
C LEU C 97 31.34 0.77 9.83
N THR C 98 32.24 0.33 10.69
CA THR C 98 32.04 0.43 12.15
CA THR C 98 31.93 0.45 12.13
C THR C 98 32.04 1.88 12.62
N ALA C 99 32.71 2.74 11.85
CA ALA C 99 32.90 4.13 12.28
C ALA C 99 31.62 5.02 12.31
N HIS C 100 30.57 4.60 11.58
CA HIS C 100 29.28 5.31 11.53
C HIS C 100 28.73 5.57 12.92
N PRO C 101 28.18 6.78 13.18
CA PRO C 101 27.58 7.13 14.47
C PRO C 101 26.36 6.29 14.89
N LYS C 102 25.66 5.68 13.92
CA LYS C 102 24.59 4.76 14.27
C LYS C 102 25.12 3.32 14.35
N GLY C 103 26.37 3.10 13.93
CA GLY C 103 26.97 1.77 13.92
C GLY C 103 26.47 0.89 12.76
N ARG C 104 25.70 1.50 11.86
CA ARG C 104 25.12 0.80 10.70
C ARG C 104 24.65 1.82 9.68
N TRP C 105 24.32 1.35 8.48
CA TRP C 105 24.16 2.24 7.36
C TRP C 105 22.79 1.99 6.77
N LEU C 106 21.85 2.89 7.03
CA LEU C 106 20.53 2.83 6.37
C LEU C 106 20.68 3.20 4.88
N ILE C 107 20.21 2.35 3.98
CA ILE C 107 20.48 2.55 2.56
C ILE C 107 19.23 2.29 1.73
N ALA C 108 18.92 3.22 0.82
CA ALA C 108 17.77 3.04 -0.07
C ALA C 108 18.22 2.41 -1.39
N PHE C 109 17.58 1.29 -1.76
CA PHE C 109 17.71 0.73 -3.13
C PHE C 109 16.40 1.00 -3.87
N PRO C 110 16.37 0.75 -5.20
CA PRO C 110 15.17 1.08 -5.95
C PRO C 110 13.89 0.39 -5.45
N LEU C 111 13.98 -0.87 -5.04
CA LEU C 111 12.74 -1.59 -4.69
C LEU C 111 12.57 -1.84 -3.18
N GLY C 112 13.46 -1.30 -2.36
CA GLY C 112 13.33 -1.54 -0.90
C GLY C 112 14.46 -0.91 -0.15
N THR C 113 14.45 -1.02 1.18
CA THR C 113 15.44 -0.37 2.05
CA THR C 113 15.52 -0.39 1.97
C THR C 113 16.32 -1.45 2.73
N GLY C 114 17.56 -1.12 3.02
CA GLY C 114 18.42 -2.05 3.70
C GLY C 114 19.16 -1.39 4.81
N ILE C 115 19.76 -2.20 5.68
CA ILE C 115 20.72 -1.68 6.67
C ILE C 115 22.00 -2.51 6.56
N VAL C 116 23.13 -1.83 6.37
CA VAL C 116 24.43 -2.52 6.31
C VAL C 116 25.10 -2.36 7.66
N SER C 117 25.58 -3.47 8.20
CA SER C 117 26.37 -3.43 9.41
C SER C 117 27.52 -4.45 9.29
N VAL C 118 28.49 -4.31 10.16
CA VAL C 118 29.56 -5.31 10.26
C VAL C 118 29.68 -5.80 11.71
N ASP C 119 29.90 -7.10 11.85
CA ASP C 119 30.16 -7.73 13.13
C ASP C 119 31.21 -8.83 12.95
N GLU C 120 32.32 -8.73 13.68
CA GLU C 120 33.38 -9.75 13.61
C GLU C 120 33.89 -9.91 12.19
N GLY C 121 33.94 -8.80 11.46
CA GLY C 121 34.40 -8.80 10.07
C GLY C 121 33.45 -9.43 9.07
N ILE C 122 32.21 -9.68 9.48
CA ILE C 122 31.20 -10.21 8.55
C ILE C 122 30.25 -9.05 8.28
N LEU C 123 30.12 -8.72 7.01
CA LEU C 123 29.16 -7.69 6.58
C LEU C 123 27.79 -8.33 6.48
N THR C 124 26.76 -7.66 7.03
CA THR C 124 25.41 -8.11 6.83
C THR C 124 24.61 -6.95 6.24
N LEU C 125 23.84 -7.26 5.20
CA LEU C 125 22.88 -6.31 4.64
C LEU C 125 21.52 -6.95 4.87
N GLU C 126 20.74 -6.35 5.75
CA GLU C 126 19.36 -6.81 5.99
C GLU C 126 18.42 -5.97 5.16
N ILE C 127 17.36 -6.57 4.64
CA ILE C 127 16.46 -5.86 3.69
C ILE C 127 15.01 -5.78 4.23
N SER C 128 14.28 -4.74 3.81
CA SER C 128 12.96 -4.52 4.35
C SER C 128 11.95 -5.48 3.71
N ARG C 129 12.22 -5.88 2.48
CA ARG C 129 11.36 -6.83 1.76
C ARG C 129 12.25 -7.61 0.87
N SER C 130 11.80 -8.76 0.38
CA SER C 130 12.56 -9.50 -0.65
C SER C 130 12.72 -8.66 -1.93
N LEU C 131 13.88 -8.72 -2.56
CA LEU C 131 14.18 -7.86 -3.73
C LEU C 131 14.44 -8.78 -4.91
N PRO C 132 13.59 -8.75 -5.96
CA PRO C 132 13.92 -9.57 -7.14
C PRO C 132 15.20 -9.08 -7.82
N GLU C 133 15.54 -7.81 -7.57
CA GLU C 133 16.77 -7.24 -8.07
C GLU C 133 17.18 -6.13 -7.11
N VAL C 134 18.45 -6.10 -6.68
CA VAL C 134 18.89 -5.13 -5.67
C VAL C 134 19.17 -3.75 -6.30
N GLY C 135 19.97 -3.74 -7.37
CA GLY C 135 20.35 -2.46 -8.00
C GLY C 135 21.38 -1.73 -7.16
N SER C 136 21.36 -0.40 -7.23
CA SER C 136 22.39 0.42 -6.60
C SER C 136 21.80 1.37 -5.58
N GLY C 137 22.62 1.77 -4.61
CA GLY C 137 22.20 2.77 -3.64
C GLY C 137 23.42 3.30 -2.92
N SER C 138 23.23 4.37 -2.15
CA SER C 138 24.30 4.86 -1.32
C SER C 138 23.74 5.41 0.00
N SER C 139 24.63 5.49 0.98
CA SER C 139 24.27 5.95 2.31
C SER C 139 25.47 6.75 2.78
N PHE C 140 25.25 7.95 3.33
CA PHE C 140 26.38 8.74 3.81
C PHE C 140 26.08 9.41 5.14
N TYR C 141 27.13 9.84 5.84
CA TYR C 141 26.93 10.75 6.96
C TYR C 141 27.94 11.87 6.83
N LEU C 142 27.57 13.04 7.35
CA LEU C 142 28.40 14.24 7.27
C LEU C 142 28.62 14.64 8.69
N THR C 143 29.85 14.96 9.05
CA THR C 143 30.12 15.27 10.44
C THR C 143 31.23 16.29 10.64
N GLU C 144 31.13 17.05 11.73
CA GLU C 144 32.19 17.96 12.17
C GLU C 144 32.52 17.74 13.64
N SER D 38 -13.09 -17.29 -37.21
CA SER D 38 -11.79 -17.39 -36.49
C SER D 38 -11.03 -18.68 -36.85
N LYS D 39 -9.71 -18.57 -36.99
CA LYS D 39 -8.82 -19.69 -37.34
C LYS D 39 -7.51 -19.61 -36.56
N THR D 40 -7.06 -20.74 -36.01
CA THR D 40 -5.81 -20.81 -35.25
C THR D 40 -4.65 -21.29 -36.14
N SER D 41 -3.66 -20.42 -36.35
CA SER D 41 -2.49 -20.75 -37.18
C SER D 41 -1.31 -21.33 -36.41
N LEU D 42 -1.30 -21.12 -35.09
CA LEU D 42 -0.22 -21.64 -34.24
C LEU D 42 -0.77 -21.90 -32.85
N ASP D 43 -0.34 -23.01 -32.25
CA ASP D 43 -0.71 -23.35 -30.90
C ASP D 43 0.33 -24.32 -30.42
N ILE D 44 1.32 -23.82 -29.68
CA ILE D 44 2.37 -24.67 -29.16
C ILE D 44 2.56 -24.49 -27.67
N ALA D 45 3.15 -25.50 -27.06
CA ALA D 45 3.38 -25.52 -25.64
C ALA D 45 4.74 -26.12 -25.40
N GLU D 46 5.42 -25.64 -24.37
CA GLU D 46 6.66 -26.26 -23.92
C GLU D 46 6.98 -25.97 -22.47
N GLU D 47 7.77 -26.82 -21.86
CA GLU D 47 8.16 -26.67 -20.48
C GLU D 47 9.61 -26.17 -20.45
N LEU D 48 9.88 -25.14 -19.63
CA LEU D 48 11.22 -24.64 -19.43
C LEU D 48 11.61 -24.80 -17.98
N GLN D 49 12.91 -25.00 -17.72
CA GLN D 49 13.39 -25.11 -16.36
C GLN D 49 14.69 -24.33 -16.24
N ASN D 50 14.87 -23.63 -15.13
CA ASN D 50 16.12 -22.92 -14.87
C ASN D 50 17.11 -23.79 -14.11
N ASP D 51 18.31 -23.28 -13.87
CA ASP D 51 19.35 -24.05 -13.21
C ASP D 51 19.00 -24.37 -11.74
N LYS D 52 18.05 -23.63 -11.18
CA LYS D 52 17.69 -23.77 -9.77
C LYS D 52 16.35 -24.50 -9.53
N GLY D 53 15.95 -25.32 -10.50
CA GLY D 53 14.82 -26.22 -10.34
C GLY D 53 13.40 -25.71 -10.61
N VAL D 54 13.25 -24.40 -10.84
CA VAL D 54 11.94 -23.79 -11.12
C VAL D 54 11.51 -24.16 -12.52
N SER D 55 10.25 -24.55 -12.69
CA SER D 55 9.78 -24.85 -14.04
C SER D 55 8.53 -24.08 -14.40
N PHE D 56 8.48 -23.65 -15.67
CA PHE D 56 7.34 -22.97 -16.24
C PHE D 56 6.82 -23.72 -17.43
N ALA D 57 5.52 -23.74 -17.60
CA ALA D 57 4.94 -24.13 -18.86
C ALA D 57 4.45 -22.90 -19.59
N PHE D 58 4.79 -22.80 -20.87
CA PHE D 58 4.35 -21.71 -21.73
C PHE D 58 3.55 -22.27 -22.90
N GLN D 59 2.49 -21.57 -23.26
CA GLN D 59 1.74 -21.87 -24.47
C GLN D 59 1.68 -20.62 -25.30
N ALA D 60 1.92 -20.76 -26.60
CA ALA D 60 1.90 -19.65 -27.51
C ALA D 60 0.83 -19.96 -28.54
N ARG D 61 -0.10 -19.03 -28.72
CA ARG D 61 -1.23 -19.24 -29.60
C ARG D 61 -1.39 -18.07 -30.54
N GLU D 62 -1.60 -18.37 -31.83
CA GLU D 62 -1.91 -17.34 -32.81
C GLU D 62 -3.29 -17.60 -33.47
N GLU D 63 -4.15 -16.57 -33.50
CA GLU D 63 -5.49 -16.69 -34.07
C GLU D 63 -5.68 -15.60 -35.11
N GLU D 64 -6.34 -15.94 -36.21
CA GLU D 64 -6.74 -14.96 -37.23
C GLU D 64 -8.19 -14.64 -37.05
N LEU D 65 -8.49 -13.35 -36.92
CA LEU D 65 -9.87 -12.87 -36.80
C LEU D 65 -10.10 -11.86 -37.92
N GLY D 66 -10.26 -12.37 -39.14
CA GLY D 66 -10.43 -11.51 -40.32
C GLY D 66 -9.19 -10.68 -40.56
N ALA D 67 -9.34 -9.35 -40.50
CA ALA D 67 -8.24 -8.40 -40.68
C ALA D 67 -7.23 -8.35 -39.51
N PHE D 68 -7.63 -8.88 -38.35
CA PHE D 68 -6.77 -8.87 -37.16
C PHE D 68 -6.13 -10.20 -36.87
N THR D 69 -4.98 -10.14 -36.23
CA THR D 69 -4.33 -11.31 -35.69
CA THR D 69 -4.34 -11.32 -35.68
C THR D 69 -4.11 -11.10 -34.19
N LYS D 70 -4.45 -12.10 -33.38
CA LYS D 70 -4.20 -12.08 -31.94
C LYS D 70 -3.15 -13.10 -31.62
N ARG D 71 -2.12 -12.68 -30.89
CA ARG D 71 -1.13 -13.58 -30.35
C ARG D 71 -1.17 -13.53 -28.83
N THR D 72 -1.33 -14.70 -28.21
CA THR D 72 -1.44 -14.82 -26.75
C THR D 72 -0.34 -15.72 -26.23
N LEU D 73 0.35 -15.26 -25.19
CA LEU D 73 1.24 -16.09 -24.43
C LEU D 73 0.57 -16.49 -23.11
N PHE D 74 0.50 -17.78 -22.82
CA PHE D 74 -0.01 -18.26 -21.54
C PHE D 74 1.18 -18.78 -20.77
N ALA D 75 1.25 -18.47 -19.48
CA ALA D 75 2.34 -18.94 -18.62
C ALA D 75 1.83 -19.55 -17.31
N TYR D 76 2.42 -20.66 -16.90
CA TYR D 76 2.04 -21.33 -15.66
C TYR D 76 3.27 -21.83 -14.90
N SER D 77 3.38 -21.52 -13.62
CA SER D 77 4.32 -22.24 -12.76
C SER D 77 3.69 -22.48 -11.40
N GLY D 78 3.91 -23.66 -10.85
CA GLY D 78 3.49 -23.95 -9.49
C GLY D 78 4.53 -23.48 -8.46
N ASP D 79 5.71 -23.08 -8.93
CA ASP D 79 6.83 -22.70 -8.05
C ASP D 79 6.79 -21.23 -7.62
N GLY D 80 7.63 -20.89 -6.66
CA GLY D 80 7.84 -19.51 -6.26
C GLY D 80 8.99 -18.96 -7.07
N LEU D 81 9.08 -17.64 -7.16
CA LEU D 81 10.17 -17.00 -7.86
C LEU D 81 10.74 -15.91 -6.99
N THR D 82 12.01 -16.05 -6.67
CA THR D 82 12.70 -15.12 -5.82
C THR D 82 13.16 -13.94 -6.69
N GLY D 83 13.64 -14.22 -7.90
CA GLY D 83 14.09 -13.22 -8.86
C GLY D 83 13.85 -13.71 -10.30
N PRO D 84 14.56 -13.14 -11.30
CA PRO D 84 14.21 -13.47 -12.70
C PRO D 84 14.37 -14.94 -13.08
N PHE D 85 13.46 -15.40 -13.92
CA PHE D 85 13.50 -16.78 -14.43
C PHE D 85 14.17 -16.73 -15.79
N LYS D 86 15.21 -17.52 -15.98
CA LYS D 86 15.90 -17.59 -17.28
C LYS D 86 16.07 -19.02 -17.69
N ALA D 87 15.73 -19.31 -18.94
CA ALA D 87 15.90 -20.65 -19.50
C ALA D 87 15.86 -20.64 -21.02
N PRO D 88 16.54 -21.63 -21.65
CA PRO D 88 16.54 -21.67 -23.10
C PRO D 88 15.13 -21.98 -23.64
N ALA D 89 14.74 -21.29 -24.69
CA ALA D 89 13.47 -21.52 -25.39
C ALA D 89 13.73 -22.17 -26.75
N SER D 90 12.73 -22.90 -27.23
CA SER D 90 12.77 -23.46 -28.58
C SER D 90 12.79 -22.33 -29.61
N ALA D 91 13.21 -22.65 -30.83
CA ALA D 91 13.24 -21.66 -31.90
C ALA D 91 11.85 -21.13 -32.19
N GLU D 92 10.87 -22.01 -32.22
CA GLU D 92 9.50 -21.61 -32.52
C GLU D 92 8.91 -20.68 -31.43
N LEU D 93 9.13 -21.02 -30.17
CA LEU D 93 8.72 -20.13 -29.09
C LEU D 93 9.47 -18.79 -29.17
N SER D 94 10.80 -18.84 -29.36
CA SER D 94 11.58 -17.61 -29.51
C SER D 94 11.08 -16.71 -30.61
N SER D 95 10.78 -17.26 -31.78
CA SER D 95 10.30 -16.42 -32.89
C SER D 95 8.95 -15.76 -32.55
N PHE D 96 8.09 -16.51 -31.89
CA PHE D 96 6.79 -16.00 -31.44
C PHE D 96 6.96 -14.82 -30.47
N LEU D 97 7.83 -14.99 -29.49
CA LEU D 97 8.01 -13.98 -28.45
C LEU D 97 8.66 -12.73 -29.01
N THR D 98 9.55 -12.91 -29.98
CA THR D 98 10.18 -11.75 -30.67
C THR D 98 9.26 -10.85 -31.47
N ALA D 99 8.14 -11.40 -31.93
CA ALA D 99 7.23 -10.70 -32.82
C ALA D 99 6.39 -9.57 -32.19
N HIS D 100 6.36 -9.51 -30.87
CA HIS D 100 5.58 -8.50 -30.15
C HIS D 100 6.04 -7.07 -30.49
N PRO D 101 5.07 -6.14 -30.71
CA PRO D 101 5.36 -4.77 -31.07
C PRO D 101 6.20 -4.04 -30.05
N LYS D 102 6.20 -4.51 -28.81
CA LYS D 102 7.00 -3.90 -27.77
C LYS D 102 8.29 -4.67 -27.59
N GLY D 103 8.42 -5.82 -28.26
CA GLY D 103 9.58 -6.67 -28.09
C GLY D 103 9.63 -7.42 -26.76
N ARG D 104 8.57 -7.28 -25.95
CA ARG D 104 8.42 -8.05 -24.69
C ARG D 104 6.96 -8.15 -24.27
N TRP D 105 6.66 -8.98 -23.28
CA TRP D 105 5.28 -9.30 -22.98
C TRP D 105 5.03 -8.95 -21.53
N LEU D 106 4.26 -7.91 -21.30
CA LEU D 106 3.80 -7.56 -19.97
C LEU D 106 2.70 -8.53 -19.57
N ILE D 107 2.85 -9.16 -18.41
CA ILE D 107 1.97 -10.25 -17.98
C ILE D 107 1.60 -10.17 -16.49
N ALA D 108 0.31 -10.31 -16.20
CA ALA D 108 -0.18 -10.24 -14.83
C ALA D 108 -0.34 -11.64 -14.30
N PHE D 109 0.23 -11.88 -13.13
CA PHE D 109 0.01 -13.12 -12.38
C PHE D 109 -0.78 -12.74 -11.17
N PRO D 110 -1.33 -13.73 -10.42
CA PRO D 110 -2.16 -13.29 -9.29
C PRO D 110 -1.46 -12.36 -8.27
N LEU D 111 -0.20 -12.63 -7.97
CA LEU D 111 0.50 -11.93 -6.91
C LEU D 111 1.52 -10.87 -7.38
N GLY D 112 1.62 -10.63 -8.68
CA GLY D 112 2.55 -9.56 -9.16
C GLY D 112 2.63 -9.57 -10.66
N THR D 113 3.48 -8.71 -11.22
CA THR D 113 3.53 -8.48 -12.65
C THR D 113 4.84 -8.99 -13.18
N GLY D 114 4.85 -9.47 -14.40
CA GLY D 114 6.11 -9.86 -15.02
C GLY D 114 6.29 -9.28 -16.41
N ILE D 115 7.50 -9.46 -16.95
CA ILE D 115 7.76 -9.12 -18.33
C ILE D 115 8.55 -10.28 -18.90
N VAL D 116 8.02 -10.86 -19.97
CA VAL D 116 8.72 -11.96 -20.68
C VAL D 116 9.39 -11.39 -21.90
N SER D 117 10.67 -11.74 -22.08
CA SER D 117 11.40 -11.37 -23.29
C SER D 117 12.29 -12.53 -23.71
N VAL D 118 12.78 -12.49 -24.94
CA VAL D 118 13.77 -13.49 -25.38
C VAL D 118 15.00 -12.76 -25.98
N ASP D 119 16.19 -13.25 -25.67
CA ASP D 119 17.44 -12.74 -26.23
C ASP D 119 18.36 -13.89 -26.59
N GLU D 120 18.74 -14.00 -27.87
CA GLU D 120 19.53 -15.15 -28.36
C GLU D 120 18.98 -16.48 -27.89
N GLY D 121 17.67 -16.65 -28.03
CA GLY D 121 17.04 -17.91 -27.66
C GLY D 121 16.95 -18.24 -26.18
N ILE D 122 17.27 -17.26 -25.33
CA ILE D 122 17.10 -17.44 -23.87
C ILE D 122 15.89 -16.62 -23.43
N LEU D 123 14.89 -17.28 -22.84
CA LEU D 123 13.71 -16.57 -22.33
C LEU D 123 14.04 -16.00 -20.95
N THR D 124 13.69 -14.73 -20.71
CA THR D 124 13.80 -14.18 -19.35
C THR D 124 12.43 -13.72 -18.91
N LEU D 125 12.00 -14.10 -17.70
CA LEU D 125 10.82 -13.53 -17.09
C LEU D 125 11.28 -12.73 -15.86
N GLU D 126 11.14 -11.41 -15.93
CA GLU D 126 11.47 -10.53 -14.81
C GLU D 126 10.19 -10.25 -14.03
N ILE D 127 10.26 -10.10 -12.71
CA ILE D 127 9.04 -9.97 -11.88
C ILE D 127 9.13 -8.70 -11.01
N SER D 128 7.97 -8.13 -10.66
CA SER D 128 7.94 -6.83 -10.00
C SER D 128 8.24 -6.99 -8.50
N ARG D 129 8.01 -8.21 -7.99
CA ARG D 129 8.22 -8.53 -6.59
C ARG D 129 8.45 -10.02 -6.52
N SER D 130 9.15 -10.47 -5.49
CA SER D 130 9.28 -11.91 -5.25
C SER D 130 7.89 -12.52 -5.10
N LEU D 131 7.72 -13.74 -5.61
CA LEU D 131 6.40 -14.37 -5.67
C LEU D 131 6.46 -15.74 -4.95
N PRO D 132 5.70 -15.88 -3.86
CA PRO D 132 5.71 -17.17 -3.14
C PRO D 132 5.15 -18.28 -4.04
N GLU D 133 4.26 -17.89 -4.95
CA GLU D 133 3.69 -18.79 -5.94
C GLU D 133 3.39 -17.96 -7.20
N VAL D 134 3.81 -18.45 -8.37
CA VAL D 134 3.58 -17.72 -9.62
C VAL D 134 2.12 -17.82 -10.10
N GLY D 135 1.62 -19.05 -10.18
CA GLY D 135 0.28 -19.30 -10.69
C GLY D 135 0.25 -19.15 -12.21
N SER D 136 -0.88 -18.66 -12.73
CA SER D 136 -1.08 -18.58 -14.18
C SER D 136 -1.36 -17.16 -14.64
N GLY D 137 -1.03 -16.88 -15.89
CA GLY D 137 -1.37 -15.58 -16.45
C GLY D 137 -1.28 -15.64 -17.95
N SER D 138 -1.84 -14.65 -18.60
CA SER D 138 -1.64 -14.54 -20.04
C SER D 138 -1.44 -13.09 -20.46
N SER D 139 -0.83 -12.92 -21.62
CA SER D 139 -0.51 -11.62 -22.16
C SER D 139 -0.81 -11.76 -23.67
N PHE D 140 -1.53 -10.82 -24.26
CA PHE D 140 -1.77 -10.88 -25.69
C PHE D 140 -1.63 -9.52 -26.35
N TYR D 141 -1.52 -9.54 -27.68
CA TYR D 141 -1.73 -8.34 -28.44
C TYR D 141 -2.54 -8.67 -29.69
N LEU D 142 -3.16 -7.64 -30.23
CA LEU D 142 -3.98 -7.72 -31.42
C LEU D 142 -3.37 -6.70 -32.36
N THR D 143 -3.24 -7.07 -33.63
CA THR D 143 -2.73 -6.18 -34.65
C THR D 143 -3.47 -6.40 -35.98
N GLU D 144 -3.59 -5.34 -36.79
CA GLU D 144 -4.21 -5.44 -38.13
C GLU D 144 -3.26 -6.00 -39.18
N LYS E 39 -19.35 -23.79 -29.49
CA LYS E 39 -19.94 -22.94 -30.56
C LYS E 39 -19.68 -21.43 -30.34
N THR E 40 -18.71 -20.88 -31.07
CA THR E 40 -18.50 -19.42 -31.14
C THR E 40 -19.51 -18.79 -32.10
N SER E 41 -20.47 -18.05 -31.57
CA SER E 41 -21.49 -17.41 -32.40
C SER E 41 -21.15 -15.96 -32.78
N LEU E 42 -20.02 -15.46 -32.27
CA LEU E 42 -19.57 -14.09 -32.56
C LEU E 42 -18.11 -13.93 -32.18
N ASP E 43 -17.33 -13.35 -33.08
CA ASP E 43 -15.92 -13.09 -32.80
C ASP E 43 -15.46 -11.91 -33.63
N ILE E 44 -15.65 -10.69 -33.10
CA ILE E 44 -15.28 -9.47 -33.82
C ILE E 44 -14.11 -8.70 -33.19
N ALA E 45 -13.40 -7.94 -34.02
CA ALA E 45 -12.25 -7.18 -33.57
C ALA E 45 -12.18 -5.84 -34.27
N GLU E 46 -11.80 -4.81 -33.53
CA GLU E 46 -11.60 -3.51 -34.11
C GLU E 46 -10.59 -2.68 -33.34
N GLU E 47 -10.04 -1.67 -34.00
CA GLU E 47 -9.11 -0.74 -33.41
C GLU E 47 -9.82 0.61 -33.21
N LEU E 48 -9.65 1.19 -32.03
CA LEU E 48 -10.20 2.50 -31.71
C LEU E 48 -9.07 3.45 -31.35
N GLN E 49 -9.24 4.73 -31.66
CA GLN E 49 -8.25 5.75 -31.32
C GLN E 49 -8.93 6.96 -30.74
N ASN E 50 -8.34 7.56 -29.71
CA ASN E 50 -8.95 8.75 -29.14
C ASN E 50 -8.40 10.02 -29.81
N ASP E 51 -8.84 11.18 -29.33
CA ASP E 51 -8.36 12.44 -29.88
C ASP E 51 -6.91 12.78 -29.48
N LYS E 52 -6.23 11.87 -28.78
CA LYS E 52 -4.84 12.11 -28.39
C LYS E 52 -3.89 11.04 -28.87
N GLY E 53 -4.33 10.25 -29.86
CA GLY E 53 -3.52 9.19 -30.45
C GLY E 53 -3.13 8.02 -29.53
N VAL E 54 -3.98 7.72 -28.56
CA VAL E 54 -3.89 6.47 -27.83
C VAL E 54 -4.69 5.49 -28.68
N SER E 55 -4.15 4.29 -28.90
CA SER E 55 -4.84 3.29 -29.71
C SER E 55 -5.17 2.02 -28.90
N PHE E 56 -6.42 1.53 -29.02
CA PHE E 56 -6.83 0.26 -28.38
C PHE E 56 -7.34 -0.72 -29.43
N ALA E 57 -6.96 -1.98 -29.28
CA ALA E 57 -7.63 -3.04 -30.04
C ALA E 57 -8.59 -3.78 -29.11
N PHE E 58 -9.83 -3.99 -29.57
CA PHE E 58 -10.83 -4.75 -28.82
C PHE E 58 -11.27 -5.97 -29.61
N GLN E 59 -11.54 -7.06 -28.90
CA GLN E 59 -12.12 -8.24 -29.49
C GLN E 59 -13.30 -8.65 -28.62
N ALA E 60 -14.42 -8.92 -29.29
CA ALA E 60 -15.65 -9.34 -28.61
C ALA E 60 -15.98 -10.74 -29.08
N ARG E 61 -16.13 -11.66 -28.12
CA ARG E 61 -16.39 -13.06 -28.45
C ARG E 61 -17.61 -13.54 -27.69
N GLU E 62 -18.52 -14.20 -28.39
CA GLU E 62 -19.66 -14.85 -27.76
C GLU E 62 -19.61 -16.33 -28.06
N GLU E 63 -19.77 -17.14 -27.02
CA GLU E 63 -19.71 -18.59 -27.11
C GLU E 63 -20.96 -19.16 -26.49
N GLU E 64 -21.39 -20.31 -27.00
CA GLU E 64 -22.51 -21.06 -26.45
C GLU E 64 -22.01 -22.36 -25.84
N LEU E 65 -22.35 -22.57 -24.57
CA LEU E 65 -21.98 -23.77 -23.80
C LEU E 65 -23.24 -24.34 -23.15
N GLY E 66 -23.91 -25.23 -23.87
CA GLY E 66 -25.17 -25.82 -23.40
C GLY E 66 -26.18 -24.73 -23.10
N ALA E 67 -26.64 -24.66 -21.85
CA ALA E 67 -27.60 -23.64 -21.48
C ALA E 67 -26.97 -22.27 -21.25
N PHE E 68 -25.63 -22.20 -21.23
CA PHE E 68 -24.92 -20.94 -20.93
C PHE E 68 -24.42 -20.21 -22.17
N THR E 69 -24.44 -18.87 -22.09
CA THR E 69 -23.72 -18.02 -23.02
C THR E 69 -22.55 -17.38 -22.27
N LYS E 70 -21.37 -17.39 -22.87
CA LYS E 70 -20.25 -16.59 -22.38
C LYS E 70 -19.92 -15.45 -23.36
N ARG E 71 -19.85 -14.21 -22.85
CA ARG E 71 -19.40 -13.09 -23.64
C ARG E 71 -18.11 -12.54 -23.04
N THR E 72 -17.05 -12.52 -23.85
CA THR E 72 -15.75 -12.00 -23.40
C THR E 72 -15.35 -10.76 -24.19
N LEU E 73 -14.95 -9.70 -23.49
CA LEU E 73 -14.30 -8.55 -24.10
C LEU E 73 -12.79 -8.64 -23.84
N PHE E 74 -11.98 -8.68 -24.92
CA PHE E 74 -10.51 -8.57 -24.80
C PHE E 74 -10.08 -7.15 -25.19
N ALA E 75 -9.15 -6.56 -24.45
CA ALA E 75 -8.62 -5.21 -24.79
C ALA E 75 -7.10 -5.22 -24.74
N TYR E 76 -6.48 -4.52 -25.70
CA TYR E 76 -5.05 -4.35 -25.70
C TYR E 76 -4.68 -2.93 -26.09
N SER E 77 -3.76 -2.30 -25.35
CA SER E 77 -3.08 -1.09 -25.82
C SER E 77 -1.62 -1.12 -25.38
N GLY E 78 -0.72 -0.75 -26.30
CA GLY E 78 0.69 -0.58 -25.95
C GLY E 78 0.98 0.78 -25.33
N ASP E 79 -0.02 1.64 -25.36
CA ASP E 79 0.14 3.01 -24.87
C ASP E 79 -0.08 3.14 -23.37
N GLY E 80 0.40 4.24 -22.81
CA GLY E 80 -0.01 4.68 -21.48
C GLY E 80 -1.33 5.42 -21.56
N LEU E 81 -1.97 5.59 -20.42
CA LEU E 81 -3.25 6.25 -20.35
C LEU E 81 -3.27 7.05 -19.09
N THR E 82 -3.42 8.34 -19.28
CA THR E 82 -3.40 9.31 -18.22
C THR E 82 -4.77 9.40 -17.56
N GLY E 83 -5.83 9.29 -18.37
CA GLY E 83 -7.23 9.43 -17.93
C GLY E 83 -8.15 8.59 -18.82
N PRO E 84 -9.48 8.87 -18.87
CA PRO E 84 -10.36 7.93 -19.61
C PRO E 84 -10.12 7.93 -21.12
N PHE E 85 -10.25 6.76 -21.72
CA PHE E 85 -10.16 6.60 -23.18
C PHE E 85 -11.56 6.62 -23.78
N LYS E 86 -11.83 7.57 -24.70
CA LYS E 86 -13.15 7.66 -25.36
C LYS E 86 -12.94 7.62 -26.86
N ALA E 87 -13.72 6.80 -27.55
CA ALA E 87 -13.65 6.69 -29.01
C ALA E 87 -14.95 6.09 -29.52
N PRO E 88 -15.33 6.38 -30.79
CA PRO E 88 -16.54 5.74 -31.32
C PRO E 88 -16.31 4.26 -31.60
N ALA E 89 -17.29 3.43 -31.29
CA ALA E 89 -17.21 2.01 -31.53
C ALA E 89 -18.20 1.61 -32.61
N SER E 90 -17.91 0.52 -33.32
CA SER E 90 -18.86 0.00 -34.32
C SER E 90 -20.23 -0.27 -33.70
N ALA E 91 -21.25 -0.32 -34.56
CA ALA E 91 -22.60 -0.70 -34.16
C ALA E 91 -22.58 -2.07 -33.47
N GLU E 92 -21.84 -3.01 -34.05
CA GLU E 92 -21.78 -4.37 -33.52
C GLU E 92 -21.05 -4.44 -32.16
N LEU E 93 -19.92 -3.74 -32.04
CA LEU E 93 -19.24 -3.67 -30.74
C LEU E 93 -20.12 -3.02 -29.69
N SER E 94 -20.79 -1.92 -30.04
CA SER E 94 -21.72 -1.24 -29.12
C SER E 94 -22.84 -2.11 -28.57
N SER E 95 -23.49 -2.91 -29.42
CA SER E 95 -24.60 -3.72 -28.92
C SER E 95 -24.06 -4.87 -28.07
N PHE E 96 -22.89 -5.39 -28.43
CA PHE E 96 -22.21 -6.38 -27.59
C PHE E 96 -21.89 -5.81 -26.19
N LEU E 97 -21.38 -4.58 -26.14
CA LEU E 97 -21.01 -4.00 -24.84
C LEU E 97 -22.23 -3.66 -24.01
N THR E 98 -23.33 -3.33 -24.69
CA THR E 98 -24.57 -2.94 -24.01
C THR E 98 -25.23 -4.11 -23.28
N ALA E 99 -24.97 -5.32 -23.77
CA ALA E 99 -25.65 -6.54 -23.35
C ALA E 99 -25.26 -7.10 -21.96
N HIS E 100 -24.24 -6.54 -21.35
CA HIS E 100 -23.75 -6.98 -20.02
C HIS E 100 -24.78 -6.70 -18.93
N PRO E 101 -24.94 -7.64 -17.97
CA PRO E 101 -25.96 -7.45 -16.93
C PRO E 101 -25.71 -6.26 -16.02
N LYS E 102 -24.46 -5.80 -15.91
CA LYS E 102 -24.16 -4.64 -15.10
C LYS E 102 -24.18 -3.38 -15.97
N GLY E 103 -24.31 -3.53 -17.27
CA GLY E 103 -24.24 -2.42 -18.21
C GLY E 103 -22.84 -1.85 -18.42
N ARG E 104 -21.83 -2.47 -17.83
CA ARG E 104 -20.43 -2.05 -18.01
C ARG E 104 -19.53 -3.22 -17.68
N TRP E 105 -18.26 -3.14 -18.07
CA TRP E 105 -17.35 -4.28 -18.03
C TRP E 105 -16.19 -3.97 -17.12
N LEU E 106 -16.17 -4.57 -15.94
CA LEU E 106 -15.01 -4.45 -15.03
C LEU E 106 -13.86 -5.26 -15.60
N ILE E 107 -12.70 -4.62 -15.78
CA ILE E 107 -11.59 -5.30 -16.49
C ILE E 107 -10.24 -5.10 -15.78
N ALA E 108 -9.49 -6.19 -15.55
CA ALA E 108 -8.16 -6.08 -14.95
C ALA E 108 -7.07 -5.97 -16.01
N PHE E 109 -6.26 -4.93 -15.91
CA PHE E 109 -5.02 -4.85 -16.70
C PHE E 109 -3.85 -5.07 -15.72
N PRO E 110 -2.63 -5.29 -16.22
CA PRO E 110 -1.52 -5.58 -15.32
C PRO E 110 -1.26 -4.51 -14.25
N LEU E 111 -1.43 -3.22 -14.59
CA LEU E 111 -1.07 -2.16 -13.65
C LEU E 111 -2.27 -1.41 -13.04
N GLY E 112 -3.49 -1.82 -13.36
CA GLY E 112 -4.65 -1.15 -12.77
C GLY E 112 -5.93 -1.75 -13.30
N THR E 113 -7.04 -1.20 -12.85
CA THR E 113 -8.38 -1.73 -13.13
CA THR E 113 -8.34 -1.76 -13.21
C THR E 113 -9.14 -0.74 -14.01
N GLY E 114 -9.97 -1.24 -14.90
CA GLY E 114 -10.81 -0.39 -15.72
C GLY E 114 -12.26 -0.77 -15.72
N ILE E 115 -13.08 0.14 -16.26
CA ILE E 115 -14.49 -0.13 -16.50
C ILE E 115 -14.75 0.33 -17.94
N VAL E 116 -15.21 -0.59 -18.79
CA VAL E 116 -15.55 -0.26 -20.18
C VAL E 116 -17.06 -0.11 -20.29
N SER E 117 -17.52 0.97 -20.91
CA SER E 117 -18.96 1.16 -21.13
C SER E 117 -19.16 1.82 -22.49
N VAL E 118 -20.41 1.88 -22.93
CA VAL E 118 -20.74 2.52 -24.20
C VAL E 118 -22.01 3.37 -24.03
N ASP E 119 -22.02 4.55 -24.65
CA ASP E 119 -23.19 5.41 -24.67
C ASP E 119 -23.27 6.05 -26.06
N GLU E 120 -24.34 5.70 -26.80
CA GLU E 120 -24.57 6.21 -28.16
C GLU E 120 -23.36 5.99 -29.06
N GLY E 121 -22.90 4.74 -29.10
CA GLY E 121 -21.78 4.36 -29.94
C GLY E 121 -20.41 4.94 -29.58
N ILE E 122 -20.29 5.63 -28.45
CA ILE E 122 -18.98 6.03 -27.94
C ILE E 122 -18.55 5.09 -26.80
N LEU E 123 -17.45 4.40 -27.00
CA LEU E 123 -16.84 3.57 -25.96
C LEU E 123 -16.08 4.47 -24.97
N THR E 124 -16.24 4.23 -23.67
CA THR E 124 -15.40 4.88 -22.67
C THR E 124 -14.72 3.78 -21.85
N LEU E 125 -13.42 3.95 -21.60
CA LEU E 125 -12.71 3.10 -20.67
C LEU E 125 -12.14 4.02 -19.59
N GLU E 126 -12.63 3.84 -18.36
CA GLU E 126 -12.22 4.61 -17.20
C GLU E 126 -11.25 3.75 -16.40
N ILE E 127 -10.25 4.37 -15.80
CA ILE E 127 -9.17 3.59 -15.15
C ILE E 127 -8.96 4.01 -13.70
N SER E 128 -8.51 3.07 -12.84
CA SER E 128 -8.48 3.35 -11.39
C SER E 128 -7.29 4.21 -11.02
N ARG E 129 -6.25 4.18 -11.86
CA ARG E 129 -5.03 4.97 -11.68
C ARG E 129 -4.44 5.22 -13.07
N SER E 130 -3.64 6.28 -13.23
CA SER E 130 -2.93 6.48 -14.49
C SER E 130 -2.01 5.29 -14.76
N LEU E 131 -1.92 4.89 -16.04
CA LEU E 131 -1.22 3.66 -16.44
C LEU E 131 -0.10 4.02 -17.38
N PRO E 132 1.17 3.82 -16.96
CA PRO E 132 2.32 4.08 -17.88
C PRO E 132 2.25 3.19 -19.11
N GLU E 133 1.65 2.01 -18.98
CA GLU E 133 1.39 1.14 -20.09
C GLU E 133 0.16 0.35 -19.77
N VAL E 134 -0.77 0.23 -20.73
CA VAL E 134 -2.03 -0.49 -20.50
C VAL E 134 -1.85 -2.03 -20.56
N GLY E 135 -1.23 -2.54 -21.62
CA GLY E 135 -1.04 -3.98 -21.80
C GLY E 135 -2.35 -4.63 -22.19
N SER E 136 -2.60 -5.85 -21.72
CA SER E 136 -3.78 -6.58 -22.16
C SER E 136 -4.65 -7.05 -20.98
N GLY E 137 -5.92 -7.29 -21.24
CA GLY E 137 -6.76 -7.91 -20.23
C GLY E 137 -8.05 -8.33 -20.86
N SER E 138 -8.86 -9.05 -20.09
CA SER E 138 -10.16 -9.45 -20.60
C SER E 138 -11.18 -9.45 -19.48
N SER E 139 -12.45 -9.33 -19.85
CA SER E 139 -13.54 -9.31 -18.90
C SER E 139 -14.63 -10.15 -19.51
N PHE E 140 -15.22 -11.07 -18.74
CA PHE E 140 -16.31 -11.87 -19.29
C PHE E 140 -17.47 -12.04 -18.31
N TYR E 141 -18.61 -12.48 -18.84
CA TYR E 141 -19.67 -12.93 -17.99
C TYR E 141 -20.30 -14.14 -18.60
N LEU E 142 -20.93 -14.94 -17.75
CA LEU E 142 -21.51 -16.21 -18.10
C LEU E 142 -22.92 -16.13 -17.64
N THR E 143 -23.84 -16.50 -18.52
CA THR E 143 -25.25 -16.37 -18.21
C THR E 143 -26.04 -17.60 -18.71
N GLU E 144 -27.10 -17.98 -17.99
CA GLU E 144 -27.93 -19.12 -18.38
C GLU E 144 -29.02 -18.69 -19.35
N SER F 38 -4.80 -29.37 -31.54
CA SER F 38 -5.36 -28.61 -30.36
C SER F 38 -6.86 -28.87 -30.17
N LYS F 39 -7.18 -29.91 -29.40
CA LYS F 39 -8.56 -30.35 -29.24
C LYS F 39 -9.11 -30.07 -27.83
N THR F 40 -10.35 -29.57 -27.77
CA THR F 40 -11.12 -29.42 -26.53
C THR F 40 -11.82 -30.73 -26.17
N SER F 41 -11.47 -31.30 -25.01
CA SER F 41 -12.06 -32.56 -24.53
C SER F 41 -13.08 -32.41 -23.39
N LEU F 42 -13.18 -31.21 -22.82
CA LEU F 42 -14.18 -30.94 -21.79
C LEU F 42 -14.49 -29.48 -21.83
N ASP F 43 -15.77 -29.14 -21.81
CA ASP F 43 -16.21 -27.77 -21.74
C ASP F 43 -17.57 -27.71 -21.06
N ILE F 44 -17.55 -27.51 -19.75
CA ILE F 44 -18.78 -27.48 -18.98
C ILE F 44 -18.98 -26.16 -18.25
N ALA F 45 -20.24 -25.81 -18.00
CA ALA F 45 -20.54 -24.60 -17.26
C ALA F 45 -21.67 -24.85 -16.30
N GLU F 46 -21.64 -24.19 -15.14
CA GLU F 46 -22.72 -24.33 -14.14
C GLU F 46 -22.80 -23.13 -13.22
N GLU F 47 -23.98 -22.93 -12.65
CA GLU F 47 -24.24 -21.82 -11.76
C GLU F 47 -24.35 -22.39 -10.37
N LEU F 48 -23.63 -21.79 -9.41
CA LEU F 48 -23.68 -22.20 -8.01
C LEU F 48 -24.17 -21.02 -7.21
N GLN F 49 -24.86 -21.30 -6.11
CA GLN F 49 -25.37 -20.26 -5.26
C GLN F 49 -25.17 -20.67 -3.79
N ASN F 50 -24.86 -19.69 -2.93
CA ASN F 50 -24.75 -19.97 -1.50
C ASN F 50 -26.09 -19.72 -0.80
N ASP F 51 -26.16 -19.91 0.51
CA ASP F 51 -27.44 -19.69 1.21
C ASP F 51 -27.78 -18.20 1.39
N LYS F 52 -26.77 -17.33 1.26
CA LYS F 52 -26.97 -15.88 1.40
C LYS F 52 -27.31 -15.21 0.06
N GLY F 53 -27.57 -16.04 -0.96
CA GLY F 53 -28.00 -15.55 -2.29
C GLY F 53 -26.94 -14.95 -3.22
N VAL F 54 -25.67 -15.19 -2.93
CA VAL F 54 -24.57 -14.85 -3.84
C VAL F 54 -24.54 -15.95 -4.89
N SER F 55 -24.36 -15.60 -6.16
CA SER F 55 -24.21 -16.63 -7.18
C SER F 55 -23.00 -16.43 -8.10
N PHE F 56 -22.40 -17.56 -8.48
CA PHE F 56 -21.23 -17.62 -9.35
C PHE F 56 -21.55 -18.48 -10.52
N ALA F 57 -21.02 -18.12 -11.67
CA ALA F 57 -21.01 -19.05 -12.78
C ALA F 57 -19.59 -19.54 -12.97
N PHE F 58 -19.43 -20.86 -13.14
CA PHE F 58 -18.11 -21.44 -13.41
C PHE F 58 -18.11 -22.15 -14.73
N GLN F 59 -16.97 -22.10 -15.42
CA GLN F 59 -16.74 -22.91 -16.61
C GLN F 59 -15.41 -23.63 -16.46
N ALA F 60 -15.41 -24.91 -16.81
CA ALA F 60 -14.23 -25.74 -16.76
C ALA F 60 -13.94 -26.19 -18.17
N ARG F 61 -12.72 -25.94 -18.62
CA ARG F 61 -12.35 -26.32 -19.97
C ARG F 61 -11.07 -27.11 -19.94
N GLU F 62 -11.05 -28.19 -20.73
CA GLU F 62 -9.84 -28.99 -20.92
C GLU F 62 -9.47 -29.05 -22.39
N GLU F 63 -8.19 -28.82 -22.68
CA GLU F 63 -7.67 -28.79 -24.05
C GLU F 63 -6.44 -29.64 -24.14
N GLU F 64 -6.27 -30.34 -25.26
CA GLU F 64 -5.04 -31.08 -25.51
C GLU F 64 -4.24 -30.35 -26.56
N LEU F 65 -2.94 -30.22 -26.30
CA LEU F 65 -2.02 -29.55 -27.19
C LEU F 65 -0.81 -30.44 -27.32
N GLY F 66 -0.89 -31.40 -28.24
CA GLY F 66 0.20 -32.37 -28.41
C GLY F 66 0.45 -33.10 -27.12
N ALA F 67 1.67 -32.98 -26.60
CA ALA F 67 2.06 -33.64 -25.35
C ALA F 67 1.44 -33.02 -24.09
N PHE F 68 0.87 -31.82 -24.23
CA PHE F 68 0.40 -31.05 -23.08
C PHE F 68 -1.11 -31.07 -22.96
N THR F 69 -1.60 -30.94 -21.73
CA THR F 69 -3.01 -30.71 -21.48
C THR F 69 -3.08 -29.40 -20.72
N LYS F 70 -4.01 -28.55 -21.10
CA LYS F 70 -4.31 -27.34 -20.34
C LYS F 70 -5.69 -27.44 -19.72
N ARG F 71 -5.80 -27.13 -18.43
CA ARG F 71 -7.09 -27.05 -17.79
C ARG F 71 -7.34 -25.66 -17.26
N THR F 72 -8.48 -25.08 -17.64
CA THR F 72 -8.79 -23.70 -17.25
C THR F 72 -10.09 -23.65 -16.52
N LEU F 73 -10.09 -22.96 -15.37
CA LEU F 73 -11.30 -22.62 -14.67
C LEU F 73 -11.64 -21.13 -14.88
N PHE F 74 -12.84 -20.85 -15.40
CA PHE F 74 -13.33 -19.48 -15.50
C PHE F 74 -14.39 -19.26 -14.42
N ALA F 75 -14.35 -18.11 -13.76
CA ALA F 75 -15.34 -17.78 -12.73
C ALA F 75 -15.89 -16.38 -12.93
N TYR F 76 -17.20 -16.23 -12.75
CA TYR F 76 -17.86 -14.93 -12.85
C TYR F 76 -18.92 -14.78 -11.78
N SER F 77 -18.89 -13.66 -11.05
CA SER F 77 -20.06 -13.22 -10.27
C SER F 77 -20.22 -11.70 -10.32
N GLY F 78 -21.47 -11.24 -10.41
CA GLY F 78 -21.77 -9.82 -10.32
C GLY F 78 -21.95 -9.34 -8.89
N ASP F 79 -21.99 -10.27 -7.95
CA ASP F 79 -22.17 -9.95 -6.52
C ASP F 79 -20.90 -9.50 -5.82
N GLY F 80 -21.07 -9.00 -4.60
CA GLY F 80 -19.94 -8.78 -3.69
C GLY F 80 -19.76 -10.01 -2.81
N LEU F 81 -18.57 -10.14 -2.22
CA LEU F 81 -18.28 -11.22 -1.28
C LEU F 81 -17.65 -10.62 -0.07
N THR F 82 -18.28 -10.85 1.08
CA THR F 82 -17.74 -10.33 2.33
C THR F 82 -16.74 -11.32 2.90
N GLY F 83 -17.00 -12.63 2.69
CA GLY F 83 -16.11 -13.73 3.11
C GLY F 83 -16.22 -14.93 2.15
N PRO F 84 -15.78 -16.13 2.56
CA PRO F 84 -15.76 -17.27 1.61
C PRO F 84 -17.11 -17.63 0.97
N PHE F 85 -17.07 -18.03 -0.30
CA PHE F 85 -18.23 -18.53 -0.99
C PHE F 85 -18.20 -20.06 -0.92
N LYS F 86 -19.27 -20.67 -0.43
CA LYS F 86 -19.33 -22.14 -0.37
C LYS F 86 -20.63 -22.61 -1.01
N ALA F 87 -20.55 -23.60 -1.89
CA ALA F 87 -21.73 -24.15 -2.54
C ALA F 87 -21.44 -25.55 -3.09
N PRO F 88 -22.49 -26.41 -3.19
CA PRO F 88 -22.34 -27.73 -3.77
C PRO F 88 -22.01 -27.62 -5.27
N ALA F 89 -21.00 -28.37 -5.71
CA ALA F 89 -20.63 -28.45 -7.11
C ALA F 89 -21.08 -29.78 -7.69
N SER F 90 -21.34 -29.82 -8.99
CA SER F 90 -21.64 -31.07 -9.70
C SER F 90 -20.47 -32.02 -9.62
N ALA F 91 -20.72 -33.31 -9.84
CA ALA F 91 -19.66 -34.31 -9.74
C ALA F 91 -18.56 -34.07 -10.81
N GLU F 92 -18.99 -33.65 -12.01
CA GLU F 92 -18.02 -33.42 -13.08
C GLU F 92 -17.15 -32.19 -12.79
N LEU F 93 -17.76 -31.13 -12.27
CA LEU F 93 -16.97 -29.98 -11.86
C LEU F 93 -16.03 -30.32 -10.68
N SER F 94 -16.52 -31.07 -9.69
CA SER F 94 -15.67 -31.49 -8.59
C SER F 94 -14.46 -32.28 -9.04
N SER F 95 -14.68 -33.23 -9.94
CA SER F 95 -13.62 -34.06 -10.48
C SER F 95 -12.56 -33.19 -11.17
N PHE F 96 -13.04 -32.27 -11.99
CA PHE F 96 -12.15 -31.29 -12.67
C PHE F 96 -11.32 -30.51 -11.65
N LEU F 97 -11.98 -29.96 -10.64
CA LEU F 97 -11.30 -29.12 -9.64
C LEU F 97 -10.26 -29.86 -8.82
N THR F 98 -10.53 -31.12 -8.54
CA THR F 98 -9.65 -31.97 -7.75
CA THR F 98 -9.60 -31.84 -7.70
C THR F 98 -8.35 -32.32 -8.48
N ALA F 99 -8.41 -32.34 -9.81
CA ALA F 99 -7.26 -32.77 -10.62
C ALA F 99 -6.01 -31.83 -10.60
N HIS F 100 -6.18 -30.60 -10.14
CA HIS F 100 -5.07 -29.63 -10.07
C HIS F 100 -3.90 -30.16 -9.24
N PRO F 101 -2.65 -30.03 -9.74
CA PRO F 101 -1.47 -30.50 -9.01
C PRO F 101 -1.30 -29.87 -7.62
N LYS F 102 -1.83 -28.66 -7.42
CA LYS F 102 -1.77 -28.00 -6.12
C LYS F 102 -2.99 -28.38 -5.25
N GLY F 103 -3.96 -29.05 -5.85
CA GLY F 103 -5.20 -29.39 -5.18
C GLY F 103 -6.14 -28.22 -4.97
N ARG F 104 -5.82 -27.07 -5.56
CA ARG F 104 -6.68 -25.87 -5.47
C ARG F 104 -6.24 -24.88 -6.55
N TRP F 105 -7.04 -23.86 -6.77
CA TRP F 105 -6.88 -23.00 -7.92
C TRP F 105 -6.72 -21.55 -7.46
N LEU F 106 -5.51 -21.03 -7.59
CA LEU F 106 -5.23 -19.62 -7.31
C LEU F 106 -5.79 -18.80 -8.48
N ILE F 107 -6.58 -17.79 -8.16
CA ILE F 107 -7.30 -17.08 -9.22
C ILE F 107 -7.35 -15.57 -8.96
N ALA F 108 -7.01 -14.79 -9.98
CA ALA F 108 -7.01 -13.34 -9.87
C ALA F 108 -8.34 -12.78 -10.34
N PHE F 109 -9.00 -11.97 -9.50
CA PHE F 109 -10.14 -11.18 -9.91
C PHE F 109 -9.66 -9.72 -9.94
N PRO F 110 -10.49 -8.80 -10.50
CA PRO F 110 -9.98 -7.43 -10.62
C PRO F 110 -9.65 -6.74 -9.29
N LEU F 111 -10.38 -7.03 -8.23
CA LEU F 111 -10.19 -6.32 -6.96
C LEU F 111 -9.53 -7.18 -5.87
N GLY F 112 -9.18 -8.42 -6.20
CA GLY F 112 -8.49 -9.25 -5.18
C GLY F 112 -8.21 -10.64 -5.69
N THR F 113 -7.65 -11.48 -4.83
CA THR F 113 -7.16 -12.80 -5.21
C THR F 113 -7.99 -13.85 -4.51
N GLY F 114 -8.25 -14.97 -5.17
CA GLY F 114 -9.01 -16.05 -4.59
C GLY F 114 -8.30 -17.38 -4.69
N ILE F 115 -8.72 -18.33 -3.87
CA ILE F 115 -8.32 -19.74 -4.02
C ILE F 115 -9.63 -20.58 -4.10
N VAL F 116 -9.76 -21.36 -5.16
CA VAL F 116 -10.95 -22.23 -5.32
C VAL F 116 -10.52 -23.65 -4.96
N SER F 117 -11.29 -24.31 -4.11
CA SER F 117 -11.02 -25.72 -3.80
C SER F 117 -12.34 -26.47 -3.69
N VAL F 118 -12.26 -27.80 -3.62
CA VAL F 118 -13.46 -28.61 -3.46
C VAL F 118 -13.18 -29.67 -2.39
N ASP F 119 -14.16 -29.92 -1.53
CA ASP F 119 -14.04 -30.91 -0.45
C ASP F 119 -15.38 -31.61 -0.28
N GLU F 120 -15.44 -32.91 -0.52
CA GLU F 120 -16.73 -33.64 -0.43
C GLU F 120 -17.80 -32.99 -1.29
N GLY F 121 -17.45 -32.67 -2.52
CA GLY F 121 -18.43 -32.08 -3.45
C GLY F 121 -18.87 -30.66 -3.15
N ILE F 122 -18.26 -30.00 -2.15
CA ILE F 122 -18.58 -28.59 -1.85
C ILE F 122 -17.43 -27.70 -2.32
N LEU F 123 -17.77 -26.72 -3.16
CA LEU F 123 -16.78 -25.77 -3.68
C LEU F 123 -16.64 -24.64 -2.69
N THR F 124 -15.40 -24.23 -2.42
CA THR F 124 -15.16 -23.07 -1.59
C THR F 124 -14.28 -22.12 -2.38
N LEU F 125 -14.66 -20.85 -2.41
CA LEU F 125 -13.77 -19.81 -2.90
C LEU F 125 -13.44 -18.89 -1.75
N GLU F 126 -12.19 -18.89 -1.34
CA GLU F 126 -11.75 -17.99 -0.29
C GLU F 126 -11.11 -16.78 -0.95
N ILE F 127 -11.24 -15.60 -0.34
CA ILE F 127 -10.78 -14.33 -0.94
C ILE F 127 -9.79 -13.58 -0.05
N SER F 128 -8.90 -12.82 -0.67
CA SER F 128 -7.80 -12.22 0.09
C SER F 128 -8.31 -10.99 0.85
N ARG F 129 -9.41 -10.40 0.39
CA ARG F 129 -9.98 -9.23 1.01
C ARG F 129 -11.42 -9.25 0.59
N SER F 130 -12.28 -8.57 1.33
CA SER F 130 -13.69 -8.45 0.94
C SER F 130 -13.80 -7.71 -0.41
N LEU F 131 -14.74 -8.13 -1.26
CA LEU F 131 -14.80 -7.62 -2.64
C LEU F 131 -16.18 -7.01 -2.84
N PRO F 132 -16.26 -5.68 -3.06
CA PRO F 132 -17.54 -5.04 -3.39
C PRO F 132 -18.15 -5.62 -4.65
N GLU F 133 -17.30 -6.11 -5.56
CA GLU F 133 -17.74 -6.77 -6.73
C GLU F 133 -16.72 -7.77 -7.13
N VAL F 134 -17.16 -9.00 -7.44
CA VAL F 134 -16.21 -10.05 -7.83
C VAL F 134 -15.67 -9.90 -9.27
N GLY F 135 -16.59 -9.75 -10.22
CA GLY F 135 -16.22 -9.67 -11.62
C GLY F 135 -15.81 -11.05 -12.12
N SER F 136 -14.85 -11.08 -13.05
CA SER F 136 -14.49 -12.33 -13.70
C SER F 136 -13.00 -12.60 -13.58
N GLY F 137 -12.63 -13.88 -13.64
CA GLY F 137 -11.23 -14.25 -13.59
C GLY F 137 -11.08 -15.66 -14.11
N SER F 138 -9.85 -16.06 -14.40
CA SER F 138 -9.59 -17.42 -14.77
C SER F 138 -8.28 -17.90 -14.20
N SER F 139 -8.14 -19.22 -14.15
CA SER F 139 -6.99 -19.85 -13.52
C SER F 139 -6.72 -21.13 -14.29
N PHE F 140 -5.49 -21.36 -14.73
CA PHE F 140 -5.23 -22.58 -15.51
C PHE F 140 -3.93 -23.23 -15.10
N TYR F 141 -3.77 -24.50 -15.46
CA TYR F 141 -2.45 -25.10 -15.40
C TYR F 141 -2.23 -25.88 -16.68
N LEU F 142 -0.97 -26.10 -17.02
CA LEU F 142 -0.56 -26.83 -18.21
C LEU F 142 0.34 -27.89 -17.69
N THR F 143 0.18 -29.09 -18.23
CA THR F 143 0.94 -30.23 -17.77
C THR F 143 1.25 -31.18 -18.94
N GLU F 144 2.41 -31.85 -18.87
CA GLU F 144 2.70 -32.94 -19.80
C GLU F 144 3.04 -34.23 -19.07
N SER G 38 -7.91 -23.95 34.74
CA SER G 38 -7.28 -24.40 33.44
C SER G 38 -6.20 -25.49 33.62
N LYS G 39 -5.98 -26.25 32.55
CA LYS G 39 -5.05 -27.38 32.59
C LYS G 39 -4.46 -27.64 31.22
N THR G 40 -3.14 -27.71 31.14
CA THR G 40 -2.45 -28.01 29.89
C THR G 40 -2.36 -29.52 29.69
N SER G 41 -3.06 -30.03 28.67
CA SER G 41 -3.04 -31.46 28.37
C SER G 41 -1.99 -31.92 27.32
N LEU G 42 -1.45 -30.99 26.53
CA LEU G 42 -0.41 -31.31 25.57
C LEU G 42 0.44 -30.07 25.44
N ASP G 43 1.75 -30.27 25.34
CA ASP G 43 2.66 -29.16 25.13
C ASP G 43 3.91 -29.81 24.55
N ILE G 44 3.97 -29.83 23.23
CA ILE G 44 5.07 -30.44 22.51
C ILE G 44 5.75 -29.42 21.60
N ALA G 45 7.01 -29.70 21.28
CA ALA G 45 7.80 -28.85 20.39
C ALA G 45 8.63 -29.73 19.48
N GLU G 46 8.86 -29.28 18.25
CA GLU G 46 9.79 -29.95 17.37
C GLU G 46 10.33 -29.01 16.31
N GLU G 47 11.53 -29.34 15.82
CA GLU G 47 12.19 -28.60 14.78
C GLU G 47 12.04 -29.37 13.47
N LEU G 48 11.59 -28.66 12.44
CA LEU G 48 11.44 -29.19 11.10
C LEU G 48 12.41 -28.49 10.16
N GLN G 49 12.90 -29.20 9.16
CA GLN G 49 13.81 -28.61 8.18
C GLN G 49 13.45 -29.09 6.78
N ASN G 50 13.53 -28.20 5.79
CA ASN G 50 13.22 -28.62 4.43
C ASN G 50 14.48 -29.06 3.69
N ASP G 51 14.35 -29.46 2.43
CA ASP G 51 15.54 -29.86 1.62
C ASP G 51 16.54 -28.73 1.32
N LYS G 52 16.10 -27.48 1.44
CA LYS G 52 16.97 -26.35 1.14
C LYS G 52 17.55 -25.69 2.39
N GLY G 53 17.43 -26.37 3.53
CA GLY G 53 18.06 -25.92 4.78
C GLY G 53 17.33 -24.82 5.58
N VAL G 54 16.08 -24.53 5.23
CA VAL G 54 15.23 -23.68 6.08
C VAL G 54 14.78 -24.53 7.27
N SER G 55 14.87 -23.97 8.47
CA SER G 55 14.33 -24.67 9.62
C SER G 55 13.29 -23.83 10.38
N PHE G 56 12.29 -24.55 10.92
CA PHE G 56 11.23 -23.97 11.72
C PHE G 56 11.11 -24.76 13.01
N ALA G 57 10.88 -24.07 14.13
CA ALA G 57 10.44 -24.77 15.35
C ALA G 57 8.97 -24.52 15.54
N PHE G 58 8.25 -25.56 15.94
CA PHE G 58 6.83 -25.46 16.22
C PHE G 58 6.57 -25.99 17.60
N GLN G 59 5.64 -25.34 18.29
CA GLN G 59 5.12 -25.81 19.54
C GLN G 59 3.62 -25.90 19.42
N ALA G 60 3.07 -27.02 19.90
CA ALA G 60 1.63 -27.23 19.90
C ALA G 60 1.19 -27.38 21.37
N ARG G 61 0.23 -26.56 21.80
CA ARG G 61 -0.24 -26.56 23.16
C ARG G 61 -1.75 -26.72 23.20
N GLU G 62 -2.21 -27.63 24.04
CA GLU G 62 -3.63 -27.77 24.30
C GLU G 62 -3.89 -27.49 25.77
N GLU G 63 -4.88 -26.63 26.02
CA GLU G 63 -5.31 -26.27 27.36
C GLU G 63 -6.82 -26.42 27.47
N GLU G 64 -7.28 -26.83 28.64
CA GLU G 64 -8.71 -26.87 28.89
C GLU G 64 -9.01 -25.82 29.94
N LEU G 65 -10.02 -24.98 29.70
CA LEU G 65 -10.46 -23.98 30.69
C LEU G 65 -11.98 -23.87 30.77
N GLY G 66 -12.53 -24.30 31.91
CA GLY G 66 -13.99 -24.32 32.05
C GLY G 66 -14.62 -25.19 30.99
N ALA G 67 -15.57 -24.62 30.24
CA ALA G 67 -16.28 -25.40 29.22
C ALA G 67 -15.54 -25.43 27.86
N PHE G 68 -14.32 -24.89 27.82
CA PHE G 68 -13.63 -24.63 26.56
C PHE G 68 -12.30 -25.33 26.45
N THR G 69 -11.88 -25.63 25.22
CA THR G 69 -10.50 -26.05 24.96
C THR G 69 -9.83 -24.98 24.08
N LYS G 70 -8.57 -24.65 24.36
CA LYS G 70 -7.82 -23.76 23.51
C LYS G 70 -6.66 -24.53 22.90
N ARG G 71 -6.49 -24.44 21.59
CA ARG G 71 -5.37 -25.10 20.91
C ARG G 71 -4.53 -23.99 20.27
N THR G 72 -3.25 -23.93 20.59
CA THR G 72 -2.35 -22.89 20.06
C THR G 72 -1.18 -23.54 19.35
N LEU G 73 -0.93 -23.10 18.12
CA LEU G 73 0.28 -23.41 17.43
C LEU G 73 1.21 -22.17 17.47
N PHE G 74 2.45 -22.37 17.93
CA PHE G 74 3.50 -21.34 17.88
C PHE G 74 4.50 -21.75 16.82
N ALA G 75 5.00 -20.77 16.05
CA ALA G 75 5.96 -21.04 14.99
C ALA G 75 7.09 -20.03 15.01
N TYR G 76 8.31 -20.50 14.81
CA TYR G 76 9.50 -19.62 14.80
C TYR G 76 10.49 -20.05 13.71
N SER G 77 10.94 -19.10 12.89
CA SER G 77 12.14 -19.33 12.06
C SER G 77 12.97 -18.05 11.96
N GLY G 78 14.28 -18.17 12.03
CA GLY G 78 15.16 -17.03 11.76
C GLY G 78 15.45 -16.90 10.26
N ASP G 79 14.99 -17.86 9.46
CA ASP G 79 15.22 -17.84 8.01
C ASP G 79 14.22 -16.98 7.22
N GLY G 80 14.58 -16.69 5.97
CA GLY G 80 13.65 -16.08 5.03
C GLY G 80 12.94 -17.20 4.30
N LEU G 81 11.83 -16.88 3.66
CA LEU G 81 11.05 -17.85 2.95
C LEU G 81 10.45 -17.19 1.72
N THR G 82 10.44 -17.87 0.58
N THR G 82 10.62 -17.85 0.58
CA THR G 82 9.55 -17.45 -0.51
CA THR G 82 10.24 -17.35 -0.73
C THR G 82 8.55 -18.56 -0.83
C THR G 82 9.49 -18.42 -1.54
N GLY G 83 9.00 -19.58 -1.52
N GLY G 83 8.58 -19.11 -0.86
CA GLY G 83 8.14 -20.70 -1.78
CA GLY G 83 7.83 -20.21 -1.43
C GLY G 83 7.75 -21.33 -0.45
C GLY G 83 7.42 -21.05 -0.24
N PRO G 84 6.71 -22.17 -0.47
CA PRO G 84 6.17 -22.86 0.72
C PRO G 84 7.23 -23.65 1.48
N PHE G 85 7.10 -23.72 2.79
CA PHE G 85 7.95 -24.59 3.59
C PHE G 85 7.25 -25.94 3.75
N LYS G 86 7.92 -27.03 3.38
CA LYS G 86 7.36 -28.38 3.55
C LYS G 86 8.37 -29.27 4.27
N ALA G 87 7.89 -30.03 5.25
CA ALA G 87 8.74 -30.96 6.01
C ALA G 87 7.87 -31.98 6.75
N PRO G 88 8.39 -33.21 6.92
CA PRO G 88 7.65 -34.22 7.70
C PRO G 88 7.46 -33.80 9.15
N ALA G 89 6.23 -33.97 9.67
CA ALA G 89 5.92 -33.71 11.08
C ALA G 89 5.65 -35.02 11.83
N SER G 90 5.88 -35.03 13.14
CA SER G 90 5.56 -36.20 13.96
C SER G 90 4.06 -36.54 13.95
N ALA G 91 3.74 -37.79 14.31
CA ALA G 91 2.34 -38.22 14.40
C ALA G 91 1.53 -37.35 15.36
N GLU G 92 2.10 -36.96 16.50
CA GLU G 92 1.35 -36.14 17.44
C GLU G 92 1.14 -34.72 16.90
N LEU G 93 2.18 -34.13 16.33
CA LEU G 93 2.01 -32.79 15.72
C LEU G 93 1.00 -32.84 14.58
N SER G 94 1.10 -33.87 13.74
CA SER G 94 0.18 -34.04 12.61
C SER G 94 -1.25 -34.11 13.07
N SER G 95 -1.48 -34.92 14.11
CA SER G 95 -2.80 -35.04 14.71
C SER G 95 -3.28 -33.73 15.29
N PHE G 96 -2.39 -33.02 15.98
CA PHE G 96 -2.80 -31.73 16.55
C PHE G 96 -3.25 -30.78 15.43
N LEU G 97 -2.50 -30.78 14.34
CA LEU G 97 -2.73 -29.79 13.24
C LEU G 97 -4.01 -30.07 12.46
N THR G 98 -4.33 -31.36 12.28
CA THR G 98 -5.60 -31.72 11.61
C THR G 98 -6.85 -31.29 12.39
N ALA G 99 -6.75 -31.02 13.69
N ALA G 99 -6.66 -31.08 13.69
CA ALA G 99 -7.95 -30.80 14.54
CA ALA G 99 -7.72 -30.71 14.61
C ALA G 99 -8.72 -29.46 14.37
C ALA G 99 -7.84 -29.20 14.73
N HIS G 100 -8.15 -28.56 13.60
CA HIS G 100 -8.62 -27.19 13.55
C HIS G 100 -9.95 -27.12 12.76
N PRO G 101 -10.95 -26.33 13.26
CA PRO G 101 -12.24 -26.22 12.58
C PRO G 101 -12.18 -25.70 11.14
N LYS G 102 -11.08 -25.00 10.79
CA LYS G 102 -10.86 -24.53 9.41
C LYS G 102 -9.99 -25.48 8.60
N GLY G 103 -9.50 -26.53 9.25
CA GLY G 103 -8.61 -27.49 8.60
C GLY G 103 -7.19 -26.98 8.33
N ARG G 104 -6.88 -25.79 8.82
CA ARG G 104 -5.57 -25.18 8.65
C ARG G 104 -5.44 -24.05 9.63
N TRP G 105 -4.23 -23.50 9.73
CA TRP G 105 -3.91 -22.54 10.78
C TRP G 105 -3.46 -21.24 10.17
N LEU G 106 -4.35 -20.25 10.14
CA LEU G 106 -3.98 -18.89 9.73
C LEU G 106 -3.10 -18.25 10.80
N ILE G 107 -1.92 -17.76 10.40
CA ILE G 107 -0.95 -17.31 11.35
C ILE G 107 -0.27 -16.01 10.93
N ALA G 108 -0.27 -15.03 11.82
CA ALA G 108 0.40 -13.74 11.53
C ALA G 108 1.86 -13.72 12.01
N PHE G 109 2.79 -13.44 11.10
CA PHE G 109 4.22 -13.20 11.44
C PHE G 109 4.44 -11.70 11.34
N PRO G 110 5.58 -11.16 11.82
CA PRO G 110 5.65 -9.69 11.81
C PRO G 110 5.54 -9.05 10.41
N LEU G 111 6.05 -9.70 9.38
CA LEU G 111 6.08 -9.11 8.04
C LEU G 111 5.09 -9.70 7.02
N GLY G 112 4.29 -10.66 7.44
CA GLY G 112 3.35 -11.28 6.49
C GLY G 112 2.52 -12.35 7.16
N THR G 113 1.59 -12.93 6.42
CA THR G 113 0.75 -13.98 7.01
CA THR G 113 0.68 -13.94 6.95
C THR G 113 1.03 -15.31 6.37
N GLY G 114 0.71 -16.36 7.09
CA GLY G 114 0.91 -17.70 6.58
C GLY G 114 -0.28 -18.60 6.87
N ILE G 115 -0.30 -19.77 6.22
CA ILE G 115 -1.28 -20.80 6.54
C ILE G 115 -0.49 -22.08 6.74
N VAL G 116 -0.66 -22.73 7.89
CA VAL G 116 -0.04 -24.03 8.20
C VAL G 116 -1.09 -25.14 8.03
N SER G 117 -0.74 -26.19 7.32
CA SER G 117 -1.67 -27.31 7.10
C SER G 117 -0.83 -28.58 7.15
N VAL G 118 -1.50 -29.73 7.25
CA VAL G 118 -0.79 -31.01 7.25
C VAL G 118 -1.55 -31.96 6.32
N ASP G 119 -0.81 -32.79 5.61
CA ASP G 119 -1.42 -33.76 4.73
C ASP G 119 -0.53 -34.98 4.78
N GLU G 120 -1.08 -36.08 5.29
CA GLU G 120 -0.37 -37.34 5.42
C GLU G 120 1.01 -37.14 6.07
N GLY G 121 1.02 -36.52 7.24
CA GLY G 121 2.26 -36.34 8.01
C GLY G 121 3.29 -35.35 7.46
N ILE G 122 2.93 -34.62 6.39
CA ILE G 122 3.78 -33.54 5.87
C ILE G 122 3.15 -32.17 6.23
N LEU G 123 3.91 -31.35 6.95
CA LEU G 123 3.51 -29.98 7.29
C LEU G 123 3.83 -29.09 6.10
N THR G 124 2.88 -28.25 5.72
CA THR G 124 3.15 -27.21 4.72
C THR G 124 2.85 -25.86 5.33
N LEU G 125 3.80 -24.93 5.21
CA LEU G 125 3.52 -23.55 5.56
C LEU G 125 3.62 -22.69 4.30
N GLU G 126 2.51 -22.04 3.94
CA GLU G 126 2.42 -21.17 2.76
C GLU G 126 2.33 -19.73 3.21
N ILE G 127 3.01 -18.81 2.53
CA ILE G 127 3.05 -17.40 2.97
C ILE G 127 2.45 -16.42 1.95
N SER G 128 1.96 -15.28 2.45
CA SER G 128 1.21 -14.35 1.64
C SER G 128 2.14 -13.54 0.72
N ARG G 129 3.36 -13.34 1.20
CA ARG G 129 4.39 -12.62 0.46
C ARG G 129 5.71 -13.24 0.87
N SER G 130 6.72 -13.12 0.02
CA SER G 130 8.07 -13.54 0.38
C SER G 130 8.53 -12.76 1.62
N LEU G 131 9.23 -13.43 2.53
CA LEU G 131 9.60 -12.87 3.81
C LEU G 131 11.12 -12.97 3.94
N PRO G 132 11.83 -11.83 4.04
CA PRO G 132 13.29 -11.86 4.28
C PRO G 132 13.65 -12.48 5.64
N GLU G 133 12.72 -12.43 6.59
CA GLU G 133 12.87 -13.11 7.89
C GLU G 133 11.48 -13.42 8.36
N VAL G 134 11.28 -14.66 8.81
CA VAL G 134 9.92 -15.10 9.21
C VAL G 134 9.60 -14.57 10.61
N GLY G 135 10.51 -14.80 11.56
CA GLY G 135 10.29 -14.41 12.94
C GLY G 135 9.32 -15.37 13.64
N SER G 136 8.51 -14.84 14.55
CA SER G 136 7.64 -15.66 15.39
C SER G 136 6.19 -15.29 15.24
N GLY G 137 5.32 -16.27 15.44
CA GLY G 137 3.90 -15.98 15.43
C GLY G 137 3.15 -17.11 16.08
N SER G 138 1.86 -16.87 16.35
CA SER G 138 1.02 -17.92 16.92
C SER G 138 -0.38 -17.86 16.33
N SER G 139 -1.06 -19.00 16.38
CA SER G 139 -2.41 -19.15 15.84
C SER G 139 -3.14 -20.06 16.82
N PHE G 140 -4.29 -19.60 17.33
CA PHE G 140 -5.08 -20.45 18.22
C PHE G 140 -6.55 -20.51 17.83
N TYR G 141 -7.27 -21.46 18.41
CA TYR G 141 -8.72 -21.38 18.38
C TYR G 141 -9.23 -21.86 19.73
N LEU G 142 -10.42 -21.39 20.06
CA LEU G 142 -11.08 -21.71 21.30
C LEU G 142 -12.40 -22.30 20.89
N THR G 143 -12.76 -23.39 21.53
CA THR G 143 -14.05 -24.00 21.27
C THR G 143 -14.57 -24.78 22.49
N GLU G 144 -15.89 -24.93 22.56
CA GLU G 144 -16.59 -25.82 23.51
C GLU G 144 -15.90 -27.17 23.64
N LYS G 145 -15.73 -27.59 24.89
CA LYS G 145 -14.95 -28.76 25.28
C LYS G 145 -15.59 -30.08 24.80
N SER H 38 4.61 -16.67 40.58
CA SER H 38 3.60 -16.18 39.57
C SER H 38 2.36 -17.08 39.51
N LYS H 39 1.18 -16.43 39.52
CA LYS H 39 -0.10 -17.13 39.60
C LYS H 39 -1.07 -16.62 38.54
N THR H 40 -1.80 -17.54 37.90
CA THR H 40 -2.97 -17.18 37.11
C THR H 40 -4.15 -17.01 38.08
N SER H 41 -4.70 -15.80 38.15
CA SER H 41 -5.76 -15.46 39.10
C SER H 41 -7.15 -15.31 38.48
N LEU H 42 -7.23 -15.45 37.16
CA LEU H 42 -8.48 -15.45 36.42
C LEU H 42 -8.17 -16.10 35.08
N ASP H 43 -9.07 -16.96 34.63
CA ASP H 43 -8.93 -17.59 33.35
C ASP H 43 -10.30 -18.03 32.89
N ILE H 44 -11.05 -17.08 32.32
CA ILE H 44 -12.40 -17.34 31.83
C ILE H 44 -12.54 -17.35 30.28
N ALA H 45 -13.58 -18.00 29.77
CA ALA H 45 -13.81 -18.06 28.33
C ALA H 45 -15.29 -18.13 28.05
N GLU H 46 -15.74 -17.48 26.97
CA GLU H 46 -17.13 -17.56 26.56
C GLU H 46 -17.29 -17.37 25.08
N GLU H 47 -18.37 -17.90 24.53
CA GLU H 47 -18.72 -17.69 23.14
C GLU H 47 -19.79 -16.62 23.05
N LEU H 48 -19.59 -15.63 22.19
CA LEU H 48 -20.58 -14.58 21.95
C LEU H 48 -21.08 -14.69 20.50
N GLN H 49 -22.35 -14.33 20.28
CA GLN H 49 -22.90 -14.40 18.96
C GLN H 49 -23.72 -13.13 18.68
N ASN H 50 -23.62 -12.58 17.47
CA ASN H 50 -24.41 -11.39 17.15
C ASN H 50 -25.74 -11.73 16.52
N ASP H 51 -26.50 -10.68 16.21
CA ASP H 51 -27.79 -10.76 15.56
C ASP H 51 -27.75 -11.59 14.26
N LYS H 52 -26.60 -11.55 13.57
CA LYS H 52 -26.47 -12.17 12.25
C LYS H 52 -25.74 -13.52 12.25
N GLY H 53 -25.68 -14.18 13.40
CA GLY H 53 -25.04 -15.50 13.51
C GLY H 53 -23.52 -15.59 13.50
N VAL H 54 -22.83 -14.45 13.45
CA VAL H 54 -21.37 -14.41 13.58
C VAL H 54 -21.03 -14.74 15.04
N SER H 55 -20.05 -15.61 15.25
CA SER H 55 -19.63 -15.87 16.63
C SER H 55 -18.13 -15.76 16.92
N PHE H 56 -17.84 -15.35 18.15
CA PHE H 56 -16.49 -15.14 18.64
C PHE H 56 -16.36 -15.87 19.92
N ALA H 57 -15.17 -16.43 20.14
CA ALA H 57 -14.81 -16.94 21.44
C ALA H 57 -13.83 -15.97 22.04
N PHE H 58 -14.04 -15.62 23.31
CA PHE H 58 -13.11 -14.77 24.04
C PHE H 58 -12.60 -15.52 25.24
N GLN H 59 -11.31 -15.35 25.54
CA GLN H 59 -10.74 -15.75 26.81
C GLN H 59 -10.10 -14.55 27.47
N ALA H 60 -10.36 -14.38 28.77
CA ALA H 60 -9.76 -13.33 29.57
C ALA H 60 -8.90 -13.99 30.63
N ARG H 61 -7.64 -13.58 30.72
CA ARG H 61 -6.71 -14.20 31.63
C ARG H 61 -6.01 -13.15 32.43
N GLU H 62 -5.88 -13.37 33.74
CA GLU H 62 -5.05 -12.48 34.56
C GLU H 62 -3.89 -13.25 35.19
N GLU H 63 -2.69 -12.71 35.11
CA GLU H 63 -1.49 -13.34 35.66
C GLU H 63 -0.83 -12.37 36.60
N GLU H 64 -0.48 -12.84 37.79
CA GLU H 64 0.24 -12.03 38.75
C GLU H 64 1.70 -12.44 38.67
N LEU H 65 2.58 -11.45 38.44
CA LEU H 65 4.01 -11.67 38.31
C LEU H 65 4.71 -10.71 39.25
N GLY H 66 4.72 -11.05 40.54
CA GLY H 66 5.35 -10.18 41.56
C GLY H 66 4.63 -8.86 41.68
N ALA H 67 5.35 -7.78 41.40
CA ALA H 67 4.79 -6.42 41.46
C ALA H 67 3.81 -6.15 40.33
N PHE H 68 3.90 -6.95 39.26
CA PHE H 68 3.13 -6.73 38.02
C PHE H 68 1.95 -7.63 37.88
N THR H 69 0.94 -7.12 37.18
CA THR H 69 -0.18 -7.94 36.75
C THR H 69 -0.27 -7.82 35.23
N LYS H 70 -0.46 -8.95 34.55
CA LYS H 70 -0.77 -8.92 33.13
C LYS H 70 -2.19 -9.36 32.90
N ARG H 71 -2.94 -8.57 32.15
CA ARG H 71 -4.27 -8.95 31.75
C ARG H 71 -4.30 -9.10 30.23
N THR H 72 -4.70 -10.29 29.77
CA THR H 72 -4.75 -10.62 28.35
C THR H 72 -6.18 -11.01 27.91
N LEU H 73 -6.65 -10.38 26.82
CA LEU H 73 -7.83 -10.84 26.11
C LEU H 73 -7.40 -11.63 24.88
N PHE H 74 -7.92 -12.84 24.73
CA PHE H 74 -7.70 -13.63 23.53
C PHE H 74 -9.03 -13.68 22.79
N ALA H 75 -9.00 -13.52 21.47
CA ALA H 75 -10.24 -13.53 20.68
C ALA H 75 -10.07 -14.42 19.47
N TYR H 76 -11.10 -15.22 19.16
CA TYR H 76 -11.07 -16.09 17.99
C TYR H 76 -12.40 -16.06 17.26
N SER H 77 -12.37 -15.85 15.94
CA SER H 77 -13.54 -16.18 15.09
C SER H 77 -13.13 -16.84 13.76
N GLY H 78 -13.92 -17.82 13.33
CA GLY H 78 -13.77 -18.38 12.00
C GLY H 78 -14.55 -17.59 10.94
N ASP H 79 -15.40 -16.67 11.39
CA ASP H 79 -16.25 -15.89 10.47
C ASP H 79 -15.54 -14.65 9.90
N GLY H 80 -16.17 -14.07 8.89
CA GLY H 80 -15.81 -12.76 8.38
C GLY H 80 -16.62 -11.69 9.08
N LEU H 81 -16.09 -10.47 9.06
CA LEU H 81 -16.77 -9.30 9.59
C LEU H 81 -16.71 -8.20 8.56
N THR H 82 -17.86 -7.59 8.33
CA THR H 82 -18.03 -6.53 7.36
C THR H 82 -18.02 -5.18 8.07
N GLY H 83 -18.63 -5.16 9.26
CA GLY H 83 -18.70 -4.02 10.17
C GLY H 83 -18.59 -4.53 11.61
N PRO H 84 -18.94 -3.70 12.61
CA PRO H 84 -18.70 -4.02 14.04
C PRO H 84 -19.47 -5.24 14.49
N PHE H 85 -18.85 -6.01 15.39
CA PHE H 85 -19.49 -7.14 16.05
C PHE H 85 -20.02 -6.67 17.40
N LYS H 86 -21.33 -6.89 17.63
CA LYS H 86 -21.94 -6.53 18.92
C LYS H 86 -22.69 -7.72 19.50
N ALA H 87 -22.45 -7.98 20.77
CA ALA H 87 -23.11 -9.08 21.47
C ALA H 87 -23.07 -8.86 22.98
N PRO H 88 -24.11 -9.33 23.70
CA PRO H 88 -24.08 -9.30 25.16
C PRO H 88 -22.93 -10.15 25.75
N ALA H 89 -22.21 -9.57 26.70
CA ALA H 89 -21.13 -10.28 27.43
C ALA H 89 -21.54 -10.52 28.89
N SER H 90 -20.99 -11.58 29.50
CA SER H 90 -21.18 -11.84 30.92
C SER H 90 -20.72 -10.65 31.76
N ALA H 91 -21.25 -10.55 32.98
CA ALA H 91 -20.80 -9.55 33.93
C ALA H 91 -19.29 -9.67 34.22
N GLU H 92 -18.79 -10.90 34.28
CA GLU H 92 -17.37 -11.09 34.60
C GLU H 92 -16.46 -10.63 33.47
N LEU H 93 -16.86 -10.94 32.23
CA LEU H 93 -16.11 -10.47 31.06
C LEU H 93 -16.21 -8.94 30.91
N SER H 94 -17.42 -8.41 31.07
CA SER H 94 -17.61 -6.95 31.01
C SER H 94 -16.74 -6.24 32.01
N SER H 95 -16.65 -6.79 33.22
CA SER H 95 -15.83 -6.18 34.25
C SER H 95 -14.33 -6.26 33.92
N PHE H 96 -13.89 -7.41 33.41
CA PHE H 96 -12.50 -7.57 32.94
C PHE H 96 -12.15 -6.52 31.87
N LEU H 97 -13.03 -6.35 30.88
CA LEU H 97 -12.80 -5.43 29.76
C LEU H 97 -12.80 -3.96 30.14
N THR H 98 -13.67 -3.58 31.07
CA THR H 98 -13.71 -2.21 31.60
C THR H 98 -12.42 -1.78 32.32
N ALA H 99 -11.70 -2.74 32.89
CA ALA H 99 -10.55 -2.44 33.74
C ALA H 99 -9.26 -1.95 33.01
N HIS H 100 -9.28 -1.99 31.68
CA HIS H 100 -8.14 -1.56 30.88
C HIS H 100 -7.89 -0.04 31.06
N PRO H 101 -6.60 0.37 31.16
CA PRO H 101 -6.19 1.78 31.27
C PRO H 101 -6.73 2.68 30.16
N LYS H 102 -6.94 2.13 28.96
CA LYS H 102 -7.43 2.93 27.84
C LYS H 102 -8.94 2.83 27.72
N GLY H 103 -9.56 1.95 28.49
CA GLY H 103 -10.99 1.69 28.40
C GLY H 103 -11.41 0.81 27.22
N ARG H 104 -10.43 0.35 26.45
CA ARG H 104 -10.67 -0.47 25.28
C ARG H 104 -9.39 -1.26 24.92
N TRP H 105 -9.54 -2.23 24.04
CA TRP H 105 -8.49 -3.20 23.78
C TRP H 105 -8.14 -3.18 22.31
N LEU H 106 -7.01 -2.55 21.99
CA LEU H 106 -6.45 -2.59 20.64
C LEU H 106 -5.89 -3.98 20.38
N ILE H 107 -6.34 -4.63 19.30
CA ILE H 107 -6.04 -6.04 19.06
C ILE H 107 -5.71 -6.26 17.59
N ALA H 108 -4.61 -6.96 17.33
CA ALA H 108 -4.23 -7.32 15.97
C ALA H 108 -4.71 -8.70 15.58
N PHE H 109 -5.46 -8.79 14.49
CA PHE H 109 -5.77 -10.07 13.87
C PHE H 109 -4.90 -10.21 12.62
N PRO H 110 -4.89 -11.39 11.98
CA PRO H 110 -3.98 -11.55 10.86
C PRO H 110 -4.20 -10.54 9.72
N LEU H 111 -5.46 -10.23 9.42
CA LEU H 111 -5.82 -9.40 8.24
C LEU H 111 -6.24 -7.98 8.58
N GLY H 112 -6.20 -7.60 9.85
CA GLY H 112 -6.63 -6.23 10.22
C GLY H 112 -6.61 -6.04 11.71
N THR H 113 -6.91 -4.83 12.14
CA THR H 113 -6.84 -4.44 13.54
CA THR H 113 -6.85 -4.53 13.57
C THR H 113 -8.25 -4.21 14.07
N GLY H 114 -8.45 -4.40 15.36
CA GLY H 114 -9.74 -4.17 15.97
C GLY H 114 -9.57 -3.46 17.30
N ILE H 115 -10.69 -2.96 17.84
CA ILE H 115 -10.73 -2.36 19.16
C ILE H 115 -11.94 -3.05 19.86
N VAL H 116 -11.68 -3.72 20.98
CA VAL H 116 -12.78 -4.32 21.78
C VAL H 116 -13.10 -3.36 22.93
N SER H 117 -14.39 -3.09 23.11
CA SER H 117 -14.89 -2.29 24.22
C SER H 117 -16.20 -2.91 24.73
N VAL H 118 -16.64 -2.47 25.90
CA VAL H 118 -17.91 -2.92 26.48
C VAL H 118 -18.69 -1.72 27.05
N ASP H 119 -19.98 -1.73 26.86
CA ASP H 119 -20.85 -0.70 27.40
C ASP H 119 -22.16 -1.36 27.83
N GLU H 120 -22.45 -1.34 29.13
CA GLU H 120 -23.70 -1.90 29.64
C GLU H 120 -23.83 -3.39 29.29
N GLY H 121 -22.72 -4.12 29.45
CA GLY H 121 -22.71 -5.55 29.15
C GLY H 121 -22.88 -5.95 27.68
N ILE H 122 -22.70 -4.99 26.76
CA ILE H 122 -22.68 -5.29 25.34
C ILE H 122 -21.24 -5.10 24.86
N LEU H 123 -20.61 -6.17 24.40
CA LEU H 123 -19.25 -6.06 23.84
C LEU H 123 -19.35 -5.59 22.40
N THR H 124 -18.52 -4.61 22.04
CA THR H 124 -18.38 -4.20 20.63
C THR H 124 -16.93 -4.47 20.15
N LEU H 125 -16.81 -5.09 18.98
CA LEU H 125 -15.51 -5.13 18.28
C LEU H 125 -15.65 -4.34 16.99
N GLU H 126 -14.92 -3.25 16.90
CA GLU H 126 -14.91 -2.43 15.71
C GLU H 126 -13.59 -2.76 14.98
N ILE H 127 -13.66 -2.81 13.65
CA ILE H 127 -12.52 -3.27 12.81
C ILE H 127 -12.04 -2.17 11.84
N SER H 128 -10.75 -2.24 11.48
CA SER H 128 -10.13 -1.19 10.72
C SER H 128 -10.49 -1.35 9.26
N ARG H 129 -10.70 -2.58 8.86
CA ARG H 129 -10.97 -2.96 7.49
C ARG H 129 -11.92 -4.15 7.58
N SER H 130 -12.74 -4.37 6.56
CA SER H 130 -13.55 -5.57 6.52
C SER H 130 -12.62 -6.80 6.47
N LEU H 131 -13.02 -7.87 7.13
CA LEU H 131 -12.16 -9.06 7.28
C LEU H 131 -12.89 -10.25 6.70
N PRO H 132 -12.37 -10.86 5.62
CA PRO H 132 -13.05 -12.04 5.08
C PRO H 132 -12.98 -13.23 6.07
N GLU H 133 -11.97 -13.21 6.94
CA GLU H 133 -11.82 -14.17 8.02
C GLU H 133 -11.14 -13.47 9.16
N VAL H 134 -11.71 -13.59 10.37
CA VAL H 134 -11.14 -12.93 11.55
C VAL H 134 -9.86 -13.61 12.08
N GLY H 135 -9.93 -14.92 12.30
CA GLY H 135 -8.80 -15.66 12.86
C GLY H 135 -8.63 -15.34 14.34
N SER H 136 -7.38 -15.35 14.83
CA SER H 136 -7.10 -15.19 16.25
C SER H 136 -6.17 -14.03 16.55
N GLY H 137 -6.27 -13.50 17.76
CA GLY H 137 -5.39 -12.41 18.18
C GLY H 137 -5.49 -12.21 19.68
N SER H 138 -4.57 -11.44 20.23
CA SER H 138 -4.66 -11.14 21.64
C SER H 138 -4.19 -9.72 21.90
N SER H 139 -4.62 -9.19 23.03
CA SER H 139 -4.29 -7.84 23.43
C SER H 139 -4.10 -7.89 24.94
N PHE H 140 -2.98 -7.36 25.42
CA PHE H 140 -2.74 -7.37 26.86
C PHE H 140 -2.25 -6.01 27.34
N TYR H 141 -2.36 -5.80 28.65
CA TYR H 141 -1.61 -4.72 29.28
C TYR H 141 -0.90 -5.25 30.52
N LEU H 142 0.16 -4.56 30.91
CA LEU H 142 0.99 -4.95 32.02
C LEU H 142 1.10 -3.74 32.90
N THR H 143 0.82 -3.92 34.18
CA THR H 143 0.79 -2.78 35.11
C THR H 143 1.37 -3.18 36.46
N GLU H 144 1.98 -2.21 37.14
CA GLU H 144 2.78 -2.48 38.34
C GLU H 144 1.96 -2.24 39.59
N SER I 38 5.99 -27.54 29.75
CA SER I 38 6.23 -28.03 31.15
C SER I 38 6.57 -26.88 32.12
N LYS I 39 7.87 -26.58 32.30
CA LYS I 39 8.34 -25.70 33.41
C LYS I 39 8.83 -24.30 33.01
N THR I 40 8.29 -23.28 33.67
CA THR I 40 8.75 -21.90 33.53
C THR I 40 9.94 -21.64 34.46
N SER I 41 11.13 -21.44 33.89
CA SER I 41 12.34 -21.20 34.69
C SER I 41 12.64 -19.73 34.96
N LEU I 42 11.95 -18.82 34.27
CA LEU I 42 12.12 -17.39 34.48
C LEU I 42 10.86 -16.69 34.05
N ASP I 43 10.42 -15.73 34.83
CA ASP I 43 9.25 -14.96 34.45
C ASP I 43 9.35 -13.62 35.15
N ILE I 44 10.01 -12.66 34.51
CA ILE I 44 10.23 -11.35 35.12
C ILE I 44 9.54 -10.21 34.36
N ALA I 45 9.27 -9.11 35.05
CA ALA I 45 8.67 -7.96 34.44
C ALA I 45 9.29 -6.70 34.98
N GLU I 46 9.38 -5.67 34.15
CA GLU I 46 9.80 -4.35 34.61
C GLU I 46 9.27 -3.24 33.73
N GLU I 47 9.22 -2.04 34.30
CA GLU I 47 8.74 -0.86 33.62
C GLU I 47 9.96 0.02 33.32
N LEU I 48 10.07 0.47 32.07
CA LEU I 48 11.17 1.31 31.64
C LEU I 48 10.60 2.63 31.19
N GLN I 49 11.37 3.71 31.38
CA GLN I 49 10.92 5.04 31.01
C GLN I 49 12.05 5.80 30.33
N ASN I 50 11.73 6.58 29.30
CA ASN I 50 12.75 7.38 28.62
C ASN I 50 12.76 8.82 29.14
N ASP I 51 13.72 9.62 28.71
CA ASP I 51 13.81 11.05 29.10
C ASP I 51 12.55 11.89 28.76
N LYS I 52 11.83 11.49 27.71
CA LYS I 52 10.66 12.21 27.23
C LYS I 52 9.34 11.69 27.81
N GLY I 53 9.44 10.85 28.84
CA GLY I 53 8.26 10.41 29.58
C GLY I 53 7.51 9.17 29.09
N VAL I 54 7.86 8.65 27.91
CA VAL I 54 7.26 7.42 27.38
C VAL I 54 7.61 6.24 28.31
N SER I 55 6.63 5.42 28.64
CA SER I 55 6.92 4.26 29.46
C SER I 55 6.45 2.97 28.83
N PHE I 56 7.28 1.93 28.96
CA PHE I 56 7.02 0.59 28.50
C PHE I 56 7.11 -0.40 29.64
N ALA I 57 6.24 -1.40 29.62
CA ALA I 57 6.43 -2.55 30.49
C ALA I 57 6.86 -3.74 29.66
N PHE I 58 7.85 -4.48 30.16
CA PHE I 58 8.38 -5.66 29.49
C PHE I 58 8.25 -6.87 30.40
N GLN I 59 7.92 -8.00 29.82
CA GLN I 59 7.94 -9.25 30.55
C GLN I 59 8.81 -10.19 29.75
N ALA I 60 9.71 -10.88 30.45
CA ALA I 60 10.57 -11.85 29.83
C ALA I 60 10.26 -13.19 30.49
N ARG I 61 10.00 -14.22 29.68
CA ARG I 61 9.62 -15.56 30.16
C ARG I 61 10.45 -16.61 29.49
N GLU I 62 10.96 -17.54 30.29
CA GLU I 62 11.68 -18.66 29.78
C GLU I 62 10.93 -19.93 30.18
N GLU I 63 10.71 -20.84 29.24
CA GLU I 63 10.03 -22.11 29.52
C GLU I 63 10.82 -23.21 28.90
N GLU I 64 10.81 -24.38 29.53
CA GLU I 64 11.47 -25.52 28.95
C GLU I 64 10.38 -26.54 28.70
N LEU I 65 10.44 -27.21 27.55
CA LEU I 65 9.47 -28.21 27.19
C LEU I 65 10.12 -29.26 26.31
N GLY I 66 10.28 -30.45 26.86
CA GLY I 66 10.98 -31.51 26.17
C GLY I 66 12.41 -31.14 25.87
N ALA I 67 12.81 -31.35 24.63
CA ALA I 67 14.16 -31.02 24.19
C ALA I 67 14.33 -29.53 23.91
N PHE I 68 13.34 -28.69 24.27
CA PHE I 68 13.32 -27.28 23.80
C PHE I 68 13.24 -26.24 24.90
N THR I 69 13.75 -25.05 24.59
CA THR I 69 13.56 -23.90 25.43
C THR I 69 12.83 -22.85 24.59
N LYS I 70 11.84 -22.19 25.19
CA LYS I 70 11.17 -21.08 24.52
C LYS I 70 11.43 -19.85 25.33
N ARG I 71 11.84 -18.77 24.67
CA ARG I 71 12.02 -17.51 25.34
C ARG I 71 11.10 -16.51 24.68
N THR I 72 10.30 -15.83 25.50
CA THR I 72 9.29 -14.88 25.02
C THR I 72 9.46 -13.55 25.68
N LEU I 73 9.42 -12.50 24.86
CA LEU I 73 9.40 -11.15 25.35
C LEU I 73 8.04 -10.53 25.03
N PHE I 74 7.39 -9.97 26.04
CA PHE I 74 6.10 -9.28 25.90
C PHE I 74 6.39 -7.82 26.15
N ALA I 75 5.77 -6.94 25.34
CA ALA I 75 5.97 -5.51 25.51
C ALA I 75 4.64 -4.82 25.43
N TYR I 76 4.46 -3.81 26.27
CA TYR I 76 3.25 -3.01 26.27
C TYR I 76 3.58 -1.54 26.56
N SER I 77 2.98 -0.65 25.78
CA SER I 77 2.92 0.77 26.11
C SER I 77 1.55 1.35 25.75
N GLY I 78 1.02 2.19 26.63
CA GLY I 78 -0.19 2.98 26.33
C GLY I 78 0.17 4.24 25.55
N ASP I 79 1.45 4.56 25.51
CA ASP I 79 1.91 5.73 24.80
C ASP I 79 1.99 5.53 23.30
N GLY I 80 2.20 6.62 22.59
CA GLY I 80 2.62 6.59 21.22
C GLY I 80 4.11 6.75 21.16
N LEU I 81 4.70 6.48 20.01
CA LEU I 81 6.14 6.49 19.91
C LEU I 81 6.50 6.97 18.54
N THR I 82 7.35 7.97 18.48
CA THR I 82 7.63 8.64 17.22
CA THR I 82 7.63 8.60 17.20
C THR I 82 9.03 8.34 16.68
N GLY I 83 9.93 7.92 17.58
CA GLY I 83 11.31 7.60 17.26
C GLY I 83 11.75 6.49 18.21
N PRO I 84 13.05 6.16 18.24
CA PRO I 84 13.43 5.00 19.07
C PRO I 84 13.19 5.22 20.56
N PHE I 85 12.76 4.17 21.24
CA PHE I 85 12.67 4.16 22.69
C PHE I 85 13.95 3.60 23.30
N LYS I 86 14.57 4.37 24.20
CA LYS I 86 15.82 3.97 24.89
C LYS I 86 15.69 4.17 26.39
N ALA I 87 16.10 3.15 27.15
CA ALA I 87 16.04 3.23 28.61
C ALA I 87 16.89 2.12 29.22
N PRO I 88 17.47 2.38 30.43
CA PRO I 88 18.27 1.35 31.10
C PRO I 88 17.42 0.14 31.47
N ALA I 89 17.97 -1.05 31.23
CA ALA I 89 17.34 -2.30 31.60
C ALA I 89 18.11 -2.93 32.76
N SER I 90 17.39 -3.62 33.65
CA SER I 90 18.01 -4.46 34.69
C SER I 90 18.98 -5.48 34.10
N ALA I 91 19.96 -5.89 34.90
CA ALA I 91 20.94 -6.86 34.47
C ALA I 91 20.32 -8.18 34.01
N GLU I 92 19.24 -8.58 34.68
CA GLU I 92 18.58 -9.83 34.37
C GLU I 92 17.84 -9.73 33.01
N LEU I 93 17.18 -8.61 32.80
CA LEU I 93 16.48 -8.37 31.51
C LEU I 93 17.46 -8.23 30.37
N SER I 94 18.55 -7.49 30.61
CA SER I 94 19.65 -7.38 29.66
C SER I 94 20.21 -8.72 29.21
N SER I 95 20.47 -9.63 30.15
CA SER I 95 21.01 -10.96 29.83
C SER I 95 20.02 -11.79 29.04
N PHE I 96 18.76 -11.74 29.46
CA PHE I 96 17.68 -12.40 28.71
C PHE I 96 17.66 -11.90 27.26
N LEU I 97 17.68 -10.57 27.09
CA LEU I 97 17.62 -9.97 25.76
C LEU I 97 18.81 -10.28 24.84
N THR I 98 20.02 -10.44 25.41
CA THR I 98 21.19 -10.78 24.58
CA THR I 98 21.23 -10.80 24.65
C THR I 98 21.16 -12.20 24.05
N ALA I 99 20.36 -13.10 24.64
N ALA I 99 20.36 -13.03 24.72
CA ALA I 99 20.45 -14.56 24.30
CA ALA I 99 20.20 -14.43 24.40
C ALA I 99 19.96 -15.00 22.90
C ALA I 99 19.06 -14.59 23.42
N HIS I 100 19.30 -14.09 22.21
CA HIS I 100 18.50 -14.39 21.04
C HIS I 100 19.47 -14.69 19.88
N PRO I 101 19.21 -15.77 19.11
CA PRO I 101 20.08 -16.15 17.99
C PRO I 101 20.29 -15.07 16.95
N LYS I 102 19.35 -14.13 16.86
CA LYS I 102 19.48 -12.98 15.95
C LYS I 102 20.12 -11.77 16.62
N GLY I 103 20.35 -11.81 17.93
CA GLY I 103 20.93 -10.70 18.67
C GLY I 103 19.93 -9.56 18.92
N ARG I 104 18.67 -9.79 18.57
CA ARG I 104 17.65 -8.76 18.79
C ARG I 104 16.28 -9.39 18.58
N TRP I 105 15.23 -8.65 18.87
CA TRP I 105 13.89 -9.23 18.94
C TRP I 105 12.91 -8.50 18.01
N LEU I 106 12.60 -9.14 16.89
CA LEU I 106 11.62 -8.59 15.95
C LEU I 106 10.24 -8.79 16.57
N ILE I 107 9.48 -7.71 16.66
CA ILE I 107 8.22 -7.74 17.39
C ILE I 107 7.13 -6.99 16.64
N ALA I 108 5.98 -7.62 16.50
CA ALA I 108 4.86 -6.99 15.82
C ALA I 108 3.95 -6.31 16.84
N PHE I 109 3.66 -5.02 16.63
CA PHE I 109 2.64 -4.33 17.39
C PHE I 109 1.44 -4.13 16.44
N PRO I 110 0.26 -3.73 16.98
CA PRO I 110 -0.90 -3.65 16.08
C PRO I 110 -0.71 -2.70 14.88
N LEU I 111 -0.02 -1.58 15.10
CA LEU I 111 0.11 -0.54 14.06
C LEU I 111 1.49 -0.40 13.43
N GLY I 112 2.44 -1.26 13.83
CA GLY I 112 3.77 -1.23 13.21
C GLY I 112 4.66 -2.30 13.77
N THR I 113 5.87 -2.39 13.26
CA THR I 113 6.82 -3.42 13.63
CA THR I 113 6.79 -3.43 13.74
C THR I 113 7.98 -2.80 14.42
N GLY I 114 8.56 -3.55 15.34
CA GLY I 114 9.68 -3.04 16.13
C GLY I 114 10.81 -4.04 16.21
N ILE I 115 11.98 -3.55 16.63
CA ILE I 115 13.14 -4.40 16.96
C ILE I 115 13.62 -3.96 18.33
N VAL I 116 13.67 -4.91 19.28
CA VAL I 116 14.18 -4.67 20.62
C VAL I 116 15.60 -5.25 20.70
N SER I 117 16.53 -4.44 21.17
CA SER I 117 17.89 -4.90 21.41
C SER I 117 18.42 -4.30 22.73
N VAL I 118 19.57 -4.80 23.19
CA VAL I 118 20.19 -4.25 24.38
C VAL I 118 21.68 -4.10 24.10
N ASP I 119 22.26 -3.03 24.62
CA ASP I 119 23.70 -2.83 24.52
C ASP I 119 24.16 -2.15 25.80
N GLU I 120 25.05 -2.80 26.55
CA GLU I 120 25.59 -2.18 27.77
C GLU I 120 24.50 -1.80 28.75
N GLY I 121 23.50 -2.69 28.89
CA GLY I 121 22.41 -2.46 29.83
C GLY I 121 21.42 -1.38 29.42
N ILE I 122 21.49 -0.92 28.18
CA ILE I 122 20.49 0.02 27.66
C ILE I 122 19.62 -0.68 26.62
N LEU I 123 18.31 -0.70 26.87
CA LEU I 123 17.34 -1.28 25.94
C LEU I 123 16.97 -0.24 24.89
N THR I 124 16.96 -0.66 23.62
CA THR I 124 16.50 0.17 22.51
C THR I 124 15.38 -0.58 21.79
N LEU I 125 14.25 0.09 21.55
CA LEU I 125 13.20 -0.41 20.69
C LEU I 125 13.11 0.57 19.53
N GLU I 126 13.42 0.09 18.33
CA GLU I 126 13.32 0.90 17.13
C GLU I 126 12.05 0.49 16.44
N ILE I 127 11.37 1.44 15.80
CA ILE I 127 10.07 1.17 15.19
C ILE I 127 10.04 1.50 13.70
N SER I 128 9.16 0.83 12.95
CA SER I 128 9.13 0.96 11.50
C SER I 128 8.44 2.26 11.02
N ARG I 129 7.61 2.82 11.88
CA ARG I 129 6.83 4.01 11.58
C ARG I 129 6.50 4.67 12.90
N SER I 130 6.17 5.95 12.89
CA SER I 130 5.62 6.59 14.06
C SER I 130 4.26 5.93 14.44
N LEU I 131 4.09 5.64 15.72
CA LEU I 131 2.94 4.88 16.19
C LEU I 131 2.15 5.81 17.07
N PRO I 132 0.95 6.19 16.63
CA PRO I 132 0.11 7.05 17.48
C PRO I 132 -0.28 6.32 18.78
N GLU I 133 -0.22 4.99 18.74
CA GLU I 133 -0.41 4.16 19.92
C GLU I 133 0.37 2.87 19.74
N VAL I 134 1.12 2.46 20.78
CA VAL I 134 1.95 1.26 20.69
C VAL I 134 1.13 0.00 20.90
N GLY I 135 0.38 -0.04 22.00
CA GLY I 135 -0.37 -1.25 22.41
C GLY I 135 0.56 -2.38 22.85
N SER I 136 0.20 -3.61 22.49
CA SER I 136 0.92 -4.79 23.01
C SER I 136 1.46 -5.71 21.91
N GLY I 137 2.50 -6.47 22.22
CA GLY I 137 3.00 -7.43 21.24
C GLY I 137 3.94 -8.39 21.92
N SER I 138 4.35 -9.42 21.22
CA SER I 138 5.30 -10.35 21.78
C SER I 138 6.14 -10.95 20.70
N SER I 139 7.34 -11.37 21.11
CA SER I 139 8.33 -11.93 20.23
C SER I 139 8.95 -13.12 20.95
N PHE I 140 9.03 -14.26 20.30
CA PHE I 140 9.65 -15.43 20.95
C PHE I 140 10.57 -16.16 20.01
N TYR I 141 11.39 -17.04 20.58
CA TYR I 141 12.02 -18.04 19.75
C TYR I 141 12.07 -19.37 20.50
N LEU I 142 12.20 -20.45 19.74
CA LEU I 142 12.26 -21.80 20.30
C LEU I 142 13.49 -22.40 19.74
N THR I 143 14.29 -23.03 20.61
CA THR I 143 15.45 -23.74 20.14
C THR I 143 15.74 -25.00 20.95
N GLU I 144 16.55 -25.90 20.38
CA GLU I 144 16.88 -27.18 21.02
C GLU I 144 17.59 -26.96 22.35
N LYS I 145 17.26 -27.84 23.31
CA LYS I 145 17.90 -27.97 24.63
C LYS I 145 17.38 -26.96 25.65
N LYS J 39 -29.22 33.04 -2.80
CA LYS J 39 -28.23 32.19 -3.55
C LYS J 39 -28.65 30.71 -3.66
N THR J 40 -29.11 30.11 -2.55
CA THR J 40 -29.58 28.70 -2.56
C THR J 40 -30.94 28.56 -3.23
N SER J 41 -30.97 27.84 -4.35
CA SER J 41 -32.22 27.63 -5.09
C SER J 41 -32.86 26.27 -4.81
N LEU J 42 -32.16 25.40 -4.05
CA LEU J 42 -32.66 24.05 -3.72
C LEU J 42 -31.90 23.49 -2.52
N ASP J 43 -32.63 22.81 -1.63
CA ASP J 43 -32.05 22.22 -0.44
C ASP J 43 -32.97 21.14 0.08
N ILE J 44 -32.81 19.91 -0.43
CA ILE J 44 -33.63 18.77 0.00
C ILE J 44 -32.84 17.65 0.69
N ALA J 45 -33.51 16.92 1.58
CA ALA J 45 -32.91 15.81 2.29
C ALA J 45 -33.86 14.63 2.37
N GLU J 46 -33.36 13.42 2.14
CA GLU J 46 -34.17 12.21 2.34
C GLU J 46 -33.34 11.02 2.85
N GLU J 47 -34.03 10.14 3.57
CA GLU J 47 -33.45 8.91 4.10
C GLU J 47 -33.80 7.77 3.15
N LEU J 48 -32.81 6.97 2.76
CA LEU J 48 -33.07 5.81 1.94
C LEU J 48 -32.64 4.56 2.69
N GLN J 49 -33.29 3.44 2.39
CA GLN J 49 -32.97 2.18 3.04
C GLN J 49 -33.01 1.05 2.03
N ASN J 50 -32.02 0.17 2.05
CA ASN J 50 -32.04 -0.97 1.13
C ASN J 50 -32.76 -2.16 1.76
N ASP J 51 -32.98 -3.21 0.97
CA ASP J 51 -33.78 -4.36 1.39
C ASP J 51 -33.10 -5.20 2.49
N LYS J 52 -31.96 -4.73 2.98
CA LYS J 52 -31.16 -5.44 3.97
C LYS J 52 -30.80 -4.54 5.15
N GLY J 53 -31.58 -3.48 5.33
CA GLY J 53 -31.50 -2.66 6.54
C GLY J 53 -30.47 -1.53 6.63
N VAL J 54 -29.55 -1.46 5.66
CA VAL J 54 -28.59 -0.36 5.57
C VAL J 54 -29.34 0.92 5.22
N SER J 55 -29.05 1.99 5.93
CA SER J 55 -29.65 3.27 5.59
C SER J 55 -28.66 4.43 5.37
N PHE J 56 -29.04 5.29 4.43
CA PHE J 56 -28.31 6.49 4.09
C PHE J 56 -29.21 7.70 4.12
N ALA J 57 -28.69 8.80 4.63
CA ALA J 57 -29.37 10.08 4.47
C ALA J 57 -28.60 10.87 3.44
N PHE J 58 -29.31 11.47 2.49
CA PHE J 58 -28.72 12.31 1.46
C PHE J 58 -29.29 13.72 1.56
N GLN J 59 -28.46 14.72 1.29
CA GLN J 59 -28.88 16.10 1.15
C GLN J 59 -28.38 16.58 -0.18
N ALA J 60 -29.28 17.13 -1.00
CA ALA J 60 -28.92 17.71 -2.28
C ALA J 60 -29.16 19.21 -2.24
N ARG J 61 -28.11 19.99 -2.47
CA ARG J 61 -28.19 21.45 -2.39
C ARG J 61 -27.72 22.11 -3.69
N GLU J 62 -28.45 23.12 -4.14
CA GLU J 62 -28.04 23.91 -5.30
C GLU J 62 -27.93 25.37 -4.93
N GLU J 63 -26.78 25.98 -5.23
CA GLU J 63 -26.54 27.41 -5.01
C GLU J 63 -26.14 28.12 -6.31
N GLU J 64 -26.49 29.42 -6.38
CA GLU J 64 -26.02 30.30 -7.47
C GLU J 64 -25.03 31.32 -6.94
N LEU J 65 -23.92 31.47 -7.67
CA LEU J 65 -22.88 32.43 -7.34
C LEU J 65 -22.50 33.11 -8.65
N GLY J 66 -22.89 34.37 -8.82
CA GLY J 66 -22.68 35.08 -10.10
C GLY J 66 -23.15 34.26 -11.30
N ALA J 67 -22.24 34.03 -12.25
CA ALA J 67 -22.51 33.21 -13.44
C ALA J 67 -22.40 31.70 -13.19
N PHE J 68 -22.10 31.32 -11.94
CA PHE J 68 -21.87 29.92 -11.61
C PHE J 68 -22.99 29.30 -10.79
N THR J 69 -23.22 28.00 -11.07
CA THR J 69 -24.12 27.17 -10.28
CA THR J 69 -24.11 27.19 -10.25
C THR J 69 -23.32 26.03 -9.64
N LYS J 70 -23.42 25.90 -8.32
CA LYS J 70 -22.83 24.78 -7.58
C LYS J 70 -23.96 23.81 -7.18
N ARG J 71 -23.72 22.52 -7.38
CA ARG J 71 -24.60 21.48 -6.83
C ARG J 71 -23.78 20.54 -5.98
N THR J 72 -24.23 20.34 -4.73
CA THR J 72 -23.50 19.51 -3.77
C THR J 72 -24.40 18.37 -3.29
N LEU J 73 -23.89 17.15 -3.35
CA LEU J 73 -24.53 15.99 -2.73
C LEU J 73 -23.79 15.66 -1.43
N PHE J 74 -24.51 15.65 -0.32
CA PHE J 74 -23.98 15.18 0.96
C PHE J 74 -24.56 13.79 1.24
N ALA J 75 -23.74 12.89 1.81
CA ALA J 75 -24.20 11.53 2.13
C ALA J 75 -23.69 11.10 3.49
N TYR J 76 -24.54 10.43 4.24
CA TYR J 76 -24.21 9.94 5.56
C TYR J 76 -24.86 8.57 5.83
N SER J 77 -24.05 7.64 6.34
CA SER J 77 -24.54 6.35 6.90
C SER J 77 -23.64 5.95 8.08
N GLY J 78 -24.25 5.48 9.17
CA GLY J 78 -23.46 4.88 10.26
C GLY J 78 -23.15 3.41 9.98
N ASP J 79 -23.76 2.87 8.94
CA ASP J 79 -23.61 1.47 8.64
C ASP J 79 -22.33 1.15 7.85
N GLY J 80 -22.06 -0.15 7.68
CA GLY J 80 -20.98 -0.61 6.81
C GLY J 80 -21.57 -1.06 5.50
N LEU J 81 -20.73 -1.23 4.49
CA LEU J 81 -21.18 -1.65 3.20
C LEU J 81 -20.13 -2.54 2.56
N THR J 82 -20.57 -3.58 1.87
CA THR J 82 -19.67 -4.23 0.90
C THR J 82 -20.17 -4.04 -0.51
N GLY J 83 -21.29 -4.66 -0.81
CA GLY J 83 -21.87 -4.55 -2.11
C GLY J 83 -22.47 -3.17 -2.27
N PRO J 84 -22.91 -2.87 -3.49
CA PRO J 84 -23.58 -1.60 -3.78
C PRO J 84 -24.78 -1.39 -2.88
N PHE J 85 -25.08 -0.15 -2.56
CA PHE J 85 -26.30 0.22 -1.89
C PHE J 85 -27.29 0.65 -2.96
N LYS J 86 -28.46 0.00 -2.99
CA LYS J 86 -29.49 0.31 -3.97
C LYS J 86 -30.79 0.56 -3.22
N ALA J 87 -31.44 1.69 -3.48
CA ALA J 87 -32.72 2.07 -2.83
C ALA J 87 -33.48 3.07 -3.69
N PRO J 88 -34.84 3.05 -3.63
CA PRO J 88 -35.62 4.04 -4.38
C PRO J 88 -35.40 5.47 -3.88
N ALA J 89 -35.24 6.39 -4.83
CA ALA J 89 -35.08 7.81 -4.53
C ALA J 89 -36.27 8.59 -5.09
N SER J 90 -36.59 9.71 -4.44
CA SER J 90 -37.61 10.64 -4.94
C SER J 90 -37.34 11.09 -6.39
N ALA J 91 -38.39 11.59 -7.05
CA ALA J 91 -38.25 12.15 -8.39
C ALA J 91 -37.33 13.36 -8.36
N GLU J 92 -37.46 14.14 -7.29
CA GLU J 92 -36.66 15.37 -7.09
C GLU J 92 -35.16 15.08 -6.94
N LEU J 93 -34.83 14.14 -6.04
CA LEU J 93 -33.43 13.72 -5.88
C LEU J 93 -32.92 13.08 -7.16
N SER J 94 -33.74 12.25 -7.81
CA SER J 94 -33.34 11.62 -9.07
C SER J 94 -33.00 12.64 -10.13
N SER J 95 -33.76 13.73 -10.17
CA SER J 95 -33.52 14.81 -11.13
C SER J 95 -32.21 15.54 -10.82
N PHE J 96 -32.02 15.87 -9.56
CA PHE J 96 -30.79 16.50 -9.09
C PHE J 96 -29.58 15.66 -9.49
N LEU J 97 -29.69 14.34 -9.30
CA LEU J 97 -28.57 13.42 -9.50
C LEU J 97 -28.21 13.24 -10.96
N THR J 98 -29.22 13.24 -11.85
CA THR J 98 -29.01 13.07 -13.29
CA THR J 98 -28.98 13.08 -13.29
C THR J 98 -28.32 14.32 -13.90
N ALA J 99 -28.44 15.46 -13.21
CA ALA J 99 -27.90 16.74 -13.69
C ALA J 99 -26.36 16.84 -13.70
N HIS J 100 -25.66 15.76 -13.36
CA HIS J 100 -24.21 15.86 -13.22
C HIS J 100 -23.56 15.70 -14.59
N PRO J 101 -22.61 16.60 -14.94
CA PRO J 101 -21.96 16.49 -16.24
C PRO J 101 -21.38 15.10 -16.49
N LYS J 102 -20.99 14.38 -15.42
CA LYS J 102 -20.41 13.04 -15.57
C LYS J 102 -21.47 11.96 -15.54
N GLY J 103 -22.69 12.32 -15.15
CA GLY J 103 -23.79 11.36 -15.07
C GLY J 103 -23.79 10.55 -13.77
N ARG J 104 -22.84 10.86 -12.90
CA ARG J 104 -22.67 10.16 -11.61
C ARG J 104 -21.81 11.03 -10.73
N TRP J 105 -21.72 10.68 -9.44
CA TRP J 105 -21.14 11.55 -8.43
C TRP J 105 -20.04 10.79 -7.74
N LEU J 106 -18.81 11.20 -7.98
CA LEU J 106 -17.62 10.63 -7.28
C LEU J 106 -17.54 11.26 -5.88
N ILE J 107 -17.49 10.42 -4.83
CA ILE J 107 -17.62 10.91 -3.49
C ILE J 107 -16.59 10.28 -2.55
N ALA J 108 -15.90 11.10 -1.77
CA ALA J 108 -14.91 10.58 -0.80
C ALA J 108 -15.52 10.42 0.58
N PHE J 109 -15.48 9.19 1.12
CA PHE J 109 -15.80 8.95 2.51
C PHE J 109 -14.49 8.75 3.24
N PRO J 110 -14.50 8.77 4.59
CA PRO J 110 -13.24 8.67 5.29
C PRO J 110 -12.42 7.41 4.95
N LEU J 111 -13.05 6.27 4.72
CA LEU J 111 -12.28 5.01 4.51
C LEU J 111 -12.28 4.49 3.07
N GLY J 112 -12.94 5.19 2.16
CA GLY J 112 -13.02 4.70 0.77
C GLY J 112 -13.74 5.69 -0.09
N THR J 113 -13.85 5.38 -1.38
CA THR J 113 -14.53 6.27 -2.32
CA THR J 113 -14.50 6.26 -2.34
CA THR J 113 -14.46 6.25 -2.38
C THR J 113 -15.73 5.55 -2.91
N GLY J 114 -16.72 6.33 -3.31
CA GLY J 114 -17.93 5.77 -3.90
C GLY J 114 -18.33 6.52 -5.17
N ILE J 115 -19.26 5.93 -5.93
CA ILE J 115 -19.87 6.60 -7.09
C ILE J 115 -21.39 6.51 -6.85
N VAL J 116 -22.06 7.66 -6.77
CA VAL J 116 -23.54 7.68 -6.65
C VAL J 116 -24.13 7.95 -8.02
N SER J 117 -25.05 7.09 -8.43
CA SER J 117 -25.76 7.30 -9.69
C SER J 117 -27.25 6.99 -9.50
N VAL J 118 -28.07 7.37 -10.47
CA VAL J 118 -29.49 7.03 -10.42
C VAL J 118 -29.96 6.50 -11.79
N ASP J 119 -30.93 5.62 -11.77
CA ASP J 119 -31.42 4.97 -12.96
C ASP J 119 -32.88 4.60 -12.71
N GLU J 120 -33.77 5.29 -13.42
CA GLU J 120 -35.22 5.07 -13.28
C GLU J 120 -35.67 5.11 -11.82
N GLY J 121 -35.24 6.17 -11.13
CA GLY J 121 -35.63 6.43 -9.76
C GLY J 121 -35.00 5.55 -8.70
N ILE J 122 -34.07 4.68 -9.09
CA ILE J 122 -33.32 3.80 -8.17
C ILE J 122 -31.89 4.32 -7.98
N LEU J 123 -31.56 4.75 -6.76
CA LEU J 123 -30.21 5.26 -6.46
C LEU J 123 -29.26 4.08 -6.25
N THR J 124 -28.07 4.13 -6.86
CA THR J 124 -27.04 3.15 -6.56
C THR J 124 -25.82 3.90 -6.01
N LEU J 125 -25.23 3.36 -4.96
CA LEU J 125 -23.93 3.82 -4.50
C LEU J 125 -22.97 2.62 -4.48
N GLU J 126 -21.94 2.68 -5.34
CA GLU J 126 -20.94 1.62 -5.50
C GLU J 126 -19.68 2.08 -4.79
N ILE J 127 -18.99 1.16 -4.10
CA ILE J 127 -17.84 1.58 -3.27
C ILE J 127 -16.54 0.90 -3.72
N SER J 128 -15.40 1.54 -3.46
CA SER J 128 -14.16 1.04 -4.04
C SER J 128 -13.61 -0.15 -3.24
N ARG J 129 -14.01 -0.22 -1.98
CA ARG J 129 -13.60 -1.29 -1.07
C ARG J 129 -14.72 -1.42 -0.06
N SER J 130 -14.83 -2.59 0.57
CA SER J 130 -15.80 -2.76 1.65
C SER J 130 -15.50 -1.80 2.79
N LEU J 131 -16.54 -1.27 3.42
CA LEU J 131 -16.38 -0.22 4.42
C LEU J 131 -17.03 -0.71 5.68
N PRO J 132 -16.24 -0.92 6.76
CA PRO J 132 -16.87 -1.32 8.03
C PRO J 132 -17.73 -0.19 8.62
N GLU J 133 -17.49 1.03 8.17
CA GLU J 133 -18.33 2.18 8.51
C GLU J 133 -18.20 3.18 7.39
N VAL J 134 -19.34 3.69 6.91
CA VAL J 134 -19.32 4.64 5.78
C VAL J 134 -18.97 6.08 6.20
N GLY J 135 -19.66 6.60 7.22
CA GLY J 135 -19.41 7.94 7.71
C GLY J 135 -20.06 8.96 6.79
N SER J 136 -19.44 10.13 6.66
CA SER J 136 -19.99 11.22 5.85
C SER J 136 -19.08 11.63 4.70
N GLY J 137 -19.66 12.23 3.68
CA GLY J 137 -18.89 12.68 2.54
C GLY J 137 -19.75 13.62 1.72
N SER J 138 -19.10 14.39 0.86
CA SER J 138 -19.81 15.24 -0.09
C SER J 138 -19.10 15.28 -1.42
N SER J 139 -19.86 15.56 -2.46
CA SER J 139 -19.39 15.61 -3.83
C SER J 139 -20.08 16.79 -4.48
N PHE J 140 -19.32 17.69 -5.10
CA PHE J 140 -19.96 18.81 -5.80
C PHE J 140 -19.40 19.03 -7.19
N TYR J 141 -20.14 19.78 -8.00
CA TYR J 141 -19.55 20.36 -9.19
C TYR J 141 -19.99 21.80 -9.29
N LEU J 142 -19.18 22.59 -9.99
CA LEU J 142 -19.44 24.00 -10.27
C LEU J 142 -19.45 24.16 -11.77
N THR J 143 -20.42 24.90 -12.27
CA THR J 143 -20.54 25.04 -13.72
C THR J 143 -21.05 26.42 -14.13
N GLU J 144 -20.72 26.82 -15.36
CA GLU J 144 -21.28 28.04 -15.98
C GLU J 144 -21.67 27.78 -17.43
N SER K 38 -23.36 35.29 11.83
CA SER K 38 -22.46 34.38 11.05
C SER K 38 -22.64 34.59 9.53
N LYS K 39 -22.08 35.70 9.02
CA LYS K 39 -22.38 36.16 7.64
C LYS K 39 -21.24 35.94 6.62
N THR K 40 -21.63 35.77 5.35
CA THR K 40 -20.70 35.59 4.24
C THR K 40 -20.22 36.94 3.68
N SER K 41 -18.91 37.21 3.80
CA SER K 41 -18.31 38.46 3.32
C SER K 41 -17.67 38.37 1.92
N LEU K 42 -17.46 37.14 1.44
CA LEU K 42 -16.89 36.88 0.11
C LEU K 42 -17.45 35.60 -0.47
N ASP K 43 -17.78 35.62 -1.76
CA ASP K 43 -18.26 34.41 -2.41
C ASP K 43 -18.09 34.47 -3.93
N ILE K 44 -16.89 34.13 -4.40
CA ILE K 44 -16.56 34.24 -5.82
C ILE K 44 -16.26 32.89 -6.46
N ALA K 45 -16.51 32.81 -7.75
CA ALA K 45 -16.26 31.60 -8.51
C ALA K 45 -15.68 31.93 -9.88
N GLU K 46 -14.73 31.11 -10.35
CA GLU K 46 -14.14 31.26 -11.67
C GLU K 46 -13.60 29.95 -12.24
N GLU K 47 -13.59 29.87 -13.56
CA GLU K 47 -13.06 28.75 -14.31
C GLU K 47 -11.66 29.14 -14.76
N LEU K 48 -10.70 28.22 -14.58
CA LEU K 48 -9.32 28.41 -15.03
C LEU K 48 -8.99 27.26 -15.95
N GLN K 49 -8.13 27.52 -16.93
CA GLN K 49 -7.79 26.51 -17.89
C GLN K 49 -6.29 26.59 -18.16
N ASN K 50 -5.65 25.44 -18.32
CA ASN K 50 -4.22 25.41 -18.61
C ASN K 50 -4.00 25.35 -20.12
N ASP K 51 -2.73 25.35 -20.51
CA ASP K 51 -2.33 25.28 -21.92
C ASP K 51 -2.80 23.98 -22.58
N LYS K 52 -3.10 22.95 -21.79
CA LYS K 52 -3.43 21.64 -22.32
C LYS K 52 -4.93 21.31 -22.30
N GLY K 53 -5.77 22.31 -22.05
CA GLY K 53 -7.22 22.11 -22.09
C GLY K 53 -7.84 21.41 -20.88
N VAL K 54 -7.10 21.30 -19.78
CA VAL K 54 -7.66 20.90 -18.52
C VAL K 54 -8.29 22.15 -17.94
N SER K 55 -9.51 22.02 -17.41
CA SER K 55 -10.13 23.17 -16.76
C SER K 55 -10.60 22.86 -15.34
N PHE K 56 -10.48 23.86 -14.47
CA PHE K 56 -10.93 23.78 -13.10
C PHE K 56 -11.90 24.89 -12.82
N ALA K 57 -12.89 24.60 -11.97
CA ALA K 57 -13.65 25.65 -11.33
C ALA K 57 -13.23 25.81 -9.87
N PHE K 58 -13.06 27.04 -9.42
CA PHE K 58 -12.74 27.35 -8.02
C PHE K 58 -13.76 28.31 -7.45
N GLN K 59 -14.02 28.14 -6.17
CA GLN K 59 -14.87 29.04 -5.41
C GLN K 59 -14.14 29.38 -4.14
N ALA K 60 -14.11 30.67 -3.81
CA ALA K 60 -13.48 31.16 -2.61
C ALA K 60 -14.60 31.78 -1.78
N ARG K 61 -14.70 31.38 -0.51
CA ARG K 61 -15.76 31.85 0.38
C ARG K 61 -15.19 32.27 1.71
N GLU K 62 -15.59 33.45 2.18
CA GLU K 62 -15.19 33.91 3.51
C GLU K 62 -16.43 34.09 4.39
N GLU K 63 -16.27 33.76 5.67
CA GLU K 63 -17.37 33.80 6.65
C GLU K 63 -16.86 34.31 7.98
N GLU K 64 -17.64 35.18 8.61
CA GLU K 64 -17.36 35.59 9.98
C GLU K 64 -18.33 34.90 10.92
N LEU K 65 -17.78 34.27 11.96
CA LEU K 65 -18.56 33.60 13.00
C LEU K 65 -18.12 34.18 14.35
N GLY K 66 -18.63 35.35 14.68
CA GLY K 66 -18.22 36.05 15.90
C GLY K 66 -16.78 36.50 15.80
N ALA K 67 -15.96 36.08 16.76
CA ALA K 67 -14.53 36.45 16.76
C ALA K 67 -13.72 35.65 15.73
N PHE K 68 -14.37 34.66 15.11
CA PHE K 68 -13.71 33.77 14.15
C PHE K 68 -14.04 34.07 12.70
N THR K 69 -13.03 33.88 11.85
CA THR K 69 -13.21 33.97 10.41
C THR K 69 -12.81 32.64 9.74
N LYS K 70 -13.69 32.15 8.86
CA LYS K 70 -13.41 30.97 8.05
C LYS K 70 -13.27 31.32 6.58
N ARG K 71 -12.15 30.90 5.99
CA ARG K 71 -11.95 30.96 4.55
C ARG K 71 -11.84 29.55 3.96
N THR K 72 -12.65 29.29 2.96
CA THR K 72 -12.76 27.99 2.29
C THR K 72 -12.49 28.11 0.78
N LEU K 73 -11.59 27.27 0.27
CA LEU K 73 -11.42 27.09 -1.15
C LEU K 73 -12.12 25.82 -1.59
N PHE K 74 -13.01 25.91 -2.59
CA PHE K 74 -13.66 24.76 -3.23
C PHE K 74 -13.09 24.55 -4.64
N ALA K 75 -12.73 23.31 -4.98
CA ALA K 75 -12.16 23.04 -6.31
C ALA K 75 -12.84 21.88 -7.00
N TYR K 76 -13.11 22.04 -8.29
CA TYR K 76 -13.71 20.98 -9.11
C TYR K 76 -13.09 20.88 -10.48
N SER K 77 -12.79 19.65 -10.91
CA SER K 77 -12.50 19.38 -12.31
C SER K 77 -12.96 17.99 -12.69
N GLY K 78 -13.52 17.87 -13.88
CA GLY K 78 -13.89 16.56 -14.46
C GLY K 78 -12.72 15.87 -15.16
N ASP K 79 -11.62 16.60 -15.32
CA ASP K 79 -10.50 16.10 -16.09
C ASP K 79 -9.54 15.31 -15.22
N GLY K 80 -8.57 14.64 -15.84
CA GLY K 80 -7.42 14.09 -15.11
C GLY K 80 -6.19 15.00 -15.15
N LEU K 81 -5.23 14.73 -14.28
CA LEU K 81 -3.98 15.47 -14.28
C LEU K 81 -2.86 14.47 -14.18
N THR K 82 -1.90 14.55 -15.10
CA THR K 82 -0.64 13.80 -15.02
C THR K 82 0.29 14.53 -14.05
N GLY K 83 0.39 15.86 -14.20
CA GLY K 83 1.28 16.73 -13.44
C GLY K 83 0.56 17.97 -12.90
N PRO K 84 1.32 18.95 -12.37
CA PRO K 84 0.67 20.12 -11.76
C PRO K 84 -0.23 20.91 -12.73
N PHE K 85 -1.30 21.44 -12.19
CA PHE K 85 -2.16 22.32 -12.95
C PHE K 85 -1.67 23.78 -12.72
N LYS K 86 -1.48 24.54 -13.81
CA LYS K 86 -1.04 25.94 -13.70
C LYS K 86 -1.86 26.80 -14.64
N ALA K 87 -2.40 27.90 -14.11
CA ALA K 87 -3.25 28.80 -14.88
C ALA K 87 -3.29 30.16 -14.22
N PRO K 88 -3.42 31.22 -15.03
CA PRO K 88 -3.57 32.56 -14.48
C PRO K 88 -4.88 32.65 -13.71
N ALA K 89 -4.82 33.25 -12.52
CA ALA K 89 -5.99 33.42 -11.66
C ALA K 89 -6.36 34.91 -11.69
N SER K 90 -7.65 35.21 -11.49
CA SER K 90 -8.06 36.61 -11.31
C SER K 90 -7.36 37.22 -10.10
N ALA K 91 -7.26 38.55 -10.01
CA ALA K 91 -6.62 39.19 -8.86
C ALA K 91 -7.36 38.91 -7.53
N GLU K 92 -8.68 38.79 -7.58
CA GLU K 92 -9.43 38.62 -6.33
C GLU K 92 -9.15 37.24 -5.74
N LEU K 93 -9.22 36.22 -6.60
CA LEU K 93 -8.83 34.85 -6.20
C LEU K 93 -7.39 34.81 -5.69
N SER K 94 -6.45 35.41 -6.43
CA SER K 94 -5.07 35.42 -6.00
C SER K 94 -4.91 36.00 -4.61
N SER K 95 -5.55 37.14 -4.34
CA SER K 95 -5.38 37.76 -3.01
C SER K 95 -5.99 36.89 -1.89
N PHE K 96 -7.12 36.28 -2.20
CA PHE K 96 -7.74 35.29 -1.31
C PHE K 96 -6.73 34.16 -1.01
N LEU K 97 -6.16 33.58 -2.05
CA LEU K 97 -5.26 32.42 -1.87
C LEU K 97 -4.00 32.72 -1.08
N THR K 98 -3.46 33.92 -1.29
CA THR K 98 -2.24 34.36 -0.64
C THR K 98 -2.44 34.59 0.85
N ALA K 99 -3.67 34.88 1.26
CA ALA K 99 -3.99 35.23 2.66
C ALA K 99 -3.84 34.08 3.68
N HIS K 100 -3.95 32.83 3.21
CA HIS K 100 -3.68 31.65 4.03
C HIS K 100 -2.40 31.72 4.89
N PRO K 101 -2.50 31.33 6.17
CA PRO K 101 -1.34 31.35 7.08
C PRO K 101 -0.18 30.47 6.65
N LYS K 102 -0.44 29.41 5.88
CA LYS K 102 0.62 28.54 5.41
C LYS K 102 1.13 28.99 4.05
N GLY K 103 0.46 29.99 3.46
CA GLY K 103 0.75 30.47 2.10
C GLY K 103 0.33 29.52 0.98
N ARG K 104 -0.40 28.48 1.35
CA ARG K 104 -0.85 27.45 0.40
C ARG K 104 -1.95 26.62 1.04
N TRP K 105 -2.67 25.88 0.19
CA TRP K 105 -3.90 25.21 0.58
C TRP K 105 -3.76 23.71 0.35
N LEU K 106 -3.60 22.97 1.42
CA LEU K 106 -3.62 21.50 1.33
C LEU K 106 -5.06 21.04 1.12
N ILE K 107 -5.32 20.28 0.07
CA ILE K 107 -6.68 19.92 -0.34
C ILE K 107 -6.76 18.43 -0.70
N ALA K 108 -7.76 17.74 -0.14
CA ALA K 108 -8.00 16.33 -0.46
C ALA K 108 -9.03 16.17 -1.55
N PHE K 109 -8.67 15.44 -2.60
CA PHE K 109 -9.58 15.02 -3.66
C PHE K 109 -9.84 13.54 -3.45
N PRO K 110 -10.85 12.99 -4.13
CA PRO K 110 -11.17 11.58 -3.88
C PRO K 110 -9.98 10.61 -4.12
N LEU K 111 -9.14 10.89 -5.12
CA LEU K 111 -8.12 9.91 -5.50
C LEU K 111 -6.71 10.37 -5.19
N GLY K 112 -6.57 11.53 -4.55
CA GLY K 112 -5.25 12.01 -4.12
C GLY K 112 -5.31 13.36 -3.48
N THR K 113 -4.14 13.86 -3.09
CA THR K 113 -4.00 15.09 -2.32
CA THR K 113 -4.12 15.15 -2.41
C THR K 113 -3.35 16.17 -3.20
N GLY K 114 -3.69 17.42 -2.95
CA GLY K 114 -3.06 18.50 -3.67
C GLY K 114 -2.68 19.63 -2.77
N ILE K 115 -1.90 20.57 -3.31
CA ILE K 115 -1.58 21.82 -2.63
C ILE K 115 -1.82 22.94 -3.67
N VAL K 116 -2.73 23.86 -3.33
CA VAL K 116 -2.99 25.03 -4.19
C VAL K 116 -2.16 26.20 -3.70
N SER K 117 -1.47 26.86 -4.61
CA SER K 117 -0.78 28.07 -4.26
C SER K 117 -0.88 29.08 -5.40
N VAL K 118 -0.48 30.31 -5.11
CA VAL K 118 -0.43 31.31 -6.16
C VAL K 118 0.90 32.06 -6.06
N ASP K 119 1.49 32.33 -7.22
CA ASP K 119 2.71 33.11 -7.32
C ASP K 119 2.63 33.96 -8.59
N GLU K 120 2.80 35.28 -8.42
CA GLU K 120 2.68 36.24 -9.52
C GLU K 120 1.42 36.04 -10.34
N GLY K 121 0.33 35.80 -9.63
CA GLY K 121 -0.96 35.68 -10.26
C GLY K 121 -1.17 34.40 -11.04
N ILE K 122 -0.25 33.44 -10.93
CA ILE K 122 -0.45 32.12 -11.58
C ILE K 122 -0.82 31.13 -10.48
N LEU K 123 -1.96 30.48 -10.62
CA LEU K 123 -2.38 29.45 -9.63
C LEU K 123 -1.69 28.14 -10.00
N THR K 124 -1.11 27.48 -9.02
CA THR K 124 -0.56 26.14 -9.23
C THR K 124 -1.24 25.16 -8.30
N LEU K 125 -1.69 24.04 -8.86
CA LEU K 125 -2.16 22.93 -8.03
C LEU K 125 -1.19 21.78 -8.25
N GLU K 126 -0.40 21.45 -7.24
CA GLU K 126 0.50 20.28 -7.33
C GLU K 126 -0.20 19.08 -6.70
N ILE K 127 0.06 17.89 -7.23
CA ILE K 127 -0.70 16.69 -6.84
C ILE K 127 0.24 15.57 -6.34
N SER K 128 -0.26 14.74 -5.44
CA SER K 128 0.56 13.71 -4.79
C SER K 128 0.80 12.53 -5.73
N ARG K 129 -0.14 12.30 -6.63
CA ARG K 129 -0.04 11.24 -7.65
C ARG K 129 -0.85 11.70 -8.84
N SER K 130 -0.58 11.14 -10.02
CA SER K 130 -1.43 11.46 -11.16
C SER K 130 -2.88 11.03 -10.88
N LEU K 131 -3.84 11.81 -11.38
CA LEU K 131 -5.24 11.60 -11.04
C LEU K 131 -5.99 11.38 -12.34
N PRO K 132 -6.52 10.17 -12.56
CA PRO K 132 -7.27 9.93 -13.81
C PRO K 132 -8.58 10.74 -13.84
N GLU K 133 -9.06 11.14 -12.67
CA GLU K 133 -10.15 12.09 -12.55
C GLU K 133 -9.96 12.85 -11.27
N VAL K 134 -10.07 14.18 -11.32
CA VAL K 134 -9.83 15.01 -10.15
C VAL K 134 -11.03 15.00 -9.19
N GLY K 135 -12.24 15.26 -9.71
CA GLY K 135 -13.43 15.39 -8.84
C GLY K 135 -13.45 16.67 -8.02
N SER K 136 -14.01 16.62 -6.83
CA SER K 136 -14.19 17.83 -6.03
C SER K 136 -13.51 17.74 -4.67
N GLY K 137 -13.18 18.89 -4.10
CA GLY K 137 -12.61 18.92 -2.77
C GLY K 137 -12.65 20.33 -2.22
N SER K 138 -12.37 20.47 -0.94
CA SER K 138 -12.34 21.79 -0.33
C SER K 138 -11.26 21.87 0.74
N SER K 139 -10.77 23.08 1.00
CA SER K 139 -9.72 23.30 1.95
C SER K 139 -10.06 24.60 2.67
N PHE K 140 -10.01 24.61 3.99
CA PHE K 140 -10.35 25.84 4.72
C PHE K 140 -9.41 26.08 5.87
N TYR K 141 -9.43 27.30 6.38
CA TYR K 141 -8.81 27.58 7.66
C TYR K 141 -9.72 28.50 8.49
N LEU K 142 -9.54 28.42 9.81
CA LEU K 142 -10.34 29.15 10.78
C LEU K 142 -9.37 29.91 11.64
N THR K 143 -9.65 31.18 11.87
CA THR K 143 -8.74 31.99 12.67
C THR K 143 -9.45 33.13 13.44
N GLU K 144 -8.85 33.53 14.55
CA GLU K 144 -9.34 34.67 15.34
C GLU K 144 -8.31 35.78 15.42
N SER L 38 -34.66 25.15 5.31
CA SER L 38 -33.43 25.98 5.29
C SER L 38 -33.39 26.94 6.48
N LYS L 39 -32.42 26.73 7.39
CA LYS L 39 -32.34 27.46 8.68
C LYS L 39 -31.16 26.94 9.53
N THR L 40 -30.32 27.87 10.00
CA THR L 40 -29.18 27.55 10.87
C THR L 40 -29.44 27.95 12.33
N SER L 41 -29.56 26.96 13.22
CA SER L 41 -29.89 27.19 14.63
C SER L 41 -28.68 27.36 15.55
N LEU L 42 -27.51 26.93 15.09
CA LEU L 42 -26.27 26.98 15.89
C LEU L 42 -25.10 27.10 14.95
N ASP L 43 -24.10 27.90 15.35
CA ASP L 43 -22.92 28.14 14.55
C ASP L 43 -21.83 28.69 15.45
N ILE L 44 -21.22 27.81 16.23
CA ILE L 44 -20.14 28.23 17.13
C ILE L 44 -18.75 27.83 16.65
N ALA L 45 -17.77 28.63 17.04
CA ALA L 45 -16.37 28.36 16.72
C ALA L 45 -15.55 28.61 17.96
N GLU L 46 -14.46 27.88 18.10
CA GLU L 46 -13.55 28.07 19.20
C GLU L 46 -12.19 27.43 18.94
N GLU L 47 -11.21 27.82 19.75
CA GLU L 47 -9.84 27.46 19.54
C GLU L 47 -9.35 26.68 20.73
N LEU L 48 -9.01 25.40 20.51
CA LEU L 48 -8.49 24.55 21.57
C LEU L 48 -6.98 24.38 21.42
N GLN L 49 -6.29 24.23 22.55
CA GLN L 49 -4.85 24.13 22.56
C GLN L 49 -4.43 23.09 23.58
N ASN L 50 -3.54 22.17 23.18
CA ASN L 50 -3.06 21.14 24.09
C ASN L 50 -1.90 21.66 24.90
N ASP L 51 -1.42 20.85 25.84
CA ASP L 51 -0.31 21.25 26.71
C ASP L 51 1.05 21.35 25.98
N LYS L 52 1.17 20.72 24.80
CA LYS L 52 2.43 20.72 24.04
C LYS L 52 2.48 21.80 22.92
N GLY L 53 1.48 22.68 22.88
CA GLY L 53 1.51 23.81 21.96
C GLY L 53 0.66 23.67 20.70
N VAL L 54 0.37 22.43 20.28
CA VAL L 54 -0.53 22.17 19.13
C VAL L 54 -1.87 22.86 19.39
N SER L 55 -2.39 23.57 18.41
CA SER L 55 -3.71 24.17 18.54
C SER L 55 -4.62 23.82 17.38
N PHE L 56 -5.92 23.82 17.65
CA PHE L 56 -6.97 23.46 16.71
C PHE L 56 -8.11 24.44 16.77
N ALA L 57 -8.72 24.72 15.63
CA ALA L 57 -9.95 25.46 15.60
C ALA L 57 -11.10 24.53 15.18
N PHE L 58 -12.19 24.58 15.95
CA PHE L 58 -13.38 23.80 15.64
C PHE L 58 -14.58 24.70 15.42
N GLN L 59 -15.41 24.35 14.45
CA GLN L 59 -16.66 25.02 14.23
C GLN L 59 -17.74 23.95 14.23
N ALA L 60 -18.77 24.17 15.04
CA ALA L 60 -19.90 23.27 15.10
C ALA L 60 -21.09 24.02 14.50
N ARG L 61 -21.78 23.39 13.56
CA ARG L 61 -22.90 24.04 12.88
C ARG L 61 -24.10 23.11 12.83
N GLU L 62 -25.26 23.63 13.24
CA GLU L 62 -26.50 22.87 13.15
C GLU L 62 -27.42 23.53 12.13
N GLU L 63 -28.10 22.72 11.33
CA GLU L 63 -28.97 23.20 10.27
C GLU L 63 -30.26 22.40 10.25
N GLU L 64 -31.36 23.08 9.97
CA GLU L 64 -32.66 22.41 9.83
C GLU L 64 -33.06 22.36 8.37
N LEU L 65 -33.56 21.21 7.97
CA LEU L 65 -33.85 20.92 6.58
C LEU L 65 -35.22 20.24 6.48
N GLY L 66 -36.26 20.95 6.93
CA GLY L 66 -37.57 20.34 7.11
C GLY L 66 -37.52 19.31 8.22
N ALA L 67 -37.87 18.07 7.86
CA ALA L 67 -37.88 16.94 8.79
C ALA L 67 -36.49 16.60 9.37
N PHE L 68 -35.44 17.08 8.68
CA PHE L 68 -34.06 16.72 9.00
C PHE L 68 -33.25 17.78 9.74
N THR L 69 -32.30 17.30 10.53
CA THR L 69 -31.30 18.13 11.19
CA THR L 69 -31.28 18.18 11.09
C THR L 69 -29.90 17.64 10.77
N LYS L 70 -29.03 18.56 10.34
CA LYS L 70 -27.66 18.23 9.99
C LYS L 70 -26.76 18.92 10.93
N ARG L 71 -25.85 18.16 11.53
CA ARG L 71 -24.86 18.70 12.44
C ARG L 71 -23.48 18.42 11.88
N THR L 72 -22.70 19.49 11.66
CA THR L 72 -21.36 19.39 11.04
C THR L 72 -20.31 19.92 11.98
N LEU L 73 -19.24 19.13 12.18
CA LEU L 73 -18.05 19.58 12.88
C LEU L 73 -16.99 19.87 11.81
N PHE L 74 -16.42 21.08 11.85
CA PHE L 74 -15.30 21.48 11.01
C PHE L 74 -14.09 21.57 11.91
N ALA L 75 -12.95 21.05 11.45
CA ALA L 75 -11.73 21.06 12.24
C ALA L 75 -10.55 21.50 11.41
N TYR L 76 -9.69 22.32 12.00
CA TYR L 76 -8.49 22.82 11.30
C TYR L 76 -7.30 23.01 12.24
N SER L 77 -6.13 22.56 11.82
CA SER L 77 -4.87 22.90 12.48
C SER L 77 -3.74 23.07 11.44
N GLY L 78 -2.85 24.04 11.69
CA GLY L 78 -1.63 24.23 10.91
C GLY L 78 -0.53 23.34 11.42
N ASP L 79 -0.72 22.84 12.63
CA ASP L 79 0.27 21.99 13.24
C ASP L 79 0.23 20.58 12.68
N GLY L 80 1.31 19.88 12.90
CA GLY L 80 1.33 18.45 12.78
C GLY L 80 0.84 17.87 14.10
N LEU L 81 0.57 16.57 14.09
CA LEU L 81 0.04 15.90 15.24
C LEU L 81 0.55 14.50 15.20
N THR L 82 1.17 14.05 16.28
CA THR L 82 1.91 12.78 16.26
C THR L 82 1.35 11.69 17.18
N GLY L 83 0.46 12.13 18.09
CA GLY L 83 -0.32 11.25 18.96
C GLY L 83 -1.67 11.92 19.18
N PRO L 84 -2.49 11.42 20.14
CA PRO L 84 -3.81 12.02 20.35
C PRO L 84 -3.74 13.47 20.79
N PHE L 85 -4.72 14.25 20.35
CA PHE L 85 -4.85 15.63 20.75
C PHE L 85 -5.92 15.69 21.83
N LYS L 86 -5.57 16.27 22.97
CA LYS L 86 -6.49 16.41 24.10
C LYS L 86 -6.49 17.85 24.58
N ALA L 87 -7.68 18.46 24.63
CA ALA L 87 -7.83 19.83 25.12
C ALA L 87 -9.20 20.04 25.75
N PRO L 88 -9.28 20.89 26.79
CA PRO L 88 -10.57 21.24 27.36
C PRO L 88 -11.46 22.00 26.38
N ALA L 89 -12.71 21.58 26.26
CA ALA L 89 -13.70 22.18 25.38
C ALA L 89 -14.83 22.82 26.18
N SER L 90 -15.44 23.85 25.61
CA SER L 90 -16.57 24.54 26.24
C SER L 90 -17.76 23.60 26.40
N ALA L 91 -18.72 23.99 27.25
CA ALA L 91 -19.92 23.18 27.50
C ALA L 91 -20.79 23.08 26.26
N GLU L 92 -20.87 24.18 25.52
CA GLU L 92 -21.69 24.26 24.32
C GLU L 92 -21.15 23.33 23.20
N LEU L 93 -19.82 23.25 23.07
CA LEU L 93 -19.20 22.38 22.07
C LEU L 93 -19.28 20.90 22.49
N SER L 94 -18.98 20.62 23.75
CA SER L 94 -19.11 19.27 24.31
C SER L 94 -20.50 18.68 24.07
N SER L 95 -21.52 19.48 24.32
CA SER L 95 -22.91 19.06 24.15
C SER L 95 -23.21 18.73 22.68
N PHE L 96 -22.69 19.56 21.78
CA PHE L 96 -22.81 19.33 20.33
C PHE L 96 -22.18 18.00 19.98
N LEU L 97 -20.95 17.78 20.48
CA LEU L 97 -20.15 16.58 20.16
C LEU L 97 -20.74 15.31 20.74
N THR L 98 -21.39 15.44 21.90
CA THR L 98 -21.99 14.30 22.57
C THR L 98 -23.21 13.78 21.81
N ALA L 99 -23.89 14.67 21.11
CA ALA L 99 -25.16 14.34 20.46
C ALA L 99 -25.08 13.41 19.23
N HIS L 100 -23.87 13.14 18.74
CA HIS L 100 -23.68 12.22 17.62
C HIS L 100 -24.17 10.79 17.95
N PRO L 101 -24.93 10.16 17.02
CA PRO L 101 -25.43 8.76 17.15
C PRO L 101 -24.35 7.73 17.47
N LYS L 102 -23.12 7.97 17.01
CA LYS L 102 -22.02 7.06 17.26
C LYS L 102 -21.30 7.43 18.51
N GLY L 103 -21.64 8.58 19.10
CA GLY L 103 -20.94 9.09 20.27
C GLY L 103 -19.55 9.68 19.98
N ARG L 104 -19.21 9.75 18.69
CA ARG L 104 -17.92 10.29 18.27
C ARG L 104 -17.96 10.66 16.80
N TRP L 105 -16.92 11.34 16.31
CA TRP L 105 -16.98 11.94 15.00
C TRP L 105 -15.82 11.43 14.17
N LEU L 106 -16.12 10.50 13.26
CA LEU L 106 -15.16 10.01 12.27
C LEU L 106 -14.88 11.14 11.27
N ILE L 107 -13.63 11.55 11.14
CA ILE L 107 -13.30 12.73 10.34
C ILE L 107 -12.09 12.47 9.41
N ALA L 108 -12.23 12.78 8.11
CA ALA L 108 -11.13 12.63 7.15
C ALA L 108 -10.35 13.92 7.04
N PHE L 109 -9.04 13.87 7.29
CA PHE L 109 -8.12 14.97 6.97
C PHE L 109 -7.35 14.58 5.68
N PRO L 110 -6.60 15.53 5.06
CA PRO L 110 -5.95 15.15 3.80
C PRO L 110 -5.02 13.96 3.93
N LEU L 111 -4.27 13.90 5.04
CA LEU L 111 -3.21 12.91 5.18
C LEU L 111 -3.51 11.75 6.15
N GLY L 112 -4.71 11.72 6.72
CA GLY L 112 -5.07 10.67 7.69
C GLY L 112 -6.50 10.79 8.20
N THR L 113 -6.90 9.85 9.05
CA THR L 113 -8.29 9.77 9.54
C THR L 113 -8.22 10.02 11.03
N GLY L 114 -9.24 10.70 11.54
CA GLY L 114 -9.33 10.97 12.96
C GLY L 114 -10.66 10.55 13.53
N ILE L 115 -10.72 10.49 14.87
CA ILE L 115 -12.00 10.34 15.57
C ILE L 115 -12.06 11.38 16.69
N VAL L 116 -13.07 12.25 16.63
CA VAL L 116 -13.25 13.29 17.66
C VAL L 116 -14.33 12.83 18.66
N SER L 117 -13.99 12.87 19.94
CA SER L 117 -14.92 12.53 21.03
C SER L 117 -14.77 13.54 22.17
N VAL L 118 -15.72 13.53 23.09
CA VAL L 118 -15.57 14.36 24.31
C VAL L 118 -15.97 13.54 25.54
N ASP L 119 -15.18 13.67 26.61
CA ASP L 119 -15.47 13.01 27.89
C ASP L 119 -15.27 13.99 29.04
N GLU L 120 -16.40 14.41 29.63
CA GLU L 120 -16.41 15.37 30.74
C GLU L 120 -15.69 16.66 30.37
N GLY L 121 -16.17 17.31 29.30
CA GLY L 121 -15.62 18.57 28.85
C GLY L 121 -14.21 18.57 28.29
N ILE L 122 -13.60 17.38 28.17
CA ILE L 122 -12.28 17.23 27.49
C ILE L 122 -12.48 16.64 26.10
N LEU L 123 -12.13 17.41 25.06
CA LEU L 123 -12.13 16.92 23.68
C LEU L 123 -10.88 16.09 23.43
N THR L 124 -11.06 14.94 22.77
CA THR L 124 -9.96 14.12 22.27
C THR L 124 -10.11 13.90 20.77
N LEU L 125 -8.99 14.08 20.05
CA LEU L 125 -8.92 13.71 18.65
C LEU L 125 -7.81 12.67 18.52
N GLU L 126 -8.19 11.47 18.14
CA GLU L 126 -7.27 10.38 17.90
C GLU L 126 -7.04 10.24 16.40
N ILE L 127 -5.81 9.90 16.02
CA ILE L 127 -5.43 9.84 14.59
C ILE L 127 -4.87 8.50 14.16
N SER L 128 -5.07 8.17 12.87
CA SER L 128 -4.71 6.90 12.30
C SER L 128 -3.19 6.75 12.07
N ARG L 129 -2.51 7.87 11.92
CA ARG L 129 -1.08 7.89 11.67
C ARG L 129 -0.58 9.21 12.13
N SER L 130 0.73 9.34 12.42
CA SER L 130 1.30 10.65 12.66
C SER L 130 1.10 11.52 11.41
N LEU L 131 0.72 12.78 11.62
CA LEU L 131 0.39 13.69 10.52
C LEU L 131 1.47 14.76 10.53
N PRO L 132 2.27 14.84 9.44
CA PRO L 132 3.30 15.89 9.44
C PRO L 132 2.59 17.25 9.42
N GLU L 133 1.38 17.26 8.87
CA GLU L 133 0.50 18.40 8.90
C GLU L 133 -0.96 17.93 8.92
N VAL L 134 -1.80 18.59 9.74
CA VAL L 134 -3.21 18.18 9.88
C VAL L 134 -4.11 18.71 8.78
N GLY L 135 -4.05 20.01 8.53
CA GLY L 135 -4.95 20.64 7.57
C GLY L 135 -6.38 20.74 8.06
N SER L 136 -7.33 20.59 7.15
CA SER L 136 -8.73 20.79 7.47
C SER L 136 -9.58 19.59 7.14
N GLY L 137 -10.70 19.43 7.84
CA GLY L 137 -11.62 18.36 7.50
C GLY L 137 -12.96 18.63 8.12
N SER L 138 -13.98 17.88 7.70
CA SER L 138 -15.28 17.97 8.35
C SER L 138 -15.98 16.63 8.45
N SER L 139 -16.88 16.54 9.41
CA SER L 139 -17.64 15.34 9.70
C SER L 139 -19.06 15.80 10.02
N PHE L 140 -20.05 15.19 9.38
CA PHE L 140 -21.45 15.51 9.70
C PHE L 140 -22.32 14.27 9.82
N TYR L 141 -23.47 14.44 10.46
CA TYR L 141 -24.52 13.45 10.33
C TYR L 141 -25.85 14.15 10.09
N LEU L 142 -26.74 13.46 9.41
CA LEU L 142 -28.09 13.91 9.15
C LEU L 142 -29.03 12.96 9.85
N THR L 143 -30.03 13.51 10.54
CA THR L 143 -31.07 12.70 11.20
C THR L 143 -32.47 13.33 11.13
N GLU L 144 -33.49 12.48 11.15
CA GLU L 144 -34.88 12.94 11.28
C GLU L 144 -35.54 12.31 12.51
O1 PE8 M . 6.08 -1.76 -16.41
C2 PE8 M . 6.47 -2.38 -15.18
C3 PE8 M . 5.94 -3.82 -15.06
O4 PE8 M . 6.70 -4.57 -14.11
C5 PE8 M . 7.53 -5.47 -14.79
C6 PE8 M . 8.30 -6.40 -13.90
O7 PE8 M . 9.50 -5.79 -13.48
C8 PE8 M . 10.62 -6.14 -14.26
C9 PE8 M . 11.85 -6.07 -13.37
O10 PE8 M . 12.10 -4.73 -12.98
C11 PE8 M . 11.96 -4.60 -11.57
C12 PE8 M . 11.71 -3.14 -11.19
O13 PE8 M . 11.24 -2.35 -12.30
C14 PE8 M . 10.64 -1.17 -11.83
C15 PE8 M . 10.90 -0.10 -12.86
O16 PE8 M . 10.27 -0.54 -14.04
C17 PE8 M . 9.80 0.52 -14.83
C18 PE8 M . 8.99 -0.06 -15.96
O19 PE8 M . 9.87 -0.88 -16.73
C20 PE8 M . 9.26 -1.35 -17.94
C21 PE8 M . 9.73 -2.77 -18.21
O22 PE8 M . 11.06 -2.78 -18.72
C23 PE8 M . 11.58 -4.11 -18.84
C24 PE8 M . 12.84 -4.24 -17.98
O25 PE8 M . 12.52 -4.67 -16.64
S SO4 N . -0.37 4.50 -6.65
O1 SO4 N . -0.30 5.87 -6.11
O2 SO4 N . -0.68 3.57 -5.58
O3 SO4 N . -1.42 4.43 -7.68
O4 SO4 N . 0.92 4.15 -7.25
O1 PE8 O . 14.84 1.89 10.41
C2 PE8 O . 14.18 0.94 9.57
C3 PE8 O . 15.08 0.61 8.37
O4 PE8 O . 14.40 -0.27 7.48
C5 PE8 O . 15.28 -1.11 6.73
C6 PE8 O . 15.59 -2.28 7.62
O7 PE8 O . 15.57 -3.52 6.96
C8 PE8 O . 15.50 -4.64 7.85
C9 PE8 O . 16.60 -4.59 8.91
O10 PE8 O . 16.09 -4.77 10.24
C11 PE8 O . 17.09 -4.94 11.26
C12 PE8 O . 17.68 -3.63 11.84
O13 PE8 O . 16.63 -2.77 12.31
C14 PE8 O . 17.03 -1.44 12.70
C15 PE8 O . 15.83 -0.46 12.59
O16 PE8 O . 14.58 -1.15 12.75
C17 PE8 O . 13.40 -0.32 12.68
C18 PE8 O . 12.16 -1.18 12.74
O19 PE8 O . 12.38 -2.41 12.06
C20 PE8 O . 11.19 -3.15 11.90
C21 PE8 O . 11.22 -3.80 10.54
O22 PE8 O . 12.08 -4.91 10.60
C23 PE8 O . 11.98 -5.68 9.41
C24 PE8 O . 13.32 -6.33 9.02
O25 PE8 O . 13.83 -7.19 10.06
S SO4 P . 5.18 -5.97 -0.96
O1 SO4 P . 4.67 -4.65 -0.60
O2 SO4 P . 4.33 -7.03 -0.38
O3 SO4 P . 5.20 -6.11 -2.42
O4 SO4 P . 6.55 -6.16 -0.47
S SO4 Q . -9.29 -18.28 -24.37
O1 SO4 Q . -9.78 -17.33 -23.36
O2 SO4 Q . -8.67 -19.42 -23.71
O3 SO4 Q . -10.43 -18.73 -25.17
O4 SO4 Q . -8.34 -17.59 -25.24
O1 PE8 R . -6.63 -19.58 2.26
C2 PE8 R . -6.09 -20.90 2.25
C3 PE8 R . -5.37 -21.20 0.94
O4 PE8 R . -3.96 -21.05 1.11
C5 PE8 R . -3.30 -20.65 -0.10
C6 PE8 R . -1.95 -19.96 0.15
O7 PE8 R . -1.94 -19.16 1.34
C8 PE8 R . -0.81 -18.30 1.37
C9 PE8 R . -0.79 -17.50 2.65
O10 PE8 R . -2.10 -17.05 2.85
C11 PE8 R . -2.21 -16.20 3.97
C12 PE8 R . -3.37 -15.27 3.69
O13 PE8 R . -4.54 -15.92 4.14
C14 PE8 R . -5.72 -15.17 3.87
C15 PE8 R . -6.95 -16.09 3.87
O16 PE8 R . -7.70 -15.89 2.65
C17 PE8 R . -7.39 -16.81 1.59
C18 PE8 R . -7.39 -16.11 0.24
O19 PE8 R . -6.26 -16.52 -0.53
C20 PE8 R . -5.83 -15.53 -1.42
C21 PE8 R . -4.75 -16.12 -2.29
O22 PE8 R . -3.47 -15.84 -1.75
C23 PE8 R . -2.62 -16.94 -2.03
C24 PE8 R . -1.17 -16.69 -1.67
O25 PE8 R . -0.41 -17.85 -2.07
S SO4 S . -7.63 -2.94 1.57
O1 SO4 S . -8.94 -3.16 2.22
O2 SO4 S . -7.23 -4.23 1.01
O3 SO4 S . -7.81 -1.94 0.52
O4 SO4 S . -6.66 -2.44 2.51
S SO4 T . 3.08 6.63 8.54
O1 SO4 T . 1.64 6.34 8.60
O2 SO4 T . 3.82 5.36 8.61
O3 SO4 T . 3.37 7.21 7.22
O4 SO4 T . 3.51 7.54 9.57
O1 PE8 U . -16.21 4.91 -12.44
C2 PE8 U . -17.26 4.21 -13.11
C3 PE8 U . -18.23 3.56 -12.11
O4 PE8 U . -17.68 2.32 -11.65
C5 PE8 U . -18.49 1.66 -10.68
C6 PE8 U . -17.63 1.14 -9.53
O7 PE8 U . -17.21 2.22 -8.68
C8 PE8 U . -16.71 1.84 -7.39
C9 PE8 U . -16.30 3.12 -6.68
O10 PE8 U . -15.21 3.69 -7.40
C11 PE8 U . -14.79 4.95 -6.89
C12 PE8 U . -13.52 5.39 -7.62
O13 PE8 U . -13.60 5.21 -9.03
C14 PE8 U . -12.90 6.21 -9.78
C15 PE8 U . -13.05 5.98 -11.29
O16 PE8 U . -12.29 4.82 -11.69
C17 PE8 U . -12.91 4.01 -12.69
C18 PE8 U . -12.25 2.63 -12.71
O19 PE8 U . -12.84 1.88 -11.66
C20 PE8 U . -12.48 0.51 -11.64
C21 PE8 U . -12.35 0.09 -10.18
O22 PE8 U . -13.57 0.25 -9.47
C23 PE8 U . -14.39 -0.91 -9.59
C24 PE8 U . -15.28 -1.11 -8.36
O25 PE8 U . -16.58 -1.59 -8.78
O1 PE8 V . 2.79 17.27 2.94
C2 PE8 V . 1.82 17.93 2.14
C3 PE8 V . 0.82 16.95 1.53
O4 PE8 V . 1.17 16.60 0.19
C5 PE8 V . 0.31 17.13 -0.82
C6 PE8 V . 0.82 16.67 -2.16
O7 PE8 V . 1.47 17.75 -2.77
C8 PE8 V . 2.45 17.36 -3.75
C9 PE8 V . 3.41 18.51 -3.98
O10 PE8 V . 4.03 18.97 -2.76
C11 PE8 V . 4.68 20.25 -2.88
C12 PE8 V . 4.53 21.09 -1.58
O13 PE8 V . 5.22 20.51 -0.46
C14 PE8 V . 4.62 20.70 0.83
C15 PE8 V . 4.90 19.54 1.80
O16 PE8 V . 5.70 18.49 1.21
C17 PE8 V . 5.85 17.26 1.97
C18 PE8 V . 6.92 16.41 1.29
O19 PE8 V . 6.59 16.35 -0.09
C20 PE8 V . 7.04 15.20 -0.80
C21 PE8 V . 6.00 14.74 -1.81
O22 PE8 V . 5.81 15.81 -2.73
C23 PE8 V . 5.62 15.45 -4.10
C24 PE8 V . 5.95 16.68 -4.96
O25 PE8 V . 5.69 16.43 -6.36
O1 PE8 W . -9.47 4.22 18.21
C2 PE8 W . -10.56 5.10 18.51
C3 PE8 W . -11.89 4.38 18.29
O4 PE8 W . -11.86 3.76 17.01
C5 PE8 W . -13.11 3.16 16.66
C6 PE8 W . -12.94 2.52 15.28
O7 PE8 W . -11.71 1.77 15.26
C8 PE8 W . -11.64 0.81 14.21
C9 PE8 W . -10.47 -0.13 14.49
O10 PE8 W . -9.37 0.61 15.00
C11 PE8 W . -8.15 0.20 14.42
C12 PE8 W . -7.01 0.65 15.29
O13 PE8 W . -6.97 2.07 15.35
C14 PE8 W . -5.85 2.52 16.13
C15 PE8 W . -6.28 3.59 17.15
O16 PE8 W . -6.29 4.89 16.52
C17 PE8 W . -7.60 5.25 16.05
C18 PE8 W . -7.58 6.64 15.43
O19 PE8 W . -8.24 6.73 14.16
C20 PE8 W . -9.36 5.91 13.98
C21 PE8 W . -9.83 6.02 12.58
O22 PE8 W . -10.31 4.73 12.20
C23 PE8 W . -11.69 4.77 11.82
C24 PE8 W . -12.25 3.36 11.69
O25 PE8 W . -13.51 3.25 12.37
#